data_6XER
#
_entry.id   6XER
#
_cell.length_a   65.717
_cell.length_b   127.025
_cell.length_c   254.208
_cell.angle_alpha   90.000
_cell.angle_beta   90.000
_cell.angle_gamma   90.000
#
_symmetry.space_group_name_H-M   'P 21 21 21'
#
loop_
_entity.id
_entity.type
_entity.pdbx_description
1 polymer 'Tubulin alpha-1B chain'
2 polymer 'Tubulin beta chain'
3 polymer Stathmin-4
4 non-polymer "GUANOSINE-5'-TRIPHOSPHATE"
5 non-polymer 'MAGNESIUM ION'
6 non-polymer 'SULFATE ION'
7 non-polymer "GUANOSINE-5'-DIPHOSPHATE"
8 non-polymer N-[(7S)-1,2,3,10-tetramethoxy-9-oxo-6,7-dihydro-5H-benzo[d]heptalen-7-yl]ethanamide
9 water water
#
loop_
_entity_poly.entity_id
_entity_poly.type
_entity_poly.pdbx_seq_one_letter_code
_entity_poly.pdbx_strand_id
1 'polypeptide(L)'
;MRECISIHVGQAGVQIGNACWELYCLEHGIQPDGQMPSDKTIGGGDDSFNTFFSETGAGKHVPRAVFVDLEPTVIDEVRT
GTYRQLFHPEQLITGKEDAANNYARGHYTIGKEIIDLVLDRIRKLADQCTGLQGFLVFHSFGGGTGSGFTSLLMERLSVD
YGKKSKLEFSIYPAPQVSTAVVEPYNSILTTHTTLEHSDCAFMVDNEAIYDICRRNLDIERPTYTNLNRLISQIVSSITA
SLRFDGALNVDLTEFQTNLVPYPRIHFPLATYAPVISAEKAYHEQLSVAEITNACFEPANQMVKCDPRHGKYMACCLLYR
GDVVPKDVNAAIATIKTKRSIQFVDWCPTGFKVGINYQPPTVVPGGDLAKVQRAVCMLSNTTAIAEAWARLDHKFDLMYA
KRAFVHWYVGEGMEEGEFSEAREDMAALEKDYEEVGVD
;
A,C
2 'polypeptide(L)'
;MREIVHIQAGQCGNQIGAKFWEVISDEHGIDPTGSYHGDSDLQLERINVYYNEATGNKYVPRAILVDLEPGTMDSVRSGP
FGQIFRPDNFVFGQSGAGNNWAKGHYTEGAELVDSVLDVVRKESESCDCLQGFQLTHSLGGGTGSGMGTLLISKIREEYP
DRIMNTFSVMPSPKVSDTVVEPYNATLSVHQLVENTDETYCIDNEALYDICFRTLKLTTPTYGDLNHLVSATMSGVTTCL
RFPGQLNADLRKLAVNMVPFPRLHFFMPGFAPLTSRGSQQYRALTVPELTQQMFDSKNMMAACDPRHGRYLTVAAIFRGR
MSMKEVDEQMLNVQNKNSSYFVEWIPNNVKTAVCDIPPRGLKMSATFIGNSTAIQELFKRISEQFTAMFRRKAFLHWYTG
EGMDEMEFTEAESNMNDLVSEYQQYQDATADEQ
;
B,D
3 'polypeptide(L)'
;MADMEVIELNKATSGQSWEVILKPPSFDGVPEFNASLPRRRDPSLEEIQKKLEAAEERRKYQEAELLKHLAEKREHEREV
IQKAIEENNNFIKMAKEKLAQKMESNKENREAHLAAMLERLQEKDKHAEEVRKNKELKEEASR
;
E
#
# COMPACT_ATOMS: atom_id res chain seq x y z
N MET A 1 -41.02 -69.68 -7.28
CA MET A 1 -39.89 -68.98 -7.87
C MET A 1 -39.14 -68.13 -6.84
N ARG A 2 -37.80 -68.16 -6.89
CA ARG A 2 -36.95 -67.72 -5.79
C ARG A 2 -36.18 -66.45 -6.21
N GLU A 3 -36.85 -65.30 -6.14
CA GLU A 3 -36.28 -64.08 -6.68
C GLU A 3 -35.21 -63.47 -5.76
N CYS A 4 -34.14 -62.97 -6.38
CA CYS A 4 -33.08 -62.22 -5.73
C CYS A 4 -32.98 -60.81 -6.31
N ILE A 5 -32.59 -59.87 -5.48
CA ILE A 5 -32.51 -58.47 -5.85
C ILE A 5 -31.08 -58.00 -5.60
N SER A 6 -30.45 -57.44 -6.63
CA SER A 6 -29.10 -56.94 -6.58
C SER A 6 -29.11 -55.44 -6.36
N ILE A 7 -28.28 -54.98 -5.42
CA ILE A 7 -28.08 -53.56 -5.16
C ILE A 7 -26.60 -53.24 -5.36
N HIS A 8 -26.33 -52.19 -6.13
CA HIS A 8 -24.96 -51.83 -6.49
C HIS A 8 -24.75 -50.38 -6.05
N VAL A 9 -23.91 -50.19 -5.03
CA VAL A 9 -23.77 -48.89 -4.39
C VAL A 9 -22.40 -48.30 -4.73
N GLY A 10 -22.41 -47.05 -5.19
CA GLY A 10 -21.18 -46.31 -5.45
C GLY A 10 -20.41 -46.86 -6.64
N GLN A 11 -19.31 -46.17 -6.94
CA GLN A 11 -18.56 -46.43 -8.17
C GLN A 11 -18.18 -47.90 -8.30
N ALA A 12 -17.55 -48.46 -7.28
CA ALA A 12 -17.04 -49.82 -7.41
C ALA A 12 -18.19 -50.79 -7.61
N GLY A 13 -19.27 -50.64 -6.84
CA GLY A 13 -20.40 -51.53 -6.97
C GLY A 13 -21.12 -51.40 -8.30
N VAL A 14 -21.17 -50.18 -8.84
CA VAL A 14 -21.81 -49.99 -10.14
C VAL A 14 -20.97 -50.62 -11.24
N GLN A 15 -19.65 -50.51 -11.15
CA GLN A 15 -18.83 -51.03 -12.24
C GLN A 15 -18.64 -52.53 -12.14
N ILE A 16 -18.70 -53.11 -10.94
CA ILE A 16 -18.74 -54.56 -10.85
C ILE A 16 -20.11 -55.08 -11.26
N GLY A 17 -21.18 -54.36 -10.89
CA GLY A 17 -22.51 -54.68 -11.42
C GLY A 17 -22.55 -54.74 -12.94
N ASN A 18 -22.02 -53.71 -13.61
CA ASN A 18 -21.92 -53.73 -15.07
C ASN A 18 -21.31 -55.03 -15.56
N ALA A 19 -20.18 -55.43 -14.96
CA ALA A 19 -19.48 -56.62 -15.43
C ALA A 19 -20.27 -57.90 -15.17
N CYS A 20 -20.99 -57.98 -14.05
CA CYS A 20 -21.76 -59.19 -13.75
C CYS A 20 -22.96 -59.34 -14.68
N TRP A 21 -23.76 -58.28 -14.77
CA TRP A 21 -24.96 -58.33 -15.60
C TRP A 21 -24.62 -58.55 -17.06
N GLU A 22 -23.45 -58.09 -17.49
CA GLU A 22 -22.94 -58.42 -18.81
C GLU A 22 -22.74 -59.92 -18.95
N LEU A 23 -22.08 -60.53 -17.96
CA LEU A 23 -21.83 -61.96 -18.00
C LEU A 23 -23.14 -62.75 -17.90
N TYR A 24 -24.06 -62.29 -17.03
CA TYR A 24 -25.34 -62.97 -16.89
C TYR A 24 -26.09 -63.00 -18.21
N CYS A 25 -26.11 -61.87 -18.93
CA CYS A 25 -26.80 -61.83 -20.22
C CYS A 25 -26.14 -62.75 -21.22
N LEU A 26 -24.80 -62.81 -21.21
CA LEU A 26 -24.10 -63.76 -22.06
C LEU A 26 -24.40 -65.20 -21.63
N GLU A 27 -24.45 -65.47 -20.31
CA GLU A 27 -24.69 -66.83 -19.85
C GLU A 27 -26.10 -67.33 -20.15
N HIS A 28 -27.10 -66.44 -20.14
CA HIS A 28 -28.49 -66.83 -20.38
C HIS A 28 -28.99 -66.50 -21.77
N GLY A 29 -28.16 -65.89 -22.62
CA GLY A 29 -28.59 -65.59 -23.97
C GLY A 29 -29.53 -64.42 -24.07
N ILE A 30 -29.40 -63.47 -23.17
CA ILE A 30 -30.17 -62.22 -23.22
C ILE A 30 -29.32 -61.18 -23.93
N GLN A 31 -29.88 -60.57 -24.96
CA GLN A 31 -29.18 -59.54 -25.73
C GLN A 31 -29.16 -58.23 -24.96
N PRO A 32 -28.36 -57.25 -25.39
CA PRO A 32 -28.29 -55.98 -24.65
C PRO A 32 -29.59 -55.18 -24.68
N ASP A 33 -30.47 -55.41 -25.65
CA ASP A 33 -31.79 -54.78 -25.67
C ASP A 33 -32.81 -55.56 -24.83
N GLY A 34 -32.37 -56.59 -24.11
CA GLY A 34 -33.24 -57.35 -23.26
C GLY A 34 -34.02 -58.46 -23.95
N GLN A 35 -33.89 -58.60 -25.26
CA GLN A 35 -34.58 -59.68 -25.94
C GLN A 35 -33.83 -60.99 -25.74
N MET A 36 -34.56 -62.08 -25.88
CA MET A 36 -33.99 -63.41 -25.73
C MET A 36 -34.64 -64.38 -26.71
N PRO A 37 -33.89 -64.89 -27.70
CA PRO A 37 -34.40 -65.99 -28.55
C PRO A 37 -34.43 -67.34 -27.83
N ASP A 46 -34.90 -74.62 -19.16
CA ASP A 46 -34.44 -74.04 -17.89
C ASP A 46 -34.87 -72.58 -17.76
N ASP A 47 -35.71 -72.31 -16.75
CA ASP A 47 -36.28 -70.99 -16.52
C ASP A 47 -35.88 -70.44 -15.15
N SER A 48 -34.72 -70.86 -14.64
CA SER A 48 -34.21 -70.35 -13.38
C SER A 48 -33.62 -68.96 -13.52
N PHE A 49 -33.31 -68.51 -14.74
CA PHE A 49 -32.85 -67.14 -14.90
C PHE A 49 -33.85 -66.14 -14.36
N ASN A 50 -35.12 -66.53 -14.25
CA ASN A 50 -36.14 -65.59 -13.79
C ASN A 50 -35.95 -65.19 -12.33
N THR A 51 -35.03 -65.85 -11.59
CA THR A 51 -34.72 -65.37 -10.25
C THR A 51 -34.01 -64.01 -10.30
N PHE A 52 -33.30 -63.72 -11.38
CA PHE A 52 -32.54 -62.48 -11.50
C PHE A 52 -33.12 -61.50 -12.53
N PHE A 53 -33.99 -61.98 -13.41
CA PHE A 53 -34.54 -61.19 -14.52
C PHE A 53 -36.07 -61.24 -14.47
N SER A 54 -36.70 -60.07 -14.44
CA SER A 54 -38.14 -60.02 -14.63
C SER A 54 -38.45 -59.85 -16.13
N GLU A 55 -39.73 -59.90 -16.46
CA GLU A 55 -40.15 -59.84 -17.85
C GLU A 55 -41.28 -58.83 -18.05
N THR A 56 -41.21 -58.06 -19.13
CA THR A 56 -42.19 -57.02 -19.43
C THR A 56 -43.16 -57.48 -20.50
N GLY A 57 -44.29 -56.76 -20.57
CA GLY A 57 -45.31 -57.04 -21.57
C GLY A 57 -44.83 -56.94 -23.00
N ALA A 58 -43.59 -56.48 -23.22
CA ALA A 58 -43.02 -56.40 -24.56
C ALA A 58 -42.10 -57.59 -24.88
N GLY A 59 -41.89 -58.49 -23.92
CA GLY A 59 -41.05 -59.66 -24.14
C GLY A 59 -39.60 -59.48 -23.75
N LYS A 60 -39.26 -58.40 -23.08
CA LYS A 60 -37.90 -58.10 -22.70
C LYS A 60 -37.68 -58.45 -21.24
N HIS A 61 -36.44 -58.79 -20.92
CA HIS A 61 -36.01 -59.25 -19.62
C HIS A 61 -35.18 -58.17 -18.97
N VAL A 62 -35.54 -57.85 -17.72
CA VAL A 62 -35.02 -56.68 -17.01
C VAL A 62 -34.38 -57.20 -15.73
N PRO A 63 -33.11 -56.90 -15.47
CA PRO A 63 -32.48 -57.35 -14.23
C PRO A 63 -33.24 -56.86 -13.02
N ARG A 64 -33.33 -57.72 -12.00
CA ARG A 64 -33.86 -57.32 -10.70
C ARG A 64 -32.72 -56.64 -9.94
N ALA A 65 -32.42 -55.40 -10.36
CA ALA A 65 -31.23 -54.67 -9.91
C ALA A 65 -31.58 -53.20 -9.70
N VAL A 66 -30.93 -52.59 -8.72
CA VAL A 66 -30.96 -51.14 -8.54
C VAL A 66 -29.51 -50.66 -8.45
N PHE A 67 -29.19 -49.60 -9.19
CA PHE A 67 -27.87 -48.97 -9.17
C PHE A 67 -28.00 -47.65 -8.43
N VAL A 68 -27.16 -47.47 -7.42
CA VAL A 68 -27.20 -46.28 -6.58
C VAL A 68 -25.83 -45.63 -6.59
N ASP A 69 -25.79 -44.32 -6.85
CA ASP A 69 -24.59 -43.54 -6.58
C ASP A 69 -24.98 -42.12 -6.23
N LEU A 70 -24.20 -41.48 -5.35
CA LEU A 70 -24.45 -40.10 -4.98
C LEU A 70 -23.93 -39.11 -6.00
N GLU A 71 -23.39 -39.60 -7.11
CA GLU A 71 -22.79 -38.80 -8.15
C GLU A 71 -23.16 -39.42 -9.49
N PRO A 72 -23.42 -38.59 -10.51
CA PRO A 72 -24.02 -39.10 -11.76
C PRO A 72 -23.04 -39.71 -12.73
N THR A 73 -21.73 -39.48 -12.55
CA THR A 73 -20.78 -39.80 -13.61
C THR A 73 -20.83 -41.27 -14.01
N VAL A 74 -20.73 -42.17 -13.03
CA VAL A 74 -20.57 -43.59 -13.34
C VAL A 74 -21.85 -44.16 -13.93
N ILE A 75 -22.99 -43.90 -13.28
CA ILE A 75 -24.26 -44.42 -13.75
C ILE A 75 -24.66 -43.79 -15.09
N ASP A 76 -24.20 -42.57 -15.39
CA ASP A 76 -24.51 -42.00 -16.71
C ASP A 76 -23.91 -42.84 -17.82
N GLU A 77 -22.78 -43.50 -17.56
CA GLU A 77 -22.24 -44.42 -18.54
C GLU A 77 -23.09 -45.69 -18.68
N VAL A 78 -23.85 -46.08 -17.64
CA VAL A 78 -24.84 -47.13 -17.80
C VAL A 78 -26.02 -46.62 -18.63
N ARG A 79 -26.50 -45.41 -18.30
CA ARG A 79 -27.65 -44.84 -18.98
C ARG A 79 -27.40 -44.70 -20.48
N THR A 80 -26.16 -44.43 -20.87
CA THR A 80 -25.82 -44.19 -22.27
C THR A 80 -25.09 -45.33 -22.93
N GLY A 81 -24.83 -46.43 -22.20
CA GLY A 81 -23.94 -47.47 -22.65
C GLY A 81 -24.62 -48.56 -23.46
N THR A 82 -23.88 -49.66 -23.61
CA THR A 82 -24.29 -50.76 -24.47
C THR A 82 -25.55 -51.45 -23.95
N TYR A 83 -25.66 -51.57 -22.63
CA TYR A 83 -26.78 -52.21 -21.98
C TYR A 83 -27.80 -51.19 -21.47
N ARG A 84 -27.77 -49.99 -22.04
CA ARG A 84 -28.68 -48.93 -21.61
C ARG A 84 -30.14 -49.38 -21.66
N GLN A 85 -30.48 -50.22 -22.64
CA GLN A 85 -31.87 -50.64 -22.83
C GLN A 85 -32.28 -51.75 -21.90
N LEU A 86 -31.31 -52.43 -21.30
CA LEU A 86 -31.60 -53.53 -20.38
C LEU A 86 -32.26 -53.03 -19.11
N PHE A 87 -31.79 -51.92 -18.56
CA PHE A 87 -32.34 -51.38 -17.33
C PHE A 87 -33.39 -50.33 -17.63
N HIS A 88 -34.42 -50.30 -16.80
CA HIS A 88 -35.37 -49.20 -16.88
C HIS A 88 -34.84 -48.01 -16.09
N PRO A 89 -35.18 -46.79 -16.50
CA PRO A 89 -34.56 -45.61 -15.86
C PRO A 89 -34.79 -45.53 -14.37
N GLU A 90 -35.93 -46.06 -13.88
CA GLU A 90 -36.20 -46.11 -12.45
C GLU A 90 -35.11 -46.86 -11.68
N GLN A 91 -34.46 -47.83 -12.31
CA GLN A 91 -33.51 -48.67 -11.58
C GLN A 91 -32.18 -47.98 -11.35
N LEU A 92 -31.96 -46.81 -11.92
CA LEU A 92 -30.67 -46.13 -11.87
C LEU A 92 -30.87 -44.83 -11.11
N ILE A 93 -30.24 -44.73 -9.95
CA ILE A 93 -30.51 -43.64 -9.02
C ILE A 93 -29.21 -42.90 -8.74
N THR A 94 -29.20 -41.59 -8.99
CA THR A 94 -28.03 -40.77 -8.74
C THR A 94 -28.43 -39.53 -7.97
N GLY A 95 -27.53 -39.07 -7.10
CA GLY A 95 -27.54 -37.72 -6.60
C GLY A 95 -26.69 -36.84 -7.49
N LYS A 96 -26.37 -35.64 -6.98
CA LYS A 96 -25.53 -34.72 -7.73
C LYS A 96 -24.13 -34.55 -7.15
N GLU A 97 -23.90 -34.87 -5.88
CA GLU A 97 -22.64 -34.58 -5.21
C GLU A 97 -22.23 -35.77 -4.36
N ASP A 98 -21.04 -36.32 -4.61
CA ASP A 98 -20.67 -37.58 -3.99
C ASP A 98 -20.24 -37.37 -2.53
N ALA A 99 -19.75 -38.45 -1.90
CA ALA A 99 -19.45 -38.44 -0.49
C ALA A 99 -18.02 -38.04 -0.18
N ALA A 100 -17.23 -37.68 -1.20
CA ALA A 100 -15.85 -37.21 -1.06
C ALA A 100 -15.03 -38.12 -0.13
N ASN A 101 -15.14 -39.44 -0.35
CA ASN A 101 -14.36 -40.44 0.40
C ASN A 101 -14.65 -40.41 1.88
N ASN A 102 -15.77 -39.85 2.30
CA ASN A 102 -16.08 -39.59 3.70
C ASN A 102 -17.30 -40.43 4.10
N TYR A 103 -17.08 -41.48 4.90
CA TYR A 103 -18.17 -42.34 5.33
C TYR A 103 -19.29 -41.54 5.98
N ALA A 104 -18.96 -40.70 6.97
CA ALA A 104 -20.01 -39.95 7.64
C ALA A 104 -20.79 -39.07 6.67
N ARG A 105 -20.17 -38.65 5.55
CA ARG A 105 -20.92 -37.87 4.56
C ARG A 105 -21.90 -38.76 3.80
N GLY A 106 -21.47 -39.94 3.36
CA GLY A 106 -22.40 -40.83 2.68
C GLY A 106 -23.47 -41.40 3.60
N HIS A 107 -23.16 -41.58 4.89
CA HIS A 107 -24.07 -42.19 5.85
C HIS A 107 -24.99 -41.18 6.50
N TYR A 108 -24.48 -40.03 6.94
CA TYR A 108 -25.30 -39.08 7.68
C TYR A 108 -25.79 -37.89 6.87
N THR A 109 -24.95 -37.31 6.01
CA THR A 109 -25.30 -36.06 5.35
C THR A 109 -26.14 -36.29 4.10
N ILE A 110 -25.60 -37.01 3.11
CA ILE A 110 -26.31 -37.24 1.86
C ILE A 110 -27.23 -38.45 1.96
N GLY A 111 -26.78 -39.50 2.65
CA GLY A 111 -27.58 -40.70 2.78
C GLY A 111 -28.97 -40.44 3.32
N LYS A 112 -29.08 -39.51 4.28
CA LYS A 112 -30.39 -39.14 4.81
C LYS A 112 -31.28 -38.54 3.73
N GLU A 113 -30.69 -37.96 2.68
CA GLU A 113 -31.46 -37.30 1.64
C GLU A 113 -31.92 -38.22 0.52
N ILE A 114 -31.41 -39.45 0.43
CA ILE A 114 -31.73 -40.23 -0.78
C ILE A 114 -32.20 -41.65 -0.45
N ILE A 115 -32.16 -42.00 0.84
CA ILE A 115 -32.43 -43.39 1.25
C ILE A 115 -33.89 -43.76 0.97
N ASP A 116 -34.85 -42.93 1.38
CA ASP A 116 -36.25 -43.28 1.19
C ASP A 116 -36.59 -43.48 -0.28
N LEU A 117 -35.96 -42.72 -1.17
CA LEU A 117 -36.13 -42.93 -2.59
C LEU A 117 -35.63 -44.32 -3.00
N VAL A 118 -34.41 -44.68 -2.58
CA VAL A 118 -33.87 -45.99 -2.93
C VAL A 118 -34.74 -47.12 -2.37
N LEU A 119 -35.19 -46.98 -1.12
CA LEU A 119 -36.03 -48.02 -0.55
C LEU A 119 -37.34 -48.15 -1.32
N ASP A 120 -37.82 -47.03 -1.89
CA ASP A 120 -39.06 -47.06 -2.67
C ASP A 120 -38.90 -47.90 -3.93
N ARG A 121 -37.77 -47.76 -4.63
CA ARG A 121 -37.55 -48.58 -5.82
C ARG A 121 -37.35 -50.03 -5.44
N ILE A 122 -36.63 -50.30 -4.35
CA ILE A 122 -36.48 -51.67 -3.87
C ILE A 122 -37.83 -52.26 -3.49
N ARG A 123 -38.65 -51.49 -2.76
CA ARG A 123 -40.02 -51.88 -2.46
C ARG A 123 -40.79 -52.27 -3.72
N LYS A 124 -40.51 -51.64 -4.85
CA LYS A 124 -41.26 -51.91 -6.07
C LYS A 124 -40.79 -53.19 -6.74
N LEU A 125 -39.48 -53.37 -6.88
CA LEU A 125 -38.97 -54.65 -7.38
C LEU A 125 -39.45 -55.81 -6.51
N ALA A 126 -39.39 -55.63 -5.18
CA ALA A 126 -39.83 -56.68 -4.27
C ALA A 126 -41.31 -57.04 -4.46
N ASP A 127 -42.12 -56.10 -4.95
CA ASP A 127 -43.54 -56.36 -5.24
C ASP A 127 -43.76 -57.22 -6.48
N GLN A 128 -42.78 -57.31 -7.39
CA GLN A 128 -42.87 -58.22 -8.53
C GLN A 128 -42.34 -59.62 -8.21
N CYS A 129 -42.33 -60.03 -6.94
CA CYS A 129 -41.74 -61.31 -6.53
C CYS A 129 -42.77 -62.18 -5.84
N THR A 130 -42.83 -63.46 -6.24
CA THR A 130 -43.72 -64.39 -5.57
C THR A 130 -43.05 -65.09 -4.40
N GLY A 131 -41.73 -65.04 -4.31
CA GLY A 131 -40.97 -65.59 -3.21
C GLY A 131 -39.57 -64.99 -3.09
N LEU A 132 -39.49 -63.72 -2.70
CA LEU A 132 -38.21 -63.03 -2.58
C LEU A 132 -37.31 -63.72 -1.55
N GLN A 133 -36.10 -64.08 -1.98
CA GLN A 133 -35.10 -64.62 -1.06
C GLN A 133 -34.35 -63.55 -0.30
N GLY A 134 -34.11 -62.40 -0.92
CA GLY A 134 -33.33 -61.35 -0.30
C GLY A 134 -32.40 -60.70 -1.31
N PHE A 135 -31.32 -60.10 -0.80
CA PHE A 135 -30.54 -59.10 -1.52
C PHE A 135 -29.07 -59.47 -1.64
N LEU A 136 -28.49 -59.15 -2.80
CA LEU A 136 -27.05 -59.15 -3.05
C LEU A 136 -26.60 -57.71 -3.17
N VAL A 137 -25.61 -57.31 -2.37
CA VAL A 137 -25.21 -55.91 -2.26
C VAL A 137 -23.74 -55.79 -2.64
N PHE A 138 -23.44 -54.91 -3.59
CA PHE A 138 -22.10 -54.72 -4.12
C PHE A 138 -21.62 -53.31 -3.76
N HIS A 139 -20.39 -53.21 -3.23
CA HIS A 139 -19.84 -51.94 -2.80
C HIS A 139 -18.38 -52.10 -2.43
N SER A 140 -17.67 -50.97 -2.43
CA SER A 140 -16.31 -50.89 -1.90
C SER A 140 -16.36 -50.54 -0.43
N PHE A 141 -15.39 -51.05 0.33
CA PHE A 141 -15.18 -50.59 1.72
C PHE A 141 -14.68 -49.15 1.77
N GLY A 142 -14.01 -48.69 0.72
CA GLY A 142 -13.20 -47.49 0.80
C GLY A 142 -13.89 -46.19 0.46
N GLY A 143 -14.73 -46.18 -0.57
CA GLY A 143 -15.42 -44.97 -0.92
C GLY A 143 -16.37 -44.49 0.16
N GLY A 144 -16.72 -43.21 0.07
CA GLY A 144 -17.68 -42.65 1.02
C GLY A 144 -19.09 -43.18 0.81
N THR A 145 -19.50 -43.35 -0.45
CA THR A 145 -20.82 -43.91 -0.75
C THR A 145 -20.86 -45.41 -0.50
N GLY A 146 -19.87 -46.13 -1.03
CA GLY A 146 -19.80 -47.57 -0.83
C GLY A 146 -19.73 -48.00 0.62
N SER A 147 -19.07 -47.21 1.46
CA SER A 147 -19.06 -47.54 2.89
C SER A 147 -20.23 -46.90 3.62
N GLY A 148 -20.44 -45.60 3.42
CA GLY A 148 -21.37 -44.84 4.23
C GLY A 148 -22.82 -45.09 3.86
N PHE A 149 -23.12 -45.04 2.56
CA PHE A 149 -24.51 -45.24 2.19
C PHE A 149 -24.90 -46.71 2.32
N THR A 150 -24.04 -47.62 1.87
CA THR A 150 -24.32 -49.05 1.99
C THR A 150 -24.72 -49.43 3.41
N SER A 151 -23.97 -48.95 4.41
CA SER A 151 -24.27 -49.32 5.78
C SER A 151 -25.59 -48.73 6.26
N LEU A 152 -25.98 -47.56 5.73
CA LEU A 152 -27.31 -47.03 5.99
C LEU A 152 -28.39 -47.89 5.33
N LEU A 153 -28.13 -48.33 4.09
CA LEU A 153 -29.09 -49.17 3.38
C LEU A 153 -29.32 -50.49 4.10
N MET A 154 -28.25 -51.15 4.55
CA MET A 154 -28.37 -52.40 5.28
C MET A 154 -29.19 -52.25 6.55
N GLU A 155 -28.96 -51.16 7.29
CA GLU A 155 -29.79 -50.90 8.47
C GLU A 155 -31.26 -50.93 8.10
N ARG A 156 -31.63 -50.26 7.02
CA ARG A 156 -33.03 -50.11 6.67
C ARG A 156 -33.61 -51.40 6.11
N LEU A 157 -32.82 -52.11 5.31
CA LEU A 157 -33.29 -53.37 4.73
C LEU A 157 -33.57 -54.41 5.80
N SER A 158 -32.81 -54.42 6.90
CA SER A 158 -33.14 -55.31 8.01
C SER A 158 -34.48 -54.94 8.61
N VAL A 159 -34.77 -53.65 8.76
CA VAL A 159 -36.06 -53.23 9.31
C VAL A 159 -37.20 -53.64 8.40
N ASP A 160 -37.03 -53.49 7.09
CA ASP A 160 -38.16 -53.67 6.17
C ASP A 160 -38.31 -55.10 5.64
N TYR A 161 -37.27 -55.94 5.75
CA TYR A 161 -37.30 -57.31 5.23
C TYR A 161 -36.53 -58.19 6.23
N GLY A 162 -37.08 -58.34 7.43
CA GLY A 162 -36.38 -59.03 8.50
C GLY A 162 -35.93 -60.44 8.20
N LYS A 163 -36.87 -61.31 7.84
CA LYS A 163 -36.51 -62.69 7.58
C LYS A 163 -35.82 -62.88 6.22
N LYS A 164 -35.16 -61.87 5.66
CA LYS A 164 -34.57 -61.98 4.33
C LYS A 164 -33.04 -61.98 4.41
N SER A 165 -32.42 -62.77 3.54
CA SER A 165 -30.96 -62.83 3.54
C SER A 165 -30.39 -61.62 2.85
N LYS A 166 -29.25 -61.17 3.35
CA LYS A 166 -28.44 -60.19 2.65
C LYS A 166 -27.05 -60.77 2.49
N LEU A 167 -26.59 -60.86 1.24
CA LEU A 167 -25.21 -61.20 0.93
C LEU A 167 -24.50 -59.97 0.38
N GLU A 168 -23.32 -59.68 0.93
CA GLU A 168 -22.47 -58.61 0.45
C GLU A 168 -21.33 -59.17 -0.39
N PHE A 169 -20.95 -58.41 -1.40
CA PHE A 169 -19.69 -58.57 -2.11
C PHE A 169 -18.97 -57.23 -1.95
N SER A 170 -17.88 -57.22 -1.18
CA SER A 170 -17.24 -56.00 -0.71
C SER A 170 -15.82 -55.87 -1.27
N ILE A 171 -15.52 -54.74 -1.89
CA ILE A 171 -14.15 -54.53 -2.35
C ILE A 171 -13.32 -53.98 -1.22
N TYR A 172 -12.31 -54.73 -0.85
CA TYR A 172 -11.32 -54.47 0.20
C TYR A 172 -10.16 -53.66 -0.38
N PRO A 173 -9.78 -52.54 0.23
CA PRO A 173 -8.86 -51.60 -0.44
C PRO A 173 -7.44 -52.13 -0.51
N ALA A 174 -6.70 -51.65 -1.53
CA ALA A 174 -5.30 -51.99 -1.80
C ALA A 174 -4.50 -50.80 -2.35
N PRO A 175 -3.32 -50.50 -1.80
CA PRO A 175 -2.55 -49.35 -2.32
C PRO A 175 -2.15 -49.48 -3.78
N GLN A 176 -2.03 -50.71 -4.29
CA GLN A 176 -1.72 -50.93 -5.70
C GLN A 176 -2.89 -50.62 -6.62
N VAL A 177 -4.10 -50.42 -6.09
CA VAL A 177 -5.26 -50.20 -6.95
C VAL A 177 -5.98 -48.97 -6.45
N SER A 178 -5.42 -47.79 -6.70
CA SER A 178 -6.12 -46.52 -6.54
C SER A 178 -6.94 -46.47 -5.25
N THR A 179 -6.23 -46.52 -4.12
CA THR A 179 -6.83 -46.32 -2.82
C THR A 179 -6.54 -44.91 -2.32
N ALA A 180 -7.32 -44.47 -1.34
CA ALA A 180 -7.15 -43.17 -0.72
C ALA A 180 -6.72 -43.30 0.74
N VAL A 181 -6.13 -42.21 1.25
CA VAL A 181 -5.56 -42.14 2.58
C VAL A 181 -6.55 -42.57 3.67
N VAL A 182 -7.83 -42.29 3.48
CA VAL A 182 -8.82 -42.44 4.55
C VAL A 182 -9.59 -43.75 4.43
N GLU A 183 -9.23 -44.61 3.49
CA GLU A 183 -10.01 -45.83 3.30
C GLU A 183 -9.95 -46.80 4.49
N PRO A 184 -8.84 -46.97 5.23
CA PRO A 184 -8.91 -47.73 6.49
C PRO A 184 -10.05 -47.28 7.40
N TYR A 185 -10.17 -45.97 7.62
CA TYR A 185 -11.30 -45.43 8.39
C TYR A 185 -12.65 -45.90 7.84
N ASN A 186 -12.94 -45.58 6.57
CA ASN A 186 -14.22 -45.98 6.01
C ASN A 186 -14.45 -47.48 6.14
N SER A 187 -13.41 -48.29 5.89
CA SER A 187 -13.55 -49.75 5.95
C SER A 187 -13.99 -50.21 7.33
N ILE A 188 -13.28 -49.77 8.37
CA ILE A 188 -13.64 -50.19 9.73
C ILE A 188 -15.02 -49.66 10.09
N LEU A 189 -15.37 -48.46 9.62
CA LEU A 189 -16.65 -47.88 10.03
C LEU A 189 -17.82 -48.67 9.42
N THR A 190 -17.76 -48.96 8.12
CA THR A 190 -18.88 -49.69 7.52
C THR A 190 -18.93 -51.13 8.03
N THR A 191 -17.78 -51.74 8.32
CA THR A 191 -17.77 -53.11 8.86
C THR A 191 -18.43 -53.15 10.23
N HIS A 192 -18.16 -52.16 11.07
CA HIS A 192 -18.88 -52.06 12.33
C HIS A 192 -20.38 -52.00 12.09
N THR A 193 -20.83 -51.10 11.22
CA THR A 193 -22.26 -50.84 11.08
C THR A 193 -23.01 -51.99 10.40
N THR A 194 -22.36 -52.72 9.47
CA THR A 194 -23.10 -53.74 8.73
C THR A 194 -22.95 -55.16 9.25
N LEU A 195 -22.08 -55.38 10.24
CA LEU A 195 -21.81 -56.74 10.71
C LEU A 195 -23.09 -57.48 11.07
N GLU A 196 -23.86 -56.93 12.02
CA GLU A 196 -25.09 -57.56 12.45
C GLU A 196 -26.20 -57.56 11.38
N HIS A 197 -25.98 -56.99 10.18
CA HIS A 197 -27.04 -56.97 9.18
C HIS A 197 -26.73 -57.82 7.96
N SER A 198 -25.50 -58.24 7.79
CA SER A 198 -25.15 -59.11 6.68
C SER A 198 -25.20 -60.56 7.16
N ASP A 199 -25.65 -61.44 6.30
CA ASP A 199 -25.66 -62.85 6.63
C ASP A 199 -24.46 -63.58 6.06
N CYS A 200 -23.82 -63.00 5.06
CA CYS A 200 -22.67 -63.59 4.41
C CYS A 200 -22.05 -62.53 3.52
N ALA A 201 -20.78 -62.23 3.73
CA ALA A 201 -20.08 -61.20 2.95
C ALA A 201 -18.84 -61.79 2.33
N PHE A 202 -18.76 -61.77 1.00
CA PHE A 202 -17.55 -62.22 0.30
C PHE A 202 -16.66 -61.01 0.02
N MET A 203 -15.51 -60.96 0.69
CA MET A 203 -14.57 -59.86 0.47
C MET A 203 -13.74 -60.12 -0.77
N VAL A 204 -13.54 -59.08 -1.57
CA VAL A 204 -12.62 -59.15 -2.70
C VAL A 204 -11.50 -58.17 -2.44
N ASP A 205 -10.28 -58.69 -2.31
CA ASP A 205 -9.09 -57.86 -2.12
C ASP A 205 -8.60 -57.36 -3.47
N ASN A 206 -8.58 -56.05 -3.67
CA ASN A 206 -8.06 -55.53 -4.93
C ASN A 206 -6.61 -55.96 -5.19
N GLU A 207 -5.79 -56.12 -4.14
CA GLU A 207 -4.42 -56.57 -4.41
C GLU A 207 -4.41 -58.00 -4.93
N ALA A 208 -5.26 -58.88 -4.37
CA ALA A 208 -5.32 -60.27 -4.84
C ALA A 208 -5.72 -60.34 -6.30
N ILE A 209 -6.79 -59.62 -6.66
CA ILE A 209 -7.28 -59.59 -8.03
C ILE A 209 -6.23 -58.98 -8.96
N TYR A 210 -5.58 -57.90 -8.51
CA TYR A 210 -4.56 -57.26 -9.32
C TYR A 210 -3.38 -58.21 -9.53
N ASP A 211 -2.97 -58.92 -8.47
CA ASP A 211 -1.91 -59.93 -8.61
C ASP A 211 -2.30 -60.99 -9.62
N ILE A 212 -3.53 -61.51 -9.52
CA ILE A 212 -3.97 -62.54 -10.46
C ILE A 212 -3.97 -62.02 -11.89
N CYS A 213 -4.45 -60.80 -12.10
CA CYS A 213 -4.40 -60.24 -13.46
C CYS A 213 -2.97 -60.14 -13.96
N ARG A 214 -2.04 -59.71 -13.12
CA ARG A 214 -0.67 -59.55 -13.59
C ARG A 214 -0.05 -60.91 -13.93
N ARG A 215 -0.12 -61.86 -12.99
CA ARG A 215 0.60 -63.13 -13.11
C ARG A 215 0.02 -64.02 -14.21
N ASN A 216 -1.29 -64.24 -14.21
CA ASN A 216 -1.91 -65.19 -15.13
C ASN A 216 -2.36 -64.57 -16.44
N LEU A 217 -2.65 -63.27 -16.47
CA LEU A 217 -3.11 -62.63 -17.69
C LEU A 217 -2.05 -61.76 -18.35
N ASP A 218 -0.89 -61.57 -17.69
CA ASP A 218 0.27 -60.89 -18.29
C ASP A 218 -0.04 -59.44 -18.65
N ILE A 219 -0.76 -58.76 -17.77
CA ILE A 219 -1.09 -57.34 -17.92
C ILE A 219 -0.36 -56.59 -16.82
N GLU A 220 0.70 -55.85 -17.19
CA GLU A 220 1.53 -55.21 -16.18
C GLU A 220 0.72 -54.27 -15.29
N ARG A 221 -0.20 -53.51 -15.88
CA ARG A 221 -1.03 -52.58 -15.12
C ARG A 221 -2.50 -52.79 -15.46
N PRO A 222 -3.20 -53.64 -14.72
CA PRO A 222 -4.60 -53.94 -15.04
C PRO A 222 -5.50 -52.72 -14.92
N THR A 223 -6.52 -52.67 -15.77
CA THR A 223 -7.56 -51.66 -15.72
C THR A 223 -8.70 -52.13 -14.81
N TYR A 224 -9.64 -51.22 -14.54
CA TYR A 224 -10.82 -51.61 -13.78
C TYR A 224 -11.65 -52.63 -14.55
N THR A 225 -11.77 -52.46 -15.87
CA THR A 225 -12.39 -53.49 -16.71
C THR A 225 -11.74 -54.84 -16.47
N ASN A 226 -10.40 -54.88 -16.43
CA ASN A 226 -9.69 -56.12 -16.17
C ASN A 226 -10.11 -56.73 -14.83
N LEU A 227 -10.02 -55.95 -13.75
CA LEU A 227 -10.34 -56.50 -12.44
C LEU A 227 -11.82 -56.90 -12.36
N ASN A 228 -12.72 -56.07 -12.91
CA ASN A 228 -14.14 -56.35 -12.78
C ASN A 228 -14.57 -57.56 -13.59
N ARG A 229 -13.95 -57.81 -14.74
CA ARG A 229 -14.31 -59.01 -15.50
C ARG A 229 -13.85 -60.26 -14.77
N LEU A 230 -12.67 -60.21 -14.16
CA LEU A 230 -12.21 -61.36 -13.37
C LEU A 230 -13.08 -61.52 -12.13
N ILE A 231 -13.48 -60.41 -11.51
CA ILE A 231 -14.38 -60.48 -10.37
C ILE A 231 -15.71 -61.12 -10.76
N SER A 232 -16.23 -60.77 -11.94
CA SER A 232 -17.53 -61.29 -12.34
C SER A 232 -17.48 -62.80 -12.49
N GLN A 233 -16.39 -63.35 -13.02
CA GLN A 233 -16.24 -64.80 -13.08
C GLN A 233 -16.44 -65.43 -11.72
N ILE A 234 -15.92 -64.80 -10.66
CA ILE A 234 -16.05 -65.37 -9.33
C ILE A 234 -17.48 -65.25 -8.84
N VAL A 235 -18.05 -64.04 -8.97
CA VAL A 235 -19.45 -63.80 -8.61
C VAL A 235 -20.36 -64.77 -9.36
N SER A 236 -20.08 -64.98 -10.65
CA SER A 236 -20.91 -65.86 -11.47
C SER A 236 -20.93 -67.28 -10.91
N SER A 237 -19.77 -67.78 -10.46
CA SER A 237 -19.71 -69.12 -9.88
C SER A 237 -20.61 -69.25 -8.67
N ILE A 238 -20.63 -68.19 -7.85
CA ILE A 238 -21.36 -68.20 -6.59
C ILE A 238 -22.87 -68.11 -6.85
N THR A 239 -23.27 -67.32 -7.85
CA THR A 239 -24.69 -67.16 -8.18
C THR A 239 -25.20 -68.16 -9.21
N ALA A 240 -24.33 -68.92 -9.87
CA ALA A 240 -24.78 -69.88 -10.89
C ALA A 240 -25.70 -70.90 -10.27
N SER A 241 -25.40 -71.27 -9.03
CA SER A 241 -26.31 -72.05 -8.21
C SER A 241 -27.73 -71.49 -8.23
N LEU A 242 -27.85 -70.16 -8.14
CA LEU A 242 -29.17 -69.54 -8.04
C LEU A 242 -29.82 -69.28 -9.41
N ARG A 243 -29.01 -69.06 -10.45
CA ARG A 243 -29.55 -68.67 -11.74
C ARG A 243 -29.84 -69.87 -12.63
N PHE A 244 -29.19 -71.01 -12.39
CA PHE A 244 -29.52 -72.26 -13.05
C PHE A 244 -30.09 -73.23 -12.04
N ASP A 245 -30.68 -74.31 -12.54
CA ASP A 245 -31.28 -75.31 -11.66
C ASP A 245 -30.21 -76.26 -11.14
N GLY A 246 -29.38 -75.74 -10.24
CA GLY A 246 -28.32 -76.49 -9.59
C GLY A 246 -28.81 -77.22 -8.36
N ALA A 247 -27.84 -77.69 -7.57
CA ALA A 247 -28.15 -78.48 -6.38
C ALA A 247 -27.42 -78.03 -5.13
N LEU A 248 -26.35 -77.27 -5.25
CA LEU A 248 -25.64 -76.76 -4.10
C LEU A 248 -25.78 -75.23 -4.11
N ASN A 249 -26.33 -74.68 -3.02
CA ASN A 249 -26.55 -73.24 -2.85
C ASN A 249 -27.74 -72.78 -3.69
N VAL A 250 -28.84 -73.52 -3.60
CA VAL A 250 -30.02 -73.24 -4.41
C VAL A 250 -30.83 -72.06 -3.89
N ASP A 251 -30.59 -71.61 -2.66
CA ASP A 251 -31.26 -70.42 -2.13
C ASP A 251 -30.29 -69.64 -1.27
N LEU A 252 -30.53 -68.34 -1.15
CA LEU A 252 -29.63 -67.47 -0.38
C LEU A 252 -29.38 -67.98 1.03
N THR A 253 -30.39 -68.60 1.65
CA THR A 253 -30.25 -69.12 3.01
C THR A 253 -29.20 -70.23 3.09
N GLU A 254 -28.97 -70.93 1.98
CA GLU A 254 -28.05 -72.06 2.01
C GLU A 254 -26.61 -71.62 2.23
N PHE A 255 -26.27 -70.38 1.86
CA PHE A 255 -24.92 -69.91 2.09
C PHE A 255 -24.62 -69.84 3.58
N GLN A 256 -25.55 -69.31 4.37
CA GLN A 256 -25.35 -69.28 5.81
C GLN A 256 -25.24 -70.70 6.36
N THR A 257 -26.16 -71.58 5.95
CA THR A 257 -26.16 -72.94 6.45
C THR A 257 -24.83 -73.64 6.15
N ASN A 258 -24.29 -73.43 4.94
CA ASN A 258 -23.12 -74.19 4.51
C ASN A 258 -21.79 -73.52 4.84
N LEU A 259 -21.75 -72.21 5.02
CA LEU A 259 -20.48 -71.51 5.19
C LEU A 259 -20.36 -70.70 6.46
N VAL A 260 -21.46 -70.42 7.16
CA VAL A 260 -21.40 -69.51 8.30
C VAL A 260 -21.94 -70.20 9.55
N PRO A 261 -21.16 -71.08 10.17
CA PRO A 261 -21.57 -71.68 11.45
C PRO A 261 -21.70 -70.67 12.59
N TYR A 262 -20.93 -69.58 12.58
CA TYR A 262 -21.07 -68.57 13.61
C TYR A 262 -21.35 -67.21 12.98
N PRO A 263 -22.38 -66.49 13.46
CA PRO A 263 -22.87 -65.31 12.73
C PRO A 263 -21.82 -64.23 12.46
N ARG A 264 -21.05 -63.80 13.45
CA ARG A 264 -20.07 -62.74 13.19
C ARG A 264 -18.96 -63.20 12.27
N ILE A 265 -18.61 -64.48 12.30
CA ILE A 265 -17.58 -65.05 11.44
C ILE A 265 -18.17 -65.44 10.10
N HIS A 266 -18.64 -64.46 9.32
CA HIS A 266 -19.38 -64.76 8.10
C HIS A 266 -18.64 -64.31 6.85
N PHE A 267 -17.31 -64.31 6.91
CA PHE A 267 -16.47 -63.83 5.83
C PHE A 267 -15.72 -64.98 5.18
N PRO A 268 -16.32 -65.66 4.22
CA PRO A 268 -15.62 -66.77 3.56
C PRO A 268 -14.59 -66.28 2.55
N LEU A 269 -13.63 -67.14 2.27
CA LEU A 269 -12.57 -66.88 1.30
C LEU A 269 -12.90 -67.62 0.02
N ALA A 270 -13.03 -66.89 -1.08
CA ALA A 270 -13.23 -67.52 -2.37
C ALA A 270 -11.89 -67.79 -3.05
N THR A 271 -11.85 -68.90 -3.79
CA THR A 271 -10.71 -69.29 -4.61
C THR A 271 -11.25 -69.75 -5.95
N TYR A 272 -10.64 -69.27 -7.04
CA TYR A 272 -11.10 -69.63 -8.38
C TYR A 272 -9.94 -70.17 -9.22
N ALA A 273 -10.25 -71.19 -10.05
CA ALA A 273 -9.27 -71.74 -11.00
C ALA A 273 -9.98 -72.39 -12.17
N PRO A 274 -9.43 -72.30 -13.40
CA PRO A 274 -8.19 -71.60 -13.76
C PRO A 274 -8.44 -70.24 -14.40
N VAL A 275 -7.47 -69.35 -14.27
CA VAL A 275 -7.47 -68.08 -14.99
C VAL A 275 -6.41 -68.20 -16.07
N ILE A 276 -6.84 -68.42 -17.31
CA ILE A 276 -5.94 -68.61 -18.45
C ILE A 276 -6.00 -67.37 -19.34
N SER A 277 -4.83 -66.89 -19.77
CA SER A 277 -4.78 -65.75 -20.67
C SER A 277 -5.36 -66.12 -22.03
N ALA A 278 -6.32 -65.32 -22.49
CA ALA A 278 -6.85 -65.50 -23.84
C ALA A 278 -5.75 -65.51 -24.88
N GLU A 279 -4.74 -64.65 -24.71
CA GLU A 279 -3.67 -64.58 -25.70
C GLU A 279 -2.86 -65.88 -25.73
N LYS A 280 -2.77 -66.59 -24.61
CA LYS A 280 -2.04 -67.85 -24.56
C LYS A 280 -2.99 -69.03 -24.37
N GLU A 284 -4.62 -77.89 -24.81
CA GLU A 284 -4.17 -78.09 -23.44
C GLU A 284 -5.25 -77.71 -22.44
N GLN A 285 -6.01 -78.71 -21.97
CA GLN A 285 -7.10 -78.49 -21.04
C GLN A 285 -6.79 -79.17 -19.71
N LEU A 286 -7.04 -78.46 -18.62
CA LEU A 286 -6.62 -78.90 -17.29
C LEU A 286 -7.64 -79.83 -16.68
N SER A 287 -7.14 -80.85 -15.99
CA SER A 287 -7.97 -81.88 -15.39
C SER A 287 -8.75 -81.34 -14.21
N VAL A 288 -9.73 -82.15 -13.75
CA VAL A 288 -10.43 -81.84 -12.51
C VAL A 288 -9.47 -81.81 -11.33
N ALA A 289 -8.40 -82.62 -11.37
CA ALA A 289 -7.45 -82.68 -10.27
C ALA A 289 -6.49 -81.51 -10.25
N GLU A 290 -6.16 -80.91 -11.40
CA GLU A 290 -5.23 -79.79 -11.43
C GLU A 290 -5.90 -78.48 -11.03
N ILE A 291 -7.10 -78.22 -11.54
CA ILE A 291 -7.83 -77.04 -11.07
C ILE A 291 -8.16 -77.18 -9.59
N THR A 292 -8.24 -78.41 -9.09
CA THR A 292 -8.62 -78.65 -7.70
C THR A 292 -7.47 -78.34 -6.73
N ASN A 293 -6.29 -78.95 -6.92
CA ASN A 293 -5.22 -78.59 -5.99
C ASN A 293 -4.76 -77.15 -6.18
N ALA A 294 -5.08 -76.52 -7.30
CA ALA A 294 -4.90 -75.09 -7.48
C ALA A 294 -5.91 -74.26 -6.70
N CYS A 295 -6.88 -74.90 -6.02
CA CYS A 295 -7.76 -74.19 -5.09
C CYS A 295 -7.10 -73.91 -3.76
N PHE A 296 -6.02 -74.63 -3.42
CA PHE A 296 -5.38 -74.45 -2.13
C PHE A 296 -4.04 -73.74 -2.27
N GLU A 297 -3.81 -73.10 -3.41
CA GLU A 297 -2.63 -72.27 -3.56
C GLU A 297 -3.01 -70.82 -3.31
N PRO A 298 -2.38 -70.16 -2.32
CA PRO A 298 -2.78 -68.79 -1.94
C PRO A 298 -2.82 -67.80 -3.10
N ALA A 299 -2.06 -68.07 -4.18
CA ALA A 299 -2.04 -67.17 -5.32
C ALA A 299 -3.42 -66.99 -5.95
N ASN A 300 -4.30 -67.98 -5.81
CA ASN A 300 -5.61 -67.89 -6.44
C ASN A 300 -6.69 -67.43 -5.49
N GLN A 301 -6.33 -66.97 -4.30
CA GLN A 301 -7.31 -66.47 -3.34
C GLN A 301 -7.80 -65.07 -3.70
N MET A 302 -9.06 -64.80 -3.40
CA MET A 302 -9.63 -63.47 -3.59
C MET A 302 -9.21 -62.50 -2.51
N VAL A 303 -8.68 -63.00 -1.40
CA VAL A 303 -8.20 -62.19 -0.29
C VAL A 303 -6.83 -62.72 0.11
N LYS A 304 -5.89 -61.83 0.37
CA LYS A 304 -4.54 -62.23 0.72
C LYS A 304 -4.47 -62.62 2.21
N CYS A 305 -4.12 -63.88 2.46
CA CYS A 305 -3.96 -64.48 3.78
C CYS A 305 -3.37 -65.87 3.58
N ASP A 306 -2.92 -66.48 4.68
CA ASP A 306 -2.31 -67.81 4.62
C ASP A 306 -3.19 -68.84 5.32
N PRO A 307 -4.02 -69.60 4.60
CA PRO A 307 -5.02 -70.45 5.26
C PRO A 307 -4.45 -71.64 6.02
N ARG A 308 -3.16 -71.95 5.87
CA ARG A 308 -2.55 -72.99 6.67
C ARG A 308 -2.06 -72.49 8.01
N HIS A 309 -1.96 -71.17 8.20
CA HIS A 309 -1.85 -70.56 9.51
C HIS A 309 -3.21 -70.21 10.10
N GLY A 310 -4.25 -70.94 9.69
CA GLY A 310 -5.59 -70.77 10.20
C GLY A 310 -6.25 -72.12 10.34
N LYS A 311 -7.56 -72.15 10.53
CA LYS A 311 -8.32 -73.40 10.53
C LYS A 311 -9.60 -73.19 9.75
N TYR A 312 -10.16 -74.30 9.25
CA TYR A 312 -11.36 -74.28 8.44
C TYR A 312 -12.58 -74.58 9.28
N MET A 313 -13.68 -73.88 8.99
CA MET A 313 -14.98 -74.21 9.56
C MET A 313 -15.96 -74.74 8.52
N ALA A 314 -15.70 -74.52 7.24
CA ALA A 314 -16.59 -74.93 6.17
C ALA A 314 -15.82 -74.85 4.86
N CYS A 315 -16.29 -75.61 3.87
CA CYS A 315 -15.56 -75.69 2.60
C CYS A 315 -16.48 -76.26 1.52
N CYS A 316 -16.68 -75.50 0.44
CA CYS A 316 -17.51 -75.93 -0.68
C CYS A 316 -16.73 -75.79 -1.98
N LEU A 317 -16.90 -76.76 -2.88
CA LEU A 317 -16.28 -76.72 -4.19
C LEU A 317 -17.37 -76.62 -5.25
N LEU A 318 -17.41 -75.50 -5.96
CA LEU A 318 -18.40 -75.26 -7.01
C LEU A 318 -17.72 -75.52 -8.35
N TYR A 319 -17.99 -76.67 -8.95
CA TYR A 319 -17.42 -77.01 -10.23
C TYR A 319 -18.36 -76.58 -11.34
N ARG A 320 -17.78 -76.43 -12.53
CA ARG A 320 -18.49 -75.80 -13.64
C ARG A 320 -17.94 -76.32 -14.95
N GLY A 321 -18.81 -76.81 -15.83
CA GLY A 321 -18.36 -77.34 -17.09
C GLY A 321 -18.29 -78.85 -17.04
N ASP A 322 -17.36 -79.45 -17.79
CA ASP A 322 -17.34 -80.90 -17.97
C ASP A 322 -16.54 -81.56 -16.86
N VAL A 323 -17.22 -81.77 -15.73
CA VAL A 323 -16.62 -82.32 -14.53
C VAL A 323 -17.42 -83.57 -14.14
N VAL A 324 -16.75 -84.71 -14.10
CA VAL A 324 -17.39 -85.97 -13.75
C VAL A 324 -17.18 -86.24 -12.25
N PRO A 325 -18.20 -86.70 -11.53
CA PRO A 325 -18.04 -86.88 -10.07
C PRO A 325 -16.88 -87.77 -9.67
N LYS A 326 -16.56 -88.83 -10.42
CA LYS A 326 -15.46 -89.68 -10.00
C LYS A 326 -14.14 -88.92 -10.03
N ASP A 327 -13.94 -88.09 -11.06
CA ASP A 327 -12.76 -87.23 -11.08
C ASP A 327 -12.66 -86.40 -9.81
N VAL A 328 -13.79 -85.86 -9.35
CA VAL A 328 -13.78 -84.98 -8.18
C VAL A 328 -13.31 -85.75 -6.95
N ASN A 329 -13.95 -86.88 -6.68
CA ASN A 329 -13.53 -87.70 -5.55
C ASN A 329 -12.08 -88.14 -5.71
N ALA A 330 -11.67 -88.46 -6.93
CA ALA A 330 -10.28 -88.80 -7.17
C ALA A 330 -9.36 -87.64 -6.76
N ALA A 331 -9.74 -86.42 -7.12
CA ALA A 331 -8.96 -85.26 -6.71
C ALA A 331 -9.01 -85.06 -5.20
N ILE A 332 -10.20 -85.21 -4.60
CA ILE A 332 -10.37 -84.93 -3.18
C ILE A 332 -9.53 -85.89 -2.33
N ALA A 333 -9.48 -87.16 -2.72
CA ALA A 333 -8.67 -88.11 -1.97
C ALA A 333 -7.18 -87.76 -2.03
N THR A 334 -6.72 -87.32 -3.21
CA THR A 334 -5.30 -87.03 -3.40
C THR A 334 -4.83 -85.88 -2.52
N ILE A 335 -5.61 -84.80 -2.45
CA ILE A 335 -5.17 -83.62 -1.69
C ILE A 335 -5.23 -83.87 -0.19
N LYS A 336 -6.03 -84.84 0.27
CA LYS A 336 -6.02 -85.19 1.69
C LYS A 336 -4.64 -85.69 2.11
N THR A 337 -4.09 -86.64 1.36
CA THR A 337 -2.76 -87.17 1.65
C THR A 337 -1.65 -86.18 1.28
N LYS A 338 -1.86 -85.36 0.24
CA LYS A 338 -0.84 -84.43 -0.23
C LYS A 338 -0.75 -83.18 0.64
N ARG A 339 -1.88 -82.67 1.09
CA ARG A 339 -1.94 -81.39 1.79
C ARG A 339 -2.44 -81.58 3.22
N SER A 340 -1.80 -80.87 4.14
CA SER A 340 -2.25 -80.79 5.53
C SER A 340 -3.10 -79.53 5.66
N ILE A 341 -4.42 -79.72 5.66
CA ILE A 341 -5.37 -78.66 5.92
C ILE A 341 -6.15 -79.03 7.17
N GLN A 342 -6.39 -78.04 8.02
CA GLN A 342 -6.92 -78.27 9.36
C GLN A 342 -8.32 -77.67 9.50
N PHE A 343 -9.25 -78.48 9.98
CA PHE A 343 -10.56 -78.02 10.42
C PHE A 343 -10.57 -77.86 11.94
N VAL A 344 -11.42 -76.94 12.42
CA VAL A 344 -11.58 -76.79 13.86
C VAL A 344 -12.10 -78.09 14.47
N ASP A 345 -11.97 -78.21 15.79
CA ASP A 345 -12.30 -79.45 16.48
C ASP A 345 -13.75 -79.85 16.26
N TRP A 346 -14.66 -78.90 16.43
CA TRP A 346 -16.11 -79.12 16.43
C TRP A 346 -16.74 -79.11 15.03
N CYS A 347 -15.94 -79.24 13.97
CA CYS A 347 -16.48 -79.35 12.63
C CYS A 347 -16.02 -80.65 11.98
N PRO A 348 -16.85 -81.27 11.14
CA PRO A 348 -16.35 -82.40 10.35
C PRO A 348 -15.35 -81.91 9.31
N THR A 349 -14.38 -82.78 9.02
CA THR A 349 -13.30 -82.49 8.09
C THR A 349 -13.72 -83.09 6.75
N GLY A 350 -14.16 -82.22 5.84
CA GLY A 350 -14.68 -82.67 4.56
C GLY A 350 -15.22 -81.50 3.78
N PHE A 351 -15.93 -81.82 2.70
CA PHE A 351 -16.32 -80.83 1.70
C PHE A 351 -17.73 -81.09 1.20
N LYS A 352 -18.44 -80.00 0.92
CA LYS A 352 -19.64 -80.07 0.09
C LYS A 352 -19.23 -79.77 -1.35
N VAL A 353 -19.66 -80.61 -2.27
CA VAL A 353 -19.25 -80.52 -3.67
C VAL A 353 -20.48 -80.19 -4.50
N GLY A 354 -20.34 -79.20 -5.35
CA GLY A 354 -21.36 -78.97 -6.35
C GLY A 354 -20.73 -78.98 -7.73
N ILE A 355 -21.35 -79.70 -8.66
CA ILE A 355 -21.09 -79.52 -10.08
C ILE A 355 -22.29 -78.80 -10.67
N ASN A 356 -22.03 -77.75 -11.45
CA ASN A 356 -23.04 -77.06 -12.23
C ASN A 356 -22.66 -77.19 -13.69
N TYR A 357 -23.54 -77.80 -14.49
CA TYR A 357 -23.12 -78.29 -15.80
C TYR A 357 -22.89 -77.17 -16.82
N GLN A 358 -23.38 -75.97 -16.56
CA GLN A 358 -23.18 -74.88 -17.51
C GLN A 358 -21.70 -74.55 -17.64
N PRO A 359 -21.18 -74.43 -18.87
CA PRO A 359 -19.76 -74.15 -19.02
C PRO A 359 -19.43 -72.76 -18.51
N PRO A 360 -18.20 -72.54 -18.05
CA PRO A 360 -17.78 -71.17 -17.77
C PRO A 360 -17.82 -70.32 -19.04
N THR A 361 -18.30 -69.10 -18.89
CA THR A 361 -18.44 -68.17 -20.02
C THR A 361 -17.52 -66.98 -19.83
N VAL A 362 -16.84 -66.60 -20.88
CA VAL A 362 -15.99 -65.41 -20.84
C VAL A 362 -16.59 -64.36 -21.77
N VAL A 363 -16.39 -63.10 -21.41
CA VAL A 363 -16.77 -62.01 -22.30
C VAL A 363 -15.99 -62.14 -23.60
N PRO A 364 -16.66 -62.18 -24.76
CA PRO A 364 -15.94 -62.31 -26.03
C PRO A 364 -15.04 -61.11 -26.31
N GLY A 365 -13.82 -61.39 -26.76
CA GLY A 365 -12.81 -60.38 -26.95
C GLY A 365 -12.07 -60.00 -25.69
N GLY A 366 -12.57 -60.39 -24.52
CA GLY A 366 -11.91 -60.07 -23.28
C GLY A 366 -10.56 -60.75 -23.15
N ASP A 367 -10.05 -60.71 -21.91
CA ASP A 367 -8.70 -61.20 -21.62
C ASP A 367 -8.69 -62.59 -21.01
N LEU A 368 -9.84 -63.13 -20.63
CA LEU A 368 -9.93 -64.51 -20.17
C LEU A 368 -10.06 -65.45 -21.37
N ALA A 369 -9.68 -66.70 -21.15
CA ALA A 369 -9.81 -67.73 -22.16
C ALA A 369 -10.93 -68.69 -21.77
N LYS A 370 -11.69 -69.12 -22.77
CA LYS A 370 -12.72 -70.13 -22.57
C LYS A 370 -12.07 -71.45 -22.15
N VAL A 371 -12.63 -72.08 -21.11
CA VAL A 371 -12.11 -73.34 -20.61
C VAL A 371 -13.28 -74.31 -20.49
N GLN A 372 -12.99 -75.60 -20.68
CA GLN A 372 -14.04 -76.60 -20.59
C GLN A 372 -14.47 -76.85 -19.15
N ARG A 373 -13.60 -76.58 -18.18
CA ARG A 373 -13.98 -76.80 -16.80
C ARG A 373 -13.30 -75.75 -15.92
N ALA A 374 -13.95 -75.42 -14.81
CA ALA A 374 -13.44 -74.47 -13.83
C ALA A 374 -14.04 -74.81 -12.47
N VAL A 375 -13.46 -74.22 -11.43
CA VAL A 375 -13.91 -74.48 -10.06
C VAL A 375 -13.74 -73.22 -9.23
N CYS A 376 -14.66 -73.04 -8.30
CA CYS A 376 -14.56 -71.98 -7.30
C CYS A 376 -14.77 -72.59 -5.93
N MET A 377 -13.83 -72.36 -5.02
CA MET A 377 -13.90 -72.91 -3.66
C MET A 377 -14.24 -71.80 -2.67
N LEU A 378 -15.23 -72.06 -1.82
CA LEU A 378 -15.68 -71.16 -0.77
C LEU A 378 -15.38 -71.81 0.57
N SER A 379 -14.57 -71.14 1.38
CA SER A 379 -14.14 -71.66 2.67
C SER A 379 -14.32 -70.58 3.71
N ASN A 380 -14.76 -70.99 4.90
CA ASN A 380 -14.74 -70.10 6.06
C ASN A 380 -13.52 -70.49 6.89
N THR A 381 -12.44 -69.73 6.74
CA THR A 381 -11.19 -70.01 7.43
C THR A 381 -10.86 -68.86 8.38
N THR A 382 -10.26 -69.18 9.53
CA THR A 382 -9.83 -68.13 10.43
C THR A 382 -8.69 -67.29 9.86
N ALA A 383 -8.04 -67.76 8.79
CA ALA A 383 -6.90 -67.05 8.23
C ALA A 383 -7.31 -65.70 7.69
N ILE A 384 -8.58 -65.53 7.34
CA ILE A 384 -9.01 -64.24 6.81
C ILE A 384 -8.94 -63.15 7.86
N ALA A 385 -8.70 -63.50 9.13
CA ALA A 385 -8.53 -62.49 10.17
C ALA A 385 -7.35 -61.57 9.89
N GLU A 386 -6.32 -62.08 9.21
CA GLU A 386 -5.14 -61.24 9.01
C GLU A 386 -5.38 -60.13 7.98
N ALA A 387 -6.40 -60.27 7.13
CA ALA A 387 -6.84 -59.13 6.33
C ALA A 387 -7.44 -58.06 7.21
N TRP A 388 -8.20 -58.45 8.23
CA TRP A 388 -8.70 -57.45 9.18
C TRP A 388 -7.56 -56.83 9.98
N ALA A 389 -6.59 -57.65 10.39
CA ALA A 389 -5.48 -57.13 11.16
C ALA A 389 -4.75 -56.04 10.37
N ARG A 390 -4.64 -56.21 9.06
CA ARG A 390 -3.92 -55.23 8.24
C ARG A 390 -4.63 -53.88 8.26
N LEU A 391 -5.95 -53.90 8.02
CA LEU A 391 -6.77 -52.68 8.12
C LEU A 391 -6.72 -52.09 9.52
N ASP A 392 -6.84 -52.94 10.56
CA ASP A 392 -6.87 -52.43 11.93
C ASP A 392 -5.60 -51.67 12.26
N HIS A 393 -4.47 -52.15 11.75
CA HIS A 393 -3.23 -51.50 12.06
C HIS A 393 -3.15 -50.13 11.38
N LYS A 394 -3.57 -50.02 10.12
CA LYS A 394 -3.54 -48.71 9.48
C LYS A 394 -4.50 -47.74 10.15
N PHE A 395 -5.62 -48.26 10.65
CA PHE A 395 -6.56 -47.44 11.42
C PHE A 395 -5.91 -46.89 12.69
N ASP A 396 -5.13 -47.72 13.39
CA ASP A 396 -4.56 -47.31 14.67
C ASP A 396 -3.50 -46.24 14.49
N LEU A 397 -2.63 -46.42 13.49
CA LEU A 397 -1.63 -45.41 13.17
C LEU A 397 -2.27 -44.03 13.02
N MET A 398 -3.32 -43.92 12.20
CA MET A 398 -3.90 -42.60 11.95
C MET A 398 -4.74 -42.12 13.12
N TYR A 399 -5.45 -43.03 13.79
CA TYR A 399 -6.39 -42.62 14.83
C TYR A 399 -5.67 -42.22 16.12
N ALA A 400 -4.46 -42.74 16.36
CA ALA A 400 -3.72 -42.31 17.55
C ALA A 400 -3.40 -40.82 17.49
N LYS A 401 -3.22 -40.27 16.29
CA LYS A 401 -2.95 -38.85 16.11
C LYS A 401 -4.21 -38.09 15.72
N ARG A 402 -5.37 -38.77 15.73
CA ARG A 402 -6.65 -38.20 15.31
C ARG A 402 -6.62 -37.70 13.87
N ALA A 403 -5.73 -38.22 13.03
CA ALA A 403 -5.56 -37.68 11.69
C ALA A 403 -6.84 -37.85 10.89
N PHE A 404 -7.29 -36.76 10.24
CA PHE A 404 -8.47 -36.70 9.37
C PHE A 404 -9.79 -36.85 10.11
N VAL A 405 -9.78 -37.09 11.42
CA VAL A 405 -11.05 -37.30 12.13
C VAL A 405 -11.97 -36.09 11.98
N HIS A 406 -11.39 -34.89 11.78
CA HIS A 406 -12.21 -33.67 11.75
C HIS A 406 -13.15 -33.64 10.55
N TRP A 407 -12.81 -34.31 9.45
CA TRP A 407 -13.76 -34.40 8.35
C TRP A 407 -15.01 -35.17 8.73
N TYR A 408 -14.87 -36.19 9.60
CA TYR A 408 -16.00 -37.02 9.99
C TYR A 408 -16.87 -36.31 11.03
N VAL A 409 -16.24 -35.66 12.02
CA VAL A 409 -16.95 -34.88 13.03
C VAL A 409 -17.72 -33.72 12.39
N GLY A 410 -17.19 -33.16 11.30
CA GLY A 410 -17.85 -32.06 10.62
C GLY A 410 -19.10 -32.46 9.88
N GLU A 411 -19.24 -33.74 9.55
CA GLU A 411 -20.47 -34.25 8.96
C GLU A 411 -21.50 -34.67 10.00
N GLY A 412 -21.20 -34.54 11.29
CA GLY A 412 -22.13 -34.89 12.33
C GLY A 412 -21.81 -36.19 13.04
N MET A 413 -20.75 -36.88 12.63
CA MET A 413 -20.34 -38.07 13.34
C MET A 413 -19.65 -37.69 14.65
N GLU A 414 -19.78 -38.57 15.63
CA GLU A 414 -19.14 -38.36 16.91
C GLU A 414 -17.86 -39.17 16.94
N GLU A 415 -16.81 -38.53 17.46
CA GLU A 415 -15.52 -39.20 17.58
C GLU A 415 -15.65 -40.54 18.27
N GLY A 416 -16.61 -40.66 19.19
CA GLY A 416 -16.88 -41.94 19.84
C GLY A 416 -17.14 -43.08 18.87
N GLU A 417 -17.77 -42.80 17.72
CA GLU A 417 -18.07 -43.89 16.79
C GLU A 417 -16.79 -44.54 16.29
N PHE A 418 -15.70 -43.78 16.21
CA PHE A 418 -14.43 -44.33 15.79
C PHE A 418 -13.92 -45.39 16.77
N SER A 419 -13.89 -45.07 18.06
CA SER A 419 -13.41 -46.06 19.03
C SER A 419 -14.38 -47.23 19.17
N GLU A 420 -15.68 -46.97 19.12
CA GLU A 420 -16.65 -48.07 19.16
C GLU A 420 -16.44 -49.03 18.00
N ALA A 421 -16.37 -48.50 16.78
CA ALA A 421 -16.13 -49.35 15.62
C ALA A 421 -14.84 -50.14 15.79
N ARG A 422 -13.78 -49.48 16.27
CA ARG A 422 -12.50 -50.15 16.42
C ARG A 422 -12.54 -51.20 17.53
N GLU A 423 -13.39 -51.02 18.55
CA GLU A 423 -13.56 -52.04 19.58
C GLU A 423 -14.30 -53.25 19.04
N ASP A 424 -15.29 -53.03 18.17
CA ASP A 424 -15.96 -54.13 17.49
C ASP A 424 -14.96 -54.94 16.67
N MET A 425 -14.10 -54.26 15.90
CA MET A 425 -13.10 -54.97 15.11
C MET A 425 -12.14 -55.76 15.99
N ALA A 426 -11.86 -55.24 17.18
CA ALA A 426 -11.05 -56.00 18.13
C ALA A 426 -11.77 -57.27 18.53
N ALA A 427 -13.05 -57.15 18.92
CA ALA A 427 -13.83 -58.30 19.29
C ALA A 427 -13.88 -59.33 18.16
N LEU A 428 -14.06 -58.88 16.92
CA LEU A 428 -14.06 -59.83 15.81
C LEU A 428 -12.71 -60.53 15.67
N GLU A 429 -11.63 -59.78 15.85
CA GLU A 429 -10.29 -60.35 15.73
C GLU A 429 -10.07 -61.43 16.78
N LYS A 430 -10.62 -61.26 17.96
CA LYS A 430 -10.48 -62.30 18.96
C LYS A 430 -11.59 -63.34 18.88
N ASP A 431 -12.72 -63.02 18.23
CA ASP A 431 -13.64 -64.08 17.82
C ASP A 431 -12.93 -65.10 16.94
N TYR A 432 -12.22 -64.62 15.91
CA TYR A 432 -11.42 -65.50 15.06
C TYR A 432 -10.35 -66.23 15.86
N GLU A 433 -9.74 -65.55 16.83
CA GLU A 433 -8.76 -66.18 17.69
C GLU A 433 -9.39 -67.35 18.44
N GLU A 434 -10.54 -67.12 19.05
CA GLU A 434 -11.13 -68.09 19.97
C GLU A 434 -11.55 -69.37 19.24
N VAL A 435 -12.20 -69.26 18.07
CA VAL A 435 -12.66 -70.45 17.38
C VAL A 435 -11.50 -71.24 16.77
N GLY A 436 -10.34 -70.62 16.56
CA GLY A 436 -9.21 -71.34 16.03
C GLY A 436 -8.18 -71.69 17.10
N VAL A 437 -8.63 -71.89 18.33
CA VAL A 437 -7.76 -71.99 19.50
C VAL A 437 -6.76 -73.15 19.40
N MET B 1 -20.36 -30.48 -8.02
CA MET B 1 -19.18 -31.35 -8.03
C MET B 1 -18.44 -31.27 -9.36
N ARG B 2 -18.85 -30.35 -10.24
CA ARG B 2 -18.10 -30.08 -11.46
C ARG B 2 -17.53 -28.67 -11.47
N GLU B 3 -18.37 -27.64 -11.44
CA GLU B 3 -17.94 -26.30 -11.79
C GLU B 3 -17.11 -25.64 -10.70
N ILE B 4 -16.03 -24.97 -11.12
CA ILE B 4 -15.21 -24.11 -10.27
C ILE B 4 -15.46 -22.66 -10.65
N VAL B 5 -15.56 -21.80 -9.64
CA VAL B 5 -15.59 -20.35 -9.84
C VAL B 5 -14.25 -19.78 -9.41
N HIS B 6 -13.62 -19.01 -10.30
CA HIS B 6 -12.26 -18.52 -10.12
C HIS B 6 -12.27 -17.01 -9.92
N ILE B 7 -11.49 -16.54 -8.96
CA ILE B 7 -11.44 -15.13 -8.61
C ILE B 7 -9.99 -14.71 -8.57
N GLN B 8 -9.66 -13.62 -9.27
CA GLN B 8 -8.33 -13.04 -9.23
C GLN B 8 -8.44 -11.61 -8.73
N ALA B 9 -7.68 -11.30 -7.69
CA ALA B 9 -7.79 -10.03 -6.97
C ALA B 9 -6.43 -9.34 -6.90
N GLY B 10 -6.40 -8.05 -7.18
CA GLY B 10 -5.19 -7.26 -7.08
C GLY B 10 -4.29 -7.40 -8.29
N GLN B 11 -3.17 -6.66 -8.24
CA GLN B 11 -2.23 -6.66 -9.35
C GLN B 11 -1.67 -8.05 -9.57
N CYS B 12 -1.04 -8.63 -8.54
CA CYS B 12 -0.44 -9.94 -8.69
C CYS B 12 -1.49 -10.97 -9.06
N GLY B 13 -2.57 -11.06 -8.26
CA GLY B 13 -3.62 -12.01 -8.55
C GLY B 13 -4.07 -11.98 -10.00
N ASN B 14 -4.21 -10.79 -10.58
CA ASN B 14 -4.70 -10.67 -11.94
C ASN B 14 -3.63 -11.02 -12.96
N GLN B 15 -2.35 -10.80 -12.64
CA GLN B 15 -1.27 -11.17 -13.54
C GLN B 15 -1.14 -12.68 -13.67
N ILE B 16 -1.04 -13.39 -12.55
CA ILE B 16 -0.94 -14.85 -12.64
C ILE B 16 -2.28 -15.43 -13.00
N GLY B 17 -3.37 -14.76 -12.65
CA GLY B 17 -4.68 -15.21 -13.09
C GLY B 17 -4.78 -15.22 -14.60
N ALA B 18 -4.39 -14.11 -15.23
CA ALA B 18 -4.41 -14.05 -16.69
C ALA B 18 -3.51 -15.13 -17.29
N LYS B 19 -2.27 -15.22 -16.81
CA LYS B 19 -1.32 -16.21 -17.32
C LYS B 19 -1.86 -17.63 -17.17
N PHE B 20 -2.66 -17.89 -16.13
CA PHE B 20 -3.28 -19.21 -15.95
C PHE B 20 -4.27 -19.50 -17.06
N TRP B 21 -5.28 -18.63 -17.20
CA TRP B 21 -6.26 -18.72 -18.28
C TRP B 21 -5.58 -18.81 -19.65
N GLU B 22 -4.51 -18.05 -19.85
CA GLU B 22 -3.73 -18.17 -21.07
C GLU B 22 -3.21 -19.61 -21.25
N VAL B 23 -2.84 -20.27 -20.14
CA VAL B 23 -2.26 -21.60 -20.22
C VAL B 23 -3.32 -22.66 -20.46
N ILE B 24 -4.38 -22.67 -19.64
CA ILE B 24 -5.38 -23.72 -19.81
C ILE B 24 -6.26 -23.50 -21.04
N SER B 25 -6.45 -22.25 -21.50
CA SER B 25 -7.14 -22.06 -22.77
C SER B 25 -6.37 -22.70 -23.91
N ASP B 26 -5.04 -22.66 -23.87
CA ASP B 26 -4.23 -23.34 -24.87
C ASP B 26 -4.28 -24.86 -24.70
N GLU B 27 -4.35 -25.35 -23.47
CA GLU B 27 -4.42 -26.81 -23.28
C GLU B 27 -5.74 -27.37 -23.76
N HIS B 28 -6.82 -26.61 -23.64
CA HIS B 28 -8.14 -27.09 -24.01
C HIS B 28 -8.57 -26.63 -25.39
N GLY B 29 -7.69 -25.94 -26.12
CA GLY B 29 -7.99 -25.56 -27.49
C GLY B 29 -8.95 -24.41 -27.65
N ILE B 30 -9.05 -23.55 -26.64
CA ILE B 30 -9.92 -22.38 -26.68
C ILE B 30 -9.09 -21.21 -27.16
N ASP B 31 -9.54 -20.55 -28.23
CA ASP B 31 -8.82 -19.40 -28.77
C ASP B 31 -9.24 -18.15 -28.01
N PRO B 32 -8.56 -17.02 -28.23
CA PRO B 32 -8.95 -15.80 -27.52
C PRO B 32 -10.34 -15.29 -27.90
N THR B 33 -10.81 -15.59 -29.12
CA THR B 33 -12.17 -15.22 -29.45
C THR B 33 -13.21 -16.08 -28.73
N GLY B 34 -12.77 -17.03 -27.90
CA GLY B 34 -13.67 -17.82 -27.09
C GLY B 34 -14.15 -19.12 -27.70
N SER B 35 -13.87 -19.36 -28.97
CA SER B 35 -14.32 -20.58 -29.63
C SER B 35 -13.20 -21.62 -29.65
N TYR B 36 -13.59 -22.86 -29.92
CA TYR B 36 -12.74 -24.02 -29.75
C TYR B 36 -12.18 -24.46 -31.09
N HIS B 37 -10.90 -24.83 -31.10
CA HIS B 37 -10.26 -25.32 -32.31
C HIS B 37 -9.25 -26.42 -32.02
N GLY B 38 -9.52 -27.25 -31.00
CA GLY B 38 -8.64 -28.36 -30.68
C GLY B 38 -8.88 -29.55 -31.57
N ASP B 39 -8.17 -30.64 -31.25
CA ASP B 39 -8.23 -31.86 -32.04
C ASP B 39 -8.60 -33.10 -31.23
N SER B 40 -8.56 -33.05 -29.91
CA SER B 40 -8.98 -34.15 -29.05
C SER B 40 -10.23 -33.75 -28.30
N ASP B 41 -11.19 -34.67 -28.21
CA ASP B 41 -12.37 -34.36 -27.41
C ASP B 41 -12.11 -34.52 -25.92
N LEU B 42 -10.92 -34.99 -25.54
CA LEU B 42 -10.49 -34.93 -24.15
C LEU B 42 -10.38 -33.50 -23.66
N GLN B 43 -10.31 -32.55 -24.58
CA GLN B 43 -10.23 -31.14 -24.23
C GLN B 43 -11.59 -30.55 -23.89
N LEU B 44 -12.67 -31.21 -24.31
CA LEU B 44 -14.01 -30.74 -24.03
C LEU B 44 -14.70 -31.52 -22.92
N GLU B 45 -14.13 -32.64 -22.49
CA GLU B 45 -14.84 -33.54 -21.59
C GLU B 45 -15.18 -32.85 -20.27
N ARG B 46 -14.21 -32.16 -19.67
CA ARG B 46 -14.41 -31.41 -18.43
C ARG B 46 -14.23 -29.92 -18.64
N ILE B 47 -14.51 -29.44 -19.87
CA ILE B 47 -14.34 -28.01 -20.16
C ILE B 47 -15.28 -27.18 -19.28
N ASN B 48 -16.44 -27.73 -18.90
CA ASN B 48 -17.39 -27.03 -18.06
C ASN B 48 -16.84 -26.74 -16.68
N VAL B 49 -15.78 -27.45 -16.26
CA VAL B 49 -15.24 -27.22 -14.93
C VAL B 49 -14.76 -25.79 -14.80
N TYR B 50 -14.13 -25.26 -15.84
CA TYR B 50 -13.57 -23.92 -15.83
C TYR B 50 -14.24 -22.96 -16.80
N TYR B 51 -15.09 -23.44 -17.72
CA TYR B 51 -15.65 -22.58 -18.75
C TYR B 51 -17.17 -22.69 -18.80
N ASN B 52 -17.81 -21.59 -19.19
CA ASN B 52 -19.24 -21.59 -19.50
C ASN B 52 -19.40 -21.64 -21.01
N GLU B 53 -20.41 -22.37 -21.47
CA GLU B 53 -20.72 -22.40 -22.89
C GLU B 53 -21.57 -21.20 -23.23
N ALA B 54 -21.20 -20.48 -24.29
CA ALA B 54 -21.94 -19.33 -24.76
C ALA B 54 -22.93 -19.74 -25.85
N THR B 55 -23.65 -18.74 -26.37
CA THR B 55 -24.67 -19.01 -27.37
C THR B 55 -24.07 -19.61 -28.64
N GLY B 56 -23.09 -18.90 -29.22
CA GLY B 56 -22.43 -19.35 -30.44
C GLY B 56 -21.46 -20.50 -30.22
N ASN B 57 -21.82 -21.39 -29.30
CA ASN B 57 -20.99 -22.54 -28.91
C ASN B 57 -19.59 -22.09 -28.53
N LYS B 58 -19.46 -20.88 -27.99
CA LYS B 58 -18.18 -20.38 -27.53
C LYS B 58 -18.05 -20.55 -26.02
N TYR B 59 -16.82 -20.61 -25.55
CA TYR B 59 -16.54 -20.88 -24.16
C TYR B 59 -16.02 -19.63 -23.48
N VAL B 60 -16.55 -19.37 -22.28
CA VAL B 60 -16.27 -18.14 -21.55
C VAL B 60 -15.78 -18.51 -20.16
N PRO B 61 -14.57 -18.12 -19.77
CA PRO B 61 -14.04 -18.51 -18.46
C PRO B 61 -15.02 -18.16 -17.35
N ARG B 62 -15.09 -19.03 -16.36
CA ARG B 62 -15.86 -18.74 -15.16
C ARG B 62 -14.96 -17.97 -14.18
N ALA B 63 -14.60 -16.76 -14.60
CA ALA B 63 -13.61 -15.95 -13.90
C ALA B 63 -14.22 -14.61 -13.49
N ILE B 64 -13.82 -14.15 -12.31
CA ILE B 64 -14.22 -12.84 -11.81
C ILE B 64 -12.95 -12.06 -11.48
N LEU B 65 -12.78 -10.91 -12.12
CA LEU B 65 -11.55 -10.13 -12.06
C LEU B 65 -11.78 -8.89 -11.21
N VAL B 66 -11.00 -8.75 -10.14
CA VAL B 66 -11.26 -7.76 -9.10
C VAL B 66 -10.01 -6.92 -8.84
N ASP B 67 -10.17 -5.59 -8.75
CA ASP B 67 -9.12 -4.73 -8.25
C ASP B 67 -9.71 -3.43 -7.73
N LEU B 68 -9.13 -2.89 -6.66
CA LEU B 68 -9.51 -1.55 -6.22
C LEU B 68 -8.92 -0.47 -7.13
N GLU B 69 -8.05 -0.87 -8.04
CA GLU B 69 -7.31 -0.03 -8.96
C GLU B 69 -7.76 -0.31 -10.38
N PRO B 70 -8.00 0.72 -11.20
CA PRO B 70 -8.41 0.45 -12.59
C PRO B 70 -7.28 0.05 -13.51
N GLY B 71 -6.03 0.32 -13.15
CA GLY B 71 -4.94 0.16 -14.10
C GLY B 71 -4.74 -1.27 -14.55
N THR B 72 -4.74 -2.21 -13.61
CA THR B 72 -4.35 -3.58 -13.97
C THR B 72 -5.38 -4.27 -14.85
N MET B 73 -6.66 -3.92 -14.70
CA MET B 73 -7.66 -4.57 -15.52
C MET B 73 -7.83 -3.93 -16.89
N ASP B 74 -7.32 -2.72 -17.09
CA ASP B 74 -7.02 -2.30 -18.45
C ASP B 74 -5.93 -3.17 -19.05
N SER B 75 -4.93 -3.50 -18.22
CA SER B 75 -3.82 -4.32 -18.70
C SER B 75 -4.27 -5.75 -19.00
N VAL B 76 -5.16 -6.32 -18.17
CA VAL B 76 -5.73 -7.63 -18.50
C VAL B 76 -6.49 -7.57 -19.81
N ARG B 77 -7.42 -6.62 -19.92
CA ARG B 77 -8.24 -6.49 -21.12
C ARG B 77 -7.38 -6.38 -22.37
N SER B 78 -6.17 -5.83 -22.24
CA SER B 78 -5.29 -5.63 -23.39
C SER B 78 -4.43 -6.84 -23.68
N GLY B 79 -4.29 -7.76 -22.74
CA GLY B 79 -3.47 -8.94 -22.92
C GLY B 79 -3.94 -9.80 -24.06
N PRO B 80 -3.26 -10.93 -24.28
CA PRO B 80 -3.63 -11.80 -25.42
C PRO B 80 -5.06 -12.30 -25.36
N PHE B 81 -5.43 -12.92 -24.25
CA PHE B 81 -6.78 -13.43 -24.06
C PHE B 81 -7.69 -12.44 -23.33
N GLY B 82 -7.40 -11.14 -23.44
CA GLY B 82 -8.23 -10.15 -22.77
C GLY B 82 -9.67 -10.15 -23.26
N GLN B 83 -9.90 -10.52 -24.52
CA GLN B 83 -11.27 -10.56 -25.01
C GLN B 83 -12.05 -11.79 -24.54
N ILE B 84 -11.37 -12.86 -24.12
CA ILE B 84 -12.07 -14.08 -23.73
C ILE B 84 -12.95 -13.87 -22.49
N PHE B 85 -12.65 -12.87 -21.67
CA PHE B 85 -13.31 -12.70 -20.38
C PHE B 85 -14.63 -11.97 -20.54
N ARG B 86 -15.61 -12.38 -19.73
CA ARG B 86 -16.91 -11.74 -19.72
C ARG B 86 -16.77 -10.28 -19.29
N PRO B 87 -17.19 -9.32 -20.11
CA PRO B 87 -17.05 -7.91 -19.72
C PRO B 87 -17.79 -7.57 -18.43
N ASP B 88 -18.83 -8.33 -18.06
CA ASP B 88 -19.55 -8.07 -16.84
C ASP B 88 -18.79 -8.47 -15.58
N ASN B 89 -17.85 -9.42 -15.68
CA ASN B 89 -17.14 -9.93 -14.50
C ASN B 89 -15.94 -9.08 -14.07
N PHE B 90 -15.65 -7.97 -14.75
CA PHE B 90 -14.67 -7.03 -14.24
C PHE B 90 -15.32 -6.20 -13.15
N VAL B 91 -14.76 -6.24 -11.94
CA VAL B 91 -15.21 -5.37 -10.85
C VAL B 91 -13.99 -4.62 -10.35
N PHE B 92 -13.91 -3.34 -10.69
CA PHE B 92 -12.78 -2.50 -10.33
C PHE B 92 -13.28 -1.23 -9.64
N GLY B 93 -12.61 -0.85 -8.55
CA GLY B 93 -12.84 0.43 -7.91
C GLY B 93 -12.00 1.51 -8.55
N GLN B 94 -11.84 2.62 -7.84
CA GLN B 94 -11.18 3.80 -8.40
C GLN B 94 -9.97 4.31 -7.62
N SER B 95 -9.90 4.07 -6.31
CA SER B 95 -8.93 4.71 -5.43
C SER B 95 -7.61 3.97 -5.30
N GLY B 96 -7.62 2.65 -5.49
CA GLY B 96 -6.50 1.82 -5.10
C GLY B 96 -6.60 1.45 -3.62
N ALA B 97 -5.65 0.61 -3.19
CA ALA B 97 -5.59 0.18 -1.80
C ALA B 97 -4.35 0.68 -1.08
N GLY B 98 -3.51 1.45 -1.75
CA GLY B 98 -2.40 2.12 -1.10
C GLY B 98 -1.41 1.19 -0.46
N ASN B 99 -1.22 -0.02 -1.01
CA ASN B 99 -0.33 -1.04 -0.46
C ASN B 99 -0.69 -1.42 0.97
N ASN B 100 -1.92 -1.15 1.39
CA ASN B 100 -2.32 -1.23 2.79
C ASN B 100 -3.43 -2.28 2.94
N TRP B 101 -3.15 -3.32 3.72
CA TRP B 101 -4.11 -4.38 3.99
C TRP B 101 -5.36 -3.84 4.70
N ALA B 102 -5.19 -2.87 5.61
CA ALA B 102 -6.35 -2.31 6.29
C ALA B 102 -7.29 -1.63 5.29
N LYS B 103 -6.75 -0.94 4.29
CA LYS B 103 -7.62 -0.32 3.30
C LYS B 103 -8.34 -1.37 2.49
N GLY B 104 -7.64 -2.44 2.11
CA GLY B 104 -8.27 -3.48 1.32
C GLY B 104 -9.34 -4.23 2.07
N HIS B 105 -9.15 -4.42 3.36
CA HIS B 105 -10.01 -5.29 4.14
C HIS B 105 -11.14 -4.52 4.80
N TYR B 106 -10.90 -3.28 5.21
CA TYR B 106 -11.87 -2.55 6.02
C TYR B 106 -12.62 -1.47 5.26
N THR B 107 -11.95 -0.53 4.62
CA THR B 107 -12.63 0.67 4.15
C THR B 107 -12.87 0.65 2.64
N GLU B 108 -11.82 0.64 1.82
CA GLU B 108 -12.03 0.63 0.38
C GLU B 108 -12.62 -0.70 -0.09
N GLY B 109 -12.12 -1.81 0.44
CA GLY B 109 -12.63 -3.11 0.04
C GLY B 109 -14.09 -3.30 0.39
N ALA B 110 -14.54 -2.76 1.52
CA ALA B 110 -15.93 -2.94 1.92
C ALA B 110 -16.89 -2.25 0.97
N GLU B 111 -16.44 -1.20 0.29
CA GLU B 111 -17.31 -0.48 -0.64
C GLU B 111 -17.35 -1.09 -2.02
N LEU B 112 -16.43 -2.01 -2.33
CA LEU B 112 -16.44 -2.74 -3.58
C LEU B 112 -16.88 -4.19 -3.42
N VAL B 113 -16.92 -4.70 -2.20
CA VAL B 113 -17.03 -6.15 -2.03
C VAL B 113 -18.39 -6.66 -2.46
N ASP B 114 -19.45 -5.91 -2.20
CA ASP B 114 -20.78 -6.40 -2.56
C ASP B 114 -21.00 -6.39 -4.06
N SER B 115 -20.38 -5.45 -4.79
CA SER B 115 -20.40 -5.54 -6.24
C SER B 115 -19.70 -6.79 -6.74
N VAL B 116 -18.64 -7.22 -6.05
CA VAL B 116 -17.98 -8.48 -6.40
C VAL B 116 -18.91 -9.67 -6.11
N LEU B 117 -19.56 -9.68 -4.94
CA LEU B 117 -20.39 -10.81 -4.54
C LEU B 117 -21.62 -11.00 -5.42
N ASP B 118 -22.10 -9.93 -6.06
CA ASP B 118 -23.20 -10.10 -7.01
C ASP B 118 -22.74 -10.88 -8.22
N VAL B 119 -21.59 -10.51 -8.78
CA VAL B 119 -21.05 -11.25 -9.92
C VAL B 119 -20.76 -12.69 -9.53
N VAL B 120 -20.26 -12.91 -8.31
CA VAL B 120 -20.07 -14.28 -7.83
C VAL B 120 -21.41 -15.00 -7.74
N ARG B 121 -22.38 -14.37 -7.07
CA ARG B 121 -23.67 -15.01 -6.88
C ARG B 121 -24.35 -15.31 -8.22
N LYS B 122 -24.02 -14.55 -9.27
CA LYS B 122 -24.60 -14.83 -10.59
C LYS B 122 -23.91 -16.00 -11.29
N GLU B 123 -22.58 -16.08 -11.24
CA GLU B 123 -21.89 -17.19 -11.91
C GLU B 123 -22.20 -18.52 -11.23
N SER B 124 -22.43 -18.51 -9.92
CA SER B 124 -22.70 -19.75 -9.18
C SER B 124 -24.13 -20.26 -9.41
N GLU B 125 -25.09 -19.36 -9.66
CA GLU B 125 -26.43 -19.83 -10.03
C GLU B 125 -26.46 -20.43 -11.43
N SER B 126 -25.52 -20.04 -12.30
CA SER B 126 -25.32 -20.68 -13.58
C SER B 126 -24.53 -22.00 -13.47
N CYS B 127 -24.51 -22.64 -12.30
CA CYS B 127 -23.85 -23.92 -12.09
C CYS B 127 -24.87 -25.00 -11.76
N ASP B 128 -24.67 -26.20 -12.32
CA ASP B 128 -25.48 -27.34 -11.91
C ASP B 128 -25.13 -27.77 -10.49
N CYS B 129 -23.84 -27.97 -10.22
CA CYS B 129 -23.39 -28.26 -8.86
C CYS B 129 -22.01 -27.65 -8.71
N LEU B 130 -21.91 -26.61 -7.88
CA LEU B 130 -20.68 -25.86 -7.78
C LEU B 130 -19.70 -26.61 -6.88
N GLN B 131 -18.56 -26.97 -7.46
CA GLN B 131 -17.55 -27.70 -6.71
C GLN B 131 -16.88 -26.82 -5.66
N GLY B 132 -16.49 -25.61 -6.03
CA GLY B 132 -15.91 -24.70 -5.06
C GLY B 132 -15.37 -23.44 -5.72
N PHE B 133 -14.60 -22.70 -4.94
CA PHE B 133 -14.01 -21.45 -5.38
C PHE B 133 -12.49 -21.57 -5.33
N GLN B 134 -11.82 -20.94 -6.31
CA GLN B 134 -10.38 -20.84 -6.31
C GLN B 134 -10.01 -19.38 -6.51
N LEU B 135 -9.03 -18.91 -5.74
CA LEU B 135 -8.63 -17.52 -5.71
C LEU B 135 -7.14 -17.42 -5.93
N THR B 136 -6.74 -16.46 -6.77
CA THR B 136 -5.34 -16.11 -7.00
C THR B 136 -5.12 -14.67 -6.56
N HIS B 137 -4.03 -14.42 -5.82
CA HIS B 137 -3.80 -13.18 -5.08
C HIS B 137 -2.43 -13.22 -4.41
N SER B 138 -1.89 -12.04 -4.14
CA SER B 138 -0.68 -11.91 -3.33
C SER B 138 -1.06 -11.58 -1.89
N LEU B 139 -0.18 -11.92 -0.96
CA LEU B 139 -0.37 -11.50 0.42
C LEU B 139 0.43 -10.25 0.78
N GLY B 140 1.32 -9.78 -0.10
CA GLY B 140 2.19 -8.67 0.27
C GLY B 140 1.58 -7.29 0.12
N GLY B 141 0.62 -7.12 -0.79
CA GLY B 141 0.00 -5.83 -1.12
C GLY B 141 -1.28 -5.56 -0.35
N GLY B 142 -2.15 -4.73 -0.92
CA GLY B 142 -3.36 -4.32 -0.21
C GLY B 142 -4.66 -4.91 -0.73
N THR B 143 -4.77 -5.06 -2.05
CA THR B 143 -6.03 -5.51 -2.63
C THR B 143 -6.16 -7.03 -2.55
N GLY B 144 -5.24 -7.75 -3.20
CA GLY B 144 -5.28 -9.20 -3.12
C GLY B 144 -5.16 -9.72 -1.69
N SER B 145 -4.36 -9.03 -0.88
CA SER B 145 -4.20 -9.45 0.50
C SER B 145 -5.43 -9.10 1.33
N GLY B 146 -5.79 -7.81 1.40
CA GLY B 146 -6.80 -7.36 2.32
C GLY B 146 -8.21 -7.60 1.81
N MET B 147 -8.47 -7.22 0.57
CA MET B 147 -9.81 -7.44 0.06
C MET B 147 -10.02 -8.90 -0.32
N GLY B 148 -8.97 -9.56 -0.79
CA GLY B 148 -9.07 -10.99 -1.06
C GLY B 148 -9.50 -11.78 0.16
N THR B 149 -8.86 -11.53 1.31
CA THR B 149 -9.29 -12.23 2.52
C THR B 149 -10.66 -11.75 2.98
N LEU B 150 -11.00 -10.48 2.73
CA LEU B 150 -12.39 -10.05 2.96
C LEU B 150 -13.37 -10.85 2.09
N LEU B 151 -13.08 -10.96 0.79
CA LEU B 151 -13.90 -11.80 -0.09
C LEU B 151 -14.08 -13.19 0.46
N ILE B 152 -12.97 -13.83 0.86
CA ILE B 152 -13.04 -15.23 1.29
C ILE B 152 -13.97 -15.35 2.47
N SER B 153 -13.85 -14.43 3.43
CA SER B 153 -14.69 -14.45 4.61
C SER B 153 -16.16 -14.30 4.25
N LYS B 154 -16.48 -13.48 3.25
CA LYS B 154 -17.87 -13.22 2.92
C LYS B 154 -18.43 -14.29 2.01
N ILE B 155 -17.58 -14.93 1.20
CA ILE B 155 -18.04 -16.07 0.41
C ILE B 155 -18.34 -17.24 1.33
N ARG B 156 -17.51 -17.43 2.36
CA ARG B 156 -17.75 -18.50 3.32
C ARG B 156 -19.08 -18.31 4.05
N GLU B 157 -19.50 -17.06 4.29
CA GLU B 157 -20.75 -16.82 4.99
C GLU B 157 -21.94 -17.14 4.11
N GLU B 158 -21.81 -16.98 2.79
CA GLU B 158 -22.93 -17.25 1.89
C GLU B 158 -22.91 -18.68 1.36
N TYR B 159 -21.74 -19.30 1.30
CA TYR B 159 -21.57 -20.68 0.85
C TYR B 159 -20.78 -21.47 1.89
N PRO B 160 -21.35 -21.65 3.09
CA PRO B 160 -20.61 -22.36 4.16
C PRO B 160 -20.07 -23.72 3.76
N ASP B 161 -20.78 -24.46 2.93
CA ASP B 161 -20.45 -25.85 2.59
C ASP B 161 -19.54 -25.98 1.38
N ARG B 162 -19.00 -24.88 0.84
CA ARG B 162 -18.22 -24.97 -0.39
C ARG B 162 -16.72 -24.89 -0.09
N ILE B 163 -15.94 -25.63 -0.87
CA ILE B 163 -14.50 -25.63 -0.73
C ILE B 163 -13.96 -24.29 -1.21
N MET B 164 -13.11 -23.66 -0.39
CA MET B 164 -12.33 -22.50 -0.80
C MET B 164 -10.84 -22.86 -0.89
N ASN B 165 -10.26 -22.59 -2.05
CA ASN B 165 -8.90 -22.96 -2.40
C ASN B 165 -8.19 -21.71 -2.94
N THR B 166 -7.03 -21.35 -2.36
CA THR B 166 -6.30 -20.17 -2.81
C THR B 166 -4.93 -20.52 -3.37
N PHE B 167 -4.49 -19.70 -4.33
CA PHE B 167 -3.11 -19.66 -4.79
C PHE B 167 -2.56 -18.33 -4.30
N SER B 168 -1.73 -18.38 -3.24
CA SER B 168 -1.30 -17.21 -2.48
C SER B 168 0.18 -16.96 -2.70
N VAL B 169 0.51 -15.85 -3.37
CA VAL B 169 1.92 -15.49 -3.55
C VAL B 169 2.44 -14.81 -2.29
N MET B 170 3.60 -15.25 -1.83
CA MET B 170 4.31 -14.89 -0.62
C MET B 170 5.35 -13.83 -0.91
N PRO B 171 5.38 -12.73 -0.18
CA PRO B 171 6.32 -11.66 -0.51
C PRO B 171 7.73 -12.09 -0.15
N SER B 172 8.69 -11.45 -0.81
CA SER B 172 10.11 -11.60 -0.54
C SER B 172 10.81 -10.26 -0.70
N PRO B 173 11.76 -9.94 0.18
CA PRO B 173 12.57 -8.74 -0.03
C PRO B 173 13.41 -8.79 -1.30
N LYS B 174 13.56 -9.98 -1.89
CA LYS B 174 14.27 -10.10 -3.17
C LYS B 174 13.43 -9.57 -4.34
N VAL B 175 12.11 -9.64 -4.25
CA VAL B 175 11.23 -9.03 -5.25
C VAL B 175 10.06 -8.34 -4.57
N SER B 176 10.30 -7.18 -3.96
CA SER B 176 9.27 -6.49 -3.19
C SER B 176 8.81 -5.23 -3.89
N ASP B 177 7.51 -5.04 -3.96
CA ASP B 177 6.93 -3.78 -4.40
C ASP B 177 6.75 -2.78 -3.27
N THR B 178 6.76 -3.20 -2.01
CA THR B 178 6.38 -2.29 -0.95
C THR B 178 7.03 -2.68 0.39
N VAL B 179 7.30 -1.65 1.21
CA VAL B 179 8.02 -1.80 2.46
C VAL B 179 7.18 -2.41 3.58
N VAL B 180 5.86 -2.44 3.44
CA VAL B 180 5.00 -3.01 4.49
C VAL B 180 4.55 -4.42 4.16
N GLU B 181 5.24 -5.12 3.25
CA GLU B 181 4.85 -6.49 2.93
C GLU B 181 4.73 -7.41 4.13
N PRO B 182 5.62 -7.35 5.15
CA PRO B 182 5.46 -8.28 6.29
C PRO B 182 4.18 -8.09 7.08
N TYR B 183 3.74 -6.84 7.27
CA TYR B 183 2.44 -6.60 7.92
C TYR B 183 1.31 -7.20 7.09
N ASN B 184 1.24 -6.82 5.81
CA ASN B 184 0.18 -7.34 4.95
C ASN B 184 0.15 -8.86 4.94
N ALA B 185 1.29 -9.51 4.74
CA ALA B 185 1.30 -10.97 4.66
C ALA B 185 0.87 -11.60 5.98
N THR B 186 1.34 -11.06 7.11
CA THR B 186 1.01 -11.66 8.39
C THR B 186 -0.47 -11.49 8.72
N LEU B 187 -1.04 -10.32 8.44
CA LEU B 187 -2.46 -10.11 8.74
C LEU B 187 -3.36 -11.04 7.94
N SER B 188 -2.98 -11.38 6.71
CA SER B 188 -3.84 -12.23 5.90
C SER B 188 -3.56 -13.73 6.08
N VAL B 189 -2.38 -14.12 6.57
CA VAL B 189 -2.16 -15.54 6.85
C VAL B 189 -3.05 -15.98 8.00
N HIS B 190 -3.21 -15.13 9.00
CA HIS B 190 -4.28 -15.24 9.98
C HIS B 190 -5.62 -15.64 9.34
N GLN B 191 -6.06 -14.86 8.36
CA GLN B 191 -7.32 -15.10 7.67
C GLN B 191 -7.34 -16.46 6.96
N LEU B 192 -6.26 -16.78 6.24
CA LEU B 192 -6.22 -18.03 5.46
C LEU B 192 -6.27 -19.26 6.36
N VAL B 193 -5.58 -19.22 7.51
CA VAL B 193 -5.63 -20.32 8.47
C VAL B 193 -7.08 -20.61 8.85
N GLU B 194 -7.88 -19.55 9.02
CA GLU B 194 -9.24 -19.68 9.49
C GLU B 194 -10.19 -20.19 8.41
N ASN B 195 -10.09 -19.63 7.19
CA ASN B 195 -11.19 -19.66 6.22
C ASN B 195 -10.88 -20.32 4.89
N THR B 196 -9.71 -20.91 4.68
CA THR B 196 -9.51 -21.69 3.46
C THR B 196 -9.39 -23.17 3.78
N ASP B 197 -9.65 -23.98 2.76
CA ASP B 197 -9.49 -25.43 2.85
C ASP B 197 -8.20 -25.95 2.21
N GLU B 198 -7.67 -25.29 1.18
CA GLU B 198 -6.37 -25.63 0.62
C GLU B 198 -5.72 -24.34 0.17
N THR B 199 -4.45 -24.14 0.51
CA THR B 199 -3.72 -22.96 0.03
C THR B 199 -2.41 -23.44 -0.58
N TYR B 200 -2.19 -23.08 -1.84
CA TYR B 200 -0.92 -23.36 -2.50
C TYR B 200 0.01 -22.19 -2.24
N CYS B 201 1.11 -22.46 -1.55
CA CYS B 201 2.03 -21.40 -1.14
C CYS B 201 3.02 -21.16 -2.26
N ILE B 202 2.83 -20.03 -2.95
CA ILE B 202 3.75 -19.59 -3.98
C ILE B 202 4.72 -18.62 -3.33
N ASP B 203 5.98 -19.00 -3.20
CA ASP B 203 6.95 -18.16 -2.53
C ASP B 203 7.79 -17.41 -3.57
N ASN B 204 7.67 -16.07 -3.58
CA ASN B 204 8.52 -15.26 -4.45
C ASN B 204 9.99 -15.45 -4.11
N GLU B 205 10.31 -15.71 -2.85
CA GLU B 205 11.69 -16.03 -2.49
C GLU B 205 12.22 -17.22 -3.27
N ALA B 206 11.39 -18.25 -3.42
CA ALA B 206 11.79 -19.47 -4.13
C ALA B 206 11.77 -19.26 -5.63
N LEU B 207 10.71 -18.62 -6.16
CA LEU B 207 10.67 -18.35 -7.59
C LEU B 207 11.90 -17.56 -8.03
N TYR B 208 12.20 -16.47 -7.30
CA TYR B 208 13.40 -15.70 -7.59
C TYR B 208 14.65 -16.57 -7.51
N ASP B 209 14.75 -17.42 -6.50
CA ASP B 209 15.95 -18.23 -6.33
C ASP B 209 16.07 -19.28 -7.42
N ILE B 210 14.95 -19.84 -7.89
CA ILE B 210 15.01 -20.77 -9.02
C ILE B 210 15.48 -20.04 -10.27
N CYS B 211 14.89 -18.88 -10.58
CA CYS B 211 15.28 -18.14 -11.77
C CYS B 211 16.76 -17.76 -11.73
N PHE B 212 17.23 -17.33 -10.57
CA PHE B 212 18.61 -16.87 -10.45
C PHE B 212 19.58 -18.05 -10.49
N ARG B 213 19.36 -19.05 -9.63
CA ARG B 213 20.37 -20.08 -9.36
C ARG B 213 20.33 -21.21 -10.38
N THR B 214 19.14 -21.72 -10.69
CA THR B 214 19.02 -22.85 -11.61
C THR B 214 18.94 -22.39 -13.07
N LEU B 215 18.12 -21.38 -13.35
CA LEU B 215 17.87 -20.89 -14.70
C LEU B 215 18.89 -19.86 -15.16
N LYS B 216 19.86 -19.52 -14.32
CA LYS B 216 20.98 -18.64 -14.68
C LYS B 216 20.50 -17.32 -15.29
N LEU B 217 19.49 -16.73 -14.66
CA LEU B 217 18.96 -15.43 -15.05
C LEU B 217 19.51 -14.40 -14.07
N THR B 218 20.44 -13.57 -14.53
CA THR B 218 21.02 -12.56 -13.66
C THR B 218 19.94 -11.74 -12.97
N THR B 219 18.97 -11.27 -13.74
CA THR B 219 17.98 -10.32 -13.26
C THR B 219 16.58 -10.85 -13.50
N PRO B 220 16.03 -11.60 -12.54
CA PRO B 220 14.66 -12.10 -12.69
C PRO B 220 13.67 -10.96 -12.80
N THR B 221 12.64 -11.18 -13.61
CA THR B 221 11.48 -10.31 -13.65
C THR B 221 10.24 -11.09 -13.28
N TYR B 222 9.15 -10.35 -13.05
CA TYR B 222 7.88 -10.99 -12.76
C TYR B 222 7.43 -11.89 -13.89
N GLY B 223 7.80 -11.57 -15.13
CA GLY B 223 7.52 -12.49 -16.22
C GLY B 223 8.14 -13.85 -16.00
N ASP B 224 9.40 -13.87 -15.55
CA ASP B 224 10.08 -15.14 -15.26
C ASP B 224 9.38 -15.88 -14.14
N LEU B 225 9.21 -15.22 -12.99
CA LEU B 225 8.52 -15.86 -11.86
C LEU B 225 7.16 -16.42 -12.28
N ASN B 226 6.42 -15.66 -13.10
CA ASN B 226 5.09 -16.08 -13.49
C ASN B 226 5.11 -17.26 -14.46
N HIS B 227 6.18 -17.42 -15.24
CA HIS B 227 6.33 -18.62 -16.05
C HIS B 227 6.32 -19.87 -15.19
N LEU B 228 7.01 -19.84 -14.05
CA LEU B 228 6.99 -20.99 -13.14
C LEU B 228 5.63 -21.14 -12.47
N VAL B 229 4.99 -20.03 -12.11
CA VAL B 229 3.72 -20.11 -11.40
C VAL B 229 2.63 -20.71 -12.28
N SER B 230 2.62 -20.35 -13.57
CA SER B 230 1.52 -20.83 -14.41
C SER B 230 1.69 -22.30 -14.73
N ALA B 231 2.93 -22.76 -14.91
CA ALA B 231 3.18 -24.18 -15.07
C ALA B 231 2.67 -24.97 -13.88
N THR B 232 2.97 -24.48 -12.67
CA THR B 232 2.51 -25.15 -11.46
C THR B 232 0.98 -25.15 -11.38
N MET B 233 0.35 -24.03 -11.73
CA MET B 233 -1.11 -24.00 -11.66
C MET B 233 -1.75 -24.92 -12.70
N SER B 234 -1.12 -25.04 -13.87
CA SER B 234 -1.58 -26.02 -14.84
C SER B 234 -1.49 -27.42 -14.26
N GLY B 235 -0.31 -27.78 -13.75
CA GLY B 235 -0.12 -29.13 -13.27
C GLY B 235 -1.03 -29.47 -12.11
N VAL B 236 -1.19 -28.53 -11.17
CA VAL B 236 -1.96 -28.78 -9.97
C VAL B 236 -3.42 -29.11 -10.30
N THR B 237 -3.95 -28.56 -11.40
CA THR B 237 -5.34 -28.72 -11.79
C THR B 237 -5.55 -29.74 -12.91
N THR B 238 -4.49 -30.44 -13.33
CA THR B 238 -4.60 -31.35 -14.47
C THR B 238 -5.71 -32.38 -14.26
N CYS B 239 -5.87 -32.85 -13.02
CA CYS B 239 -6.88 -33.84 -12.70
C CYS B 239 -8.27 -33.26 -12.55
N LEU B 240 -8.40 -31.95 -12.29
CA LEU B 240 -9.72 -31.35 -12.41
C LEU B 240 -10.11 -31.19 -13.87
N ARG B 241 -9.15 -30.81 -14.71
CA ARG B 241 -9.44 -30.39 -16.09
C ARG B 241 -9.49 -31.53 -17.06
N PHE B 242 -8.66 -32.54 -16.88
CA PHE B 242 -8.69 -33.59 -17.88
C PHE B 242 -9.30 -34.86 -17.34
N PRO B 243 -10.03 -35.58 -18.19
CA PRO B 243 -10.46 -36.93 -17.82
C PRO B 243 -9.23 -37.80 -17.61
N GLY B 244 -9.35 -38.73 -16.68
CA GLY B 244 -8.24 -39.61 -16.44
C GLY B 244 -8.66 -40.79 -15.63
N GLN B 245 -7.66 -41.44 -15.03
CA GLN B 245 -7.93 -42.48 -14.04
C GLN B 245 -8.78 -41.92 -12.90
N LEU B 246 -8.50 -40.69 -12.50
CA LEU B 246 -9.06 -40.12 -11.28
C LEU B 246 -10.45 -39.54 -11.53
N ASN B 247 -11.44 -40.03 -10.78
CA ASN B 247 -12.74 -39.36 -10.67
C ASN B 247 -12.79 -38.62 -9.34
N ALA B 248 -12.13 -37.45 -9.30
CA ALA B 248 -11.98 -36.73 -8.04
C ALA B 248 -12.07 -35.23 -8.28
N ASP B 249 -12.55 -34.52 -7.25
CA ASP B 249 -12.79 -33.09 -7.26
C ASP B 249 -11.98 -32.42 -6.16
N LEU B 250 -12.27 -31.14 -5.92
CA LEU B 250 -11.55 -30.41 -4.89
C LEU B 250 -11.87 -30.91 -3.49
N ARG B 251 -13.07 -31.45 -3.28
CA ARG B 251 -13.38 -31.85 -1.91
C ARG B 251 -12.61 -33.10 -1.51
N LYS B 252 -12.57 -34.10 -2.40
CA LYS B 252 -11.80 -35.30 -2.13
C LYS B 252 -10.32 -34.99 -1.93
N LEU B 253 -9.79 -33.99 -2.63
CA LEU B 253 -8.40 -33.60 -2.41
C LEU B 253 -8.22 -33.07 -1.00
N ALA B 254 -9.13 -32.22 -0.55
CA ALA B 254 -9.01 -31.65 0.79
C ALA B 254 -9.05 -32.74 1.84
N VAL B 255 -9.94 -33.72 1.64
CA VAL B 255 -10.11 -34.80 2.61
C VAL B 255 -8.83 -35.59 2.80
N ASN B 256 -8.20 -35.99 1.69
CA ASN B 256 -7.02 -36.84 1.74
C ASN B 256 -5.71 -36.08 1.96
N MET B 257 -5.66 -34.78 1.69
CA MET B 257 -4.41 -34.06 1.88
C MET B 257 -4.35 -33.29 3.21
N VAL B 258 -5.48 -33.05 3.88
CA VAL B 258 -5.50 -32.20 5.06
C VAL B 258 -5.87 -33.00 6.31
N PRO B 259 -4.88 -33.57 7.03
CA PRO B 259 -5.22 -34.36 8.21
C PRO B 259 -5.68 -33.55 9.42
N PHE B 260 -5.42 -32.25 9.46
CA PHE B 260 -5.77 -31.35 10.57
C PHE B 260 -6.17 -30.02 9.98
N PRO B 261 -7.25 -29.43 10.46
CA PRO B 261 -7.85 -28.30 9.72
C PRO B 261 -6.89 -27.16 9.43
N ARG B 262 -6.14 -26.69 10.42
CA ARG B 262 -5.24 -25.56 10.19
C ARG B 262 -4.10 -25.90 9.23
N LEU B 263 -3.73 -27.17 9.12
CA LEU B 263 -2.52 -27.55 8.38
C LEU B 263 -2.88 -27.83 6.93
N HIS B 264 -3.23 -26.76 6.23
CA HIS B 264 -3.73 -26.88 4.88
C HIS B 264 -2.96 -25.99 3.90
N PHE B 265 -1.69 -25.73 4.19
CA PHE B 265 -0.81 -24.96 3.31
C PHE B 265 0.14 -25.92 2.60
N PHE B 266 0.15 -25.87 1.28
CA PHE B 266 0.86 -26.86 0.47
C PHE B 266 2.10 -26.25 -0.17
N MET B 267 3.18 -27.03 -0.19
CA MET B 267 4.36 -26.71 -0.97
C MET B 267 4.16 -27.21 -2.40
N PRO B 268 4.09 -26.33 -3.39
CA PRO B 268 4.06 -26.77 -4.78
C PRO B 268 5.46 -26.98 -5.33
N GLY B 269 5.58 -27.98 -6.22
CA GLY B 269 6.82 -28.22 -6.91
C GLY B 269 6.55 -28.54 -8.36
N PHE B 270 7.59 -28.45 -9.17
CA PHE B 270 7.42 -28.75 -10.58
C PHE B 270 8.75 -29.18 -11.19
N ALA B 271 8.66 -30.01 -12.22
CA ALA B 271 9.83 -30.49 -12.96
C ALA B 271 9.38 -30.87 -14.36
N PRO B 272 10.15 -30.56 -15.40
CA PRO B 272 11.43 -29.84 -15.34
C PRO B 272 11.28 -28.33 -15.20
N LEU B 273 12.22 -27.68 -14.53
CA LEU B 273 12.22 -26.22 -14.42
C LEU B 273 12.78 -25.65 -15.71
N THR B 274 12.00 -24.80 -16.37
CA THR B 274 12.38 -24.26 -17.67
C THR B 274 12.38 -22.73 -17.64
N SER B 275 13.10 -22.19 -18.60
CA SER B 275 13.12 -20.76 -18.88
C SER B 275 12.21 -20.50 -20.07
N ARG B 276 11.62 -19.31 -20.09
CA ARG B 276 10.85 -18.88 -21.26
C ARG B 276 11.74 -18.88 -22.50
N GLY B 277 11.27 -19.51 -23.57
CA GLY B 277 11.95 -19.44 -24.84
C GLY B 277 12.83 -20.62 -25.24
N SER B 278 13.69 -21.09 -24.33
CA SER B 278 14.62 -22.18 -24.64
C SER B 278 13.90 -23.44 -25.11
N LEU B 284 12.95 -35.05 -19.80
CA LEU B 284 13.83 -35.69 -18.84
C LEU B 284 13.35 -37.12 -18.55
N THR B 285 14.22 -37.95 -17.96
CA THR B 285 13.85 -39.33 -17.71
C THR B 285 12.90 -39.43 -16.51
N VAL B 286 12.05 -40.45 -16.54
CA VAL B 286 11.18 -40.70 -15.39
C VAL B 286 11.95 -40.81 -14.09
N PRO B 287 13.05 -41.56 -13.98
CA PRO B 287 13.78 -41.56 -12.70
C PRO B 287 14.20 -40.16 -12.29
N GLU B 288 14.78 -39.40 -13.22
CA GLU B 288 15.18 -38.03 -12.92
C GLU B 288 13.97 -37.17 -12.54
N LEU B 289 12.86 -37.32 -13.27
CA LEU B 289 11.63 -36.61 -12.92
C LEU B 289 11.20 -36.90 -11.48
N THR B 290 11.15 -38.17 -11.12
CA THR B 290 10.78 -38.55 -9.77
C THR B 290 11.72 -37.94 -8.74
N GLN B 291 13.00 -37.88 -9.05
CA GLN B 291 13.98 -37.40 -8.07
C GLN B 291 13.92 -35.89 -7.91
N GLN B 292 14.00 -35.14 -9.00
CA GLN B 292 13.98 -33.68 -8.85
C GLN B 292 12.64 -33.17 -8.34
N MET B 293 11.66 -34.04 -8.17
CA MET B 293 10.39 -33.60 -7.65
C MET B 293 10.43 -33.46 -6.12
N PHE B 294 11.27 -34.25 -5.46
CA PHE B 294 11.47 -34.07 -4.02
C PHE B 294 12.75 -33.29 -3.72
N ASP B 295 13.26 -32.55 -4.70
CA ASP B 295 14.48 -31.75 -4.58
C ASP B 295 14.11 -30.33 -4.12
N SER B 296 14.89 -29.80 -3.18
CA SER B 296 14.66 -28.46 -2.67
C SER B 296 14.63 -27.43 -3.79
N LYS B 297 15.49 -27.60 -4.80
CA LYS B 297 15.61 -26.64 -5.89
C LYS B 297 14.36 -26.54 -6.74
N ASN B 298 13.38 -27.42 -6.55
CA ASN B 298 12.15 -27.44 -7.34
C ASN B 298 10.91 -27.03 -6.56
N MET B 299 11.05 -26.65 -5.29
CA MET B 299 9.89 -26.22 -4.51
C MET B 299 9.58 -24.75 -4.75
N MET B 300 8.32 -24.44 -5.06
CA MET B 300 7.86 -23.07 -5.15
C MET B 300 7.62 -22.45 -3.79
N ALA B 301 7.89 -23.16 -2.70
CA ALA B 301 7.96 -22.56 -1.38
C ALA B 301 9.40 -22.68 -0.90
N ALA B 302 9.99 -21.56 -0.48
CA ALA B 302 11.40 -21.55 -0.12
C ALA B 302 11.59 -22.22 1.24
N CYS B 303 11.31 -23.52 1.27
CA CYS B 303 11.59 -24.38 2.40
C CYS B 303 12.34 -25.60 1.90
N ASP B 304 13.27 -26.10 2.73
CA ASP B 304 13.95 -27.35 2.45
C ASP B 304 13.11 -28.51 2.99
N PRO B 305 12.48 -29.32 2.15
CA PRO B 305 11.63 -30.38 2.71
C PRO B 305 12.40 -31.37 3.59
N ARG B 306 13.70 -31.57 3.34
CA ARG B 306 14.51 -32.42 4.23
C ARG B 306 14.70 -31.81 5.62
N HIS B 307 14.15 -30.64 5.88
CA HIS B 307 14.11 -30.07 7.21
C HIS B 307 12.89 -30.51 8.00
N GLY B 308 11.95 -31.17 7.35
CA GLY B 308 10.74 -31.58 8.03
C GLY B 308 10.30 -32.94 7.55
N ARG B 309 9.01 -33.20 7.63
CA ARG B 309 8.44 -34.47 7.20
C ARG B 309 7.12 -34.20 6.49
N TYR B 310 6.84 -35.03 5.49
CA TYR B 310 5.59 -34.91 4.75
C TYR B 310 4.47 -35.60 5.54
N LEU B 311 3.36 -34.90 5.72
CA LEU B 311 2.14 -35.57 6.17
C LEU B 311 1.51 -36.36 5.02
N THR B 312 1.34 -35.70 3.87
CA THR B 312 0.74 -36.25 2.66
C THR B 312 1.41 -35.63 1.45
N VAL B 313 1.42 -36.37 0.34
CA VAL B 313 2.01 -35.86 -0.90
C VAL B 313 1.14 -36.31 -2.07
N ALA B 314 0.87 -35.39 -2.99
CA ALA B 314 0.27 -35.70 -4.28
C ALA B 314 1.25 -35.35 -5.38
N ALA B 315 1.46 -36.27 -6.30
CA ALA B 315 2.32 -36.06 -7.46
C ALA B 315 1.52 -36.43 -8.70
N ILE B 316 1.62 -35.64 -9.75
CA ILE B 316 1.00 -36.02 -11.01
C ILE B 316 2.01 -35.88 -12.14
N PHE B 317 2.06 -36.91 -12.98
CA PHE B 317 2.97 -36.99 -14.10
C PHE B 317 2.17 -36.77 -15.37
N ARG B 318 2.70 -35.94 -16.26
CA ARG B 318 2.03 -35.67 -17.52
C ARG B 318 2.91 -36.13 -18.67
N GLY B 319 2.31 -36.74 -19.67
CA GLY B 319 3.03 -37.25 -20.81
C GLY B 319 2.93 -38.76 -20.91
N ARG B 320 3.36 -39.26 -22.08
CA ARG B 320 3.37 -40.69 -22.36
C ARG B 320 4.57 -41.32 -21.68
N MET B 321 4.31 -42.31 -20.81
CA MET B 321 5.33 -42.90 -19.95
C MET B 321 4.70 -44.08 -19.23
N SER B 322 5.43 -45.17 -19.06
CA SER B 322 4.84 -46.33 -18.41
C SER B 322 4.57 -46.02 -16.94
N MET B 323 3.37 -46.35 -16.47
CA MET B 323 3.08 -46.14 -15.06
C MET B 323 3.86 -47.13 -14.19
N LYS B 324 4.23 -48.28 -14.75
CA LYS B 324 5.04 -49.24 -14.00
C LYS B 324 6.37 -48.64 -13.58
N GLU B 325 7.00 -47.86 -14.47
CA GLU B 325 8.24 -47.20 -14.10
C GLU B 325 8.01 -45.99 -13.20
N VAL B 326 6.88 -45.28 -13.37
CA VAL B 326 6.53 -44.21 -12.44
C VAL B 326 6.38 -44.77 -11.02
N ASP B 327 5.58 -45.82 -10.87
CA ASP B 327 5.32 -46.35 -9.53
C ASP B 327 6.57 -46.92 -8.89
N GLU B 328 7.44 -47.52 -9.71
CA GLU B 328 8.64 -48.16 -9.18
C GLU B 328 9.60 -47.12 -8.62
N GLN B 329 9.73 -45.99 -9.33
CA GLN B 329 10.60 -44.92 -8.87
C GLN B 329 9.98 -44.17 -7.68
N MET B 330 8.66 -44.01 -7.66
CA MET B 330 8.06 -43.33 -6.51
C MET B 330 8.16 -44.18 -5.25
N LEU B 331 8.10 -45.51 -5.37
CA LEU B 331 8.28 -46.34 -4.19
C LEU B 331 9.75 -46.36 -3.76
N ASN B 332 10.66 -46.44 -4.73
CA ASN B 332 12.08 -46.34 -4.42
C ASN B 332 12.40 -45.07 -3.65
N VAL B 333 11.87 -43.92 -4.10
CA VAL B 333 12.17 -42.65 -3.43
C VAL B 333 11.62 -42.65 -2.01
N GLN B 334 10.32 -42.93 -1.85
CA GLN B 334 9.73 -43.15 -0.53
C GLN B 334 10.61 -44.00 0.38
N ASN B 335 10.89 -45.25 -0.02
CA ASN B 335 11.66 -46.14 0.84
C ASN B 335 13.08 -45.64 1.08
N LYS B 336 13.68 -44.96 0.09
CA LYS B 336 15.02 -44.42 0.27
C LYS B 336 15.04 -43.31 1.32
N ASN B 337 14.00 -42.46 1.34
CA ASN B 337 13.93 -41.30 2.22
C ASN B 337 12.90 -41.47 3.32
N SER B 338 12.84 -42.65 3.93
CA SER B 338 11.70 -42.96 4.79
C SER B 338 11.56 -41.97 5.95
N SER B 339 12.67 -41.41 6.42
CA SER B 339 12.55 -40.55 7.58
C SER B 339 11.98 -39.17 7.27
N TYR B 340 11.61 -38.89 6.03
CA TYR B 340 11.00 -37.61 5.71
C TYR B 340 9.50 -37.73 5.47
N PHE B 341 8.93 -38.92 5.68
CA PHE B 341 7.49 -39.17 5.67
C PHE B 341 7.05 -39.63 7.05
N VAL B 342 5.93 -39.09 7.54
CA VAL B 342 5.37 -39.56 8.80
C VAL B 342 4.89 -40.99 8.61
N GLU B 343 5.16 -41.82 9.61
CA GLU B 343 4.75 -43.23 9.52
C GLU B 343 3.34 -43.47 10.01
N TRP B 344 2.72 -42.50 10.66
CA TRP B 344 1.35 -42.64 11.14
C TRP B 344 0.32 -42.19 10.12
N ILE B 345 0.71 -42.00 8.86
CA ILE B 345 -0.27 -41.88 7.78
C ILE B 345 0.12 -42.83 6.65
N PRO B 346 -0.40 -44.06 6.63
CA PRO B 346 0.04 -45.05 5.64
C PRO B 346 -0.27 -44.63 4.20
N ASN B 347 0.62 -44.97 3.27
CA ASN B 347 0.40 -44.74 1.85
C ASN B 347 0.02 -43.28 1.59
N ASN B 348 0.86 -42.39 2.11
CA ASN B 348 0.55 -40.97 2.10
C ASN B 348 1.18 -40.26 0.91
N VAL B 349 1.71 -41.00 -0.05
CA VAL B 349 2.22 -40.45 -1.30
C VAL B 349 1.39 -41.01 -2.45
N LYS B 350 0.61 -40.16 -3.10
CA LYS B 350 -0.29 -40.59 -4.15
C LYS B 350 0.16 -40.05 -5.49
N THR B 351 -0.08 -40.82 -6.54
CA THR B 351 0.44 -40.55 -7.87
C THR B 351 -0.66 -40.70 -8.89
N ALA B 352 -0.81 -39.70 -9.73
CA ALA B 352 -1.71 -39.74 -10.86
C ALA B 352 -0.92 -39.45 -12.13
N VAL B 353 -1.28 -40.11 -13.22
CA VAL B 353 -0.68 -39.87 -14.52
C VAL B 353 -1.75 -39.36 -15.49
N CYS B 354 -1.37 -38.45 -16.39
CA CYS B 354 -2.24 -37.98 -17.46
C CYS B 354 -1.48 -38.01 -18.78
N ASP B 355 -2.12 -38.55 -19.83
CA ASP B 355 -1.44 -38.72 -21.11
C ASP B 355 -1.07 -37.39 -21.75
N ILE B 356 -1.92 -36.39 -21.62
CA ILE B 356 -1.74 -35.12 -22.34
C ILE B 356 -0.58 -34.34 -21.74
N PRO B 357 0.56 -34.24 -22.44
CA PRO B 357 1.67 -33.49 -21.89
C PRO B 357 1.39 -31.99 -21.95
N PRO B 358 1.98 -31.21 -21.06
CA PRO B 358 1.79 -29.77 -21.12
C PRO B 358 2.47 -29.17 -22.33
N ARG B 359 1.94 -28.04 -22.79
CA ARG B 359 2.43 -27.41 -24.01
C ARG B 359 3.92 -27.12 -23.90
N GLY B 360 4.68 -27.52 -24.93
CA GLY B 360 6.11 -27.31 -24.96
C GLY B 360 6.97 -28.40 -24.38
N LEU B 361 6.38 -29.40 -23.71
CA LEU B 361 7.15 -30.43 -23.02
C LEU B 361 6.54 -31.80 -23.28
N LYS B 362 7.36 -32.77 -23.62
CA LYS B 362 6.82 -34.11 -23.83
C LYS B 362 6.61 -34.88 -22.53
N MET B 363 7.21 -34.45 -21.42
CA MET B 363 6.99 -35.05 -20.10
C MET B 363 7.18 -34.00 -19.02
N SER B 364 6.49 -34.19 -17.89
CA SER B 364 6.63 -33.30 -16.74
C SER B 364 6.00 -33.95 -15.52
N ALA B 365 6.20 -33.31 -14.37
CA ALA B 365 5.67 -33.79 -13.11
C ALA B 365 5.39 -32.59 -12.23
N THR B 366 4.31 -32.65 -11.47
CA THR B 366 3.92 -31.59 -10.57
C THR B 366 3.74 -32.20 -9.19
N PHE B 367 4.12 -31.46 -8.15
CA PHE B 367 4.23 -31.98 -6.81
C PHE B 367 3.43 -31.10 -5.87
N ILE B 368 2.58 -31.73 -5.05
CA ILE B 368 1.84 -31.06 -3.99
C ILE B 368 2.13 -31.82 -2.71
N GLY B 369 2.77 -31.16 -1.77
CA GLY B 369 3.16 -31.81 -0.54
C GLY B 369 2.68 -30.97 0.63
N ASN B 370 2.13 -31.66 1.63
CA ASN B 370 1.80 -31.02 2.89
C ASN B 370 2.92 -31.38 3.84
N SER B 371 3.84 -30.44 4.06
CA SER B 371 5.07 -30.70 4.80
C SER B 371 5.19 -29.86 6.06
N THR B 372 5.72 -30.46 7.14
CA THR B 372 6.02 -29.66 8.32
C THR B 372 7.09 -28.61 8.03
N ALA B 373 7.89 -28.79 6.98
CA ALA B 373 8.89 -27.80 6.67
C ALA B 373 8.28 -26.50 6.16
N ILE B 374 6.98 -26.46 5.83
CA ILE B 374 6.39 -25.19 5.45
C ILE B 374 6.49 -24.18 6.58
N GLN B 375 6.66 -24.64 7.83
CA GLN B 375 6.84 -23.72 8.94
C GLN B 375 8.03 -22.78 8.75
N GLU B 376 8.99 -23.12 7.88
CA GLU B 376 10.09 -22.19 7.65
C GLU B 376 9.60 -20.94 6.95
N LEU B 377 8.67 -21.07 6.02
CA LEU B 377 8.11 -19.91 5.34
C LEU B 377 7.50 -18.94 6.37
N PHE B 378 6.69 -19.47 7.29
CA PHE B 378 5.99 -18.59 8.24
C PHE B 378 6.95 -17.98 9.26
N LYS B 379 7.94 -18.76 9.72
CA LYS B 379 8.98 -18.18 10.57
C LYS B 379 9.62 -16.97 9.89
N ARG B 380 9.86 -17.07 8.58
CA ARG B 380 10.48 -15.97 7.86
C ARG B 380 9.58 -14.75 7.85
N ILE B 381 8.30 -14.90 7.50
CA ILE B 381 7.38 -13.78 7.58
C ILE B 381 7.33 -13.23 9.02
N SER B 382 7.40 -14.14 10.00
CA SER B 382 7.26 -13.74 11.40
C SER B 382 8.47 -12.91 11.87
N GLU B 383 9.68 -13.24 11.42
CA GLU B 383 10.84 -12.46 11.85
C GLU B 383 10.86 -11.08 11.20
N GLN B 384 10.47 -10.99 9.92
CA GLN B 384 10.32 -9.68 9.30
C GLN B 384 9.20 -8.89 9.95
N PHE B 385 8.12 -9.57 10.35
CA PHE B 385 7.05 -8.88 11.06
C PHE B 385 7.55 -8.27 12.35
N THR B 386 8.30 -9.04 13.13
CA THR B 386 8.73 -8.57 14.45
C THR B 386 9.79 -7.47 14.34
N ALA B 387 10.63 -7.54 13.31
CA ALA B 387 11.63 -6.51 13.14
C ALA B 387 10.99 -5.14 12.90
N MET B 388 9.90 -5.09 12.14
CA MET B 388 9.23 -3.80 11.96
C MET B 388 8.35 -3.46 13.15
N PHE B 389 7.61 -4.46 13.66
CA PHE B 389 6.55 -4.19 14.62
C PHE B 389 7.11 -3.89 16.00
N ARG B 390 8.27 -4.43 16.36
CA ARG B 390 8.82 -4.07 17.67
C ARG B 390 9.26 -2.61 17.76
N ARG B 391 9.29 -1.90 16.62
CA ARG B 391 9.49 -0.45 16.57
C ARG B 391 8.22 0.29 16.14
N LYS B 392 7.10 -0.41 15.98
CA LYS B 392 5.84 0.19 15.55
C LYS B 392 6.00 0.94 14.23
N ALA B 393 6.92 0.50 13.37
CA ALA B 393 7.19 1.24 12.15
C ALA B 393 6.06 1.09 11.14
N PHE B 394 5.74 2.16 10.43
CA PHE B 394 4.65 2.22 9.45
C PHE B 394 3.30 1.83 10.04
N LEU B 395 3.22 1.75 11.36
CA LEU B 395 1.99 1.31 12.03
C LEU B 395 0.85 2.32 11.90
N HIS B 396 1.17 3.61 11.88
CA HIS B 396 0.12 4.64 11.88
C HIS B 396 -0.72 4.62 10.60
N TRP B 397 -0.19 4.04 9.52
CA TRP B 397 -1.02 3.90 8.32
C TRP B 397 -2.14 2.90 8.51
N TYR B 398 -2.00 1.96 9.46
CA TYR B 398 -2.98 0.93 9.79
C TYR B 398 -3.94 1.38 10.88
N THR B 399 -3.42 1.92 11.98
CA THR B 399 -4.28 2.50 13.00
C THR B 399 -5.11 3.64 12.42
N GLY B 400 -4.60 4.34 11.40
CA GLY B 400 -5.37 5.40 10.78
C GLY B 400 -6.62 4.88 10.10
N GLU B 401 -6.60 3.62 9.67
CA GLU B 401 -7.76 2.99 9.06
C GLU B 401 -8.75 2.43 10.08
N GLY B 402 -8.47 2.59 11.37
CA GLY B 402 -9.34 2.13 12.44
C GLY B 402 -8.90 0.86 13.11
N MET B 403 -7.83 0.22 12.63
CA MET B 403 -7.31 -0.99 13.26
C MET B 403 -6.65 -0.67 14.59
N ASP B 404 -6.71 -1.64 15.50
CA ASP B 404 -6.03 -1.59 16.78
C ASP B 404 -4.74 -2.39 16.72
N GLU B 405 -3.76 -1.99 17.54
CA GLU B 405 -2.51 -2.73 17.65
C GLU B 405 -2.75 -4.21 17.89
N MET B 406 -3.70 -4.56 18.76
CA MET B 406 -3.81 -5.96 19.15
C MET B 406 -4.27 -6.83 18.01
N GLU B 407 -4.92 -6.29 16.97
CA GLU B 407 -5.11 -7.08 15.77
C GLU B 407 -3.77 -7.56 15.22
N PHE B 408 -2.73 -6.73 15.32
CA PHE B 408 -1.42 -7.16 14.85
C PHE B 408 -0.87 -8.29 15.73
N THR B 409 -0.82 -8.08 17.04
CA THR B 409 -0.32 -9.14 17.92
C THR B 409 -1.13 -10.43 17.79
N GLU B 410 -2.45 -10.32 17.65
CA GLU B 410 -3.25 -11.51 17.43
C GLU B 410 -2.81 -12.24 16.16
N ALA B 411 -2.51 -11.51 15.09
CA ALA B 411 -2.14 -12.16 13.84
C ALA B 411 -0.80 -12.88 13.95
N GLU B 412 0.19 -12.27 14.60
CA GLU B 412 1.48 -12.93 14.77
C GLU B 412 1.39 -14.06 15.79
N SER B 413 0.62 -13.85 16.85
CA SER B 413 0.42 -14.93 17.82
C SER B 413 -0.17 -16.16 17.14
N ASN B 414 -1.15 -15.97 16.27
CA ASN B 414 -1.74 -17.09 15.58
C ASN B 414 -0.75 -17.75 14.62
N MET B 415 0.03 -16.94 13.90
CA MET B 415 1.00 -17.51 12.96
C MET B 415 2.11 -18.24 13.70
N ASN B 416 2.52 -17.72 14.86
CA ASN B 416 3.47 -18.44 15.69
C ASN B 416 2.84 -19.71 16.27
N ASP B 417 1.49 -19.76 16.40
CA ASP B 417 0.85 -21.01 16.83
C ASP B 417 0.84 -22.05 15.72
N LEU B 418 0.62 -21.59 14.49
CA LEU B 418 0.69 -22.45 13.31
C LEU B 418 2.07 -23.07 13.15
N VAL B 419 3.12 -22.28 13.37
CA VAL B 419 4.48 -22.81 13.32
C VAL B 419 4.65 -23.90 14.35
N SER B 420 4.30 -23.63 15.61
CA SER B 420 4.48 -24.65 16.64
C SER B 420 3.58 -25.86 16.39
N GLU B 421 2.40 -25.65 15.81
CA GLU B 421 1.55 -26.77 15.41
C GLU B 421 2.25 -27.66 14.39
N TYR B 422 2.81 -27.06 13.33
CA TYR B 422 3.60 -27.81 12.37
C TYR B 422 4.74 -28.56 13.05
N GLN B 423 5.42 -27.89 13.99
CA GLN B 423 6.55 -28.51 14.67
C GLN B 423 6.12 -29.70 15.50
N GLN B 424 4.90 -29.66 16.05
CA GLN B 424 4.42 -30.72 16.92
C GLN B 424 4.26 -32.04 16.16
N TYR B 425 3.80 -31.98 14.90
CA TYR B 425 3.68 -33.19 14.09
C TYR B 425 4.99 -33.59 13.44
N GLN B 426 5.92 -32.64 13.25
CA GLN B 426 7.28 -33.01 12.88
C GLN B 426 7.88 -33.99 13.88
N ASP B 427 7.60 -33.79 15.16
CA ASP B 427 8.22 -34.57 16.23
C ASP B 427 7.37 -35.74 16.69
N ALA B 428 6.15 -35.90 16.15
CA ALA B 428 5.28 -36.98 16.59
C ALA B 428 5.81 -38.32 16.12
N THR B 429 5.72 -39.32 16.99
CA THR B 429 6.18 -40.65 16.69
C THR B 429 4.97 -41.55 16.39
N ALA B 430 5.20 -42.85 16.22
CA ALA B 430 4.10 -43.80 16.13
C ALA B 430 4.07 -44.75 17.34
N MET C 1 -11.87 11.72 -11.25
CA MET C 1 -11.17 10.68 -10.51
C MET C 1 -9.73 11.05 -10.15
N ARG C 2 -9.33 10.70 -8.93
CA ARG C 2 -7.94 10.81 -8.49
C ARG C 2 -7.38 12.22 -8.68
N GLU C 3 -8.23 13.23 -8.56
CA GLU C 3 -7.78 14.61 -8.73
C GLU C 3 -6.80 15.01 -7.64
N CYS C 4 -5.87 15.89 -8.01
CA CYS C 4 -4.98 16.58 -7.08
C CYS C 4 -5.18 18.07 -7.23
N ILE C 5 -5.25 18.78 -6.11
CA ILE C 5 -5.44 20.21 -6.10
C ILE C 5 -4.15 20.84 -5.61
N SER C 6 -3.67 21.86 -6.34
CA SER C 6 -2.39 22.52 -6.07
C SER C 6 -2.59 23.94 -5.53
N ILE C 7 -1.90 24.25 -4.45
CA ILE C 7 -2.00 25.54 -3.80
C ILE C 7 -0.60 26.15 -3.75
N HIS C 8 -0.44 27.34 -4.34
CA HIS C 8 0.85 28.02 -4.40
C HIS C 8 0.76 29.31 -3.62
N VAL C 9 1.53 29.40 -2.55
CA VAL C 9 1.41 30.46 -1.56
C VAL C 9 2.69 31.31 -1.59
N GLY C 10 2.52 32.62 -1.66
CA GLY C 10 3.63 33.55 -1.57
C GLY C 10 4.48 33.59 -2.82
N GLN C 11 5.45 34.50 -2.83
CA GLN C 11 6.29 34.68 -4.01
C GLN C 11 6.93 33.37 -4.44
N ALA C 12 7.64 32.71 -3.52
CA ALA C 12 8.32 31.48 -3.90
C ALA C 12 7.33 30.45 -4.43
N GLY C 13 6.19 30.29 -3.74
CA GLY C 13 5.22 29.30 -4.17
C GLY C 13 4.65 29.61 -5.54
N VAL C 14 4.31 30.88 -5.78
CA VAL C 14 3.69 31.29 -7.02
C VAL C 14 4.68 31.18 -8.18
N GLN C 15 5.93 31.54 -7.95
CA GLN C 15 6.87 31.55 -9.06
C GLN C 15 7.24 30.13 -9.45
N ILE C 16 7.38 29.24 -8.46
CA ILE C 16 7.62 27.83 -8.74
C ILE C 16 6.43 27.21 -9.46
N GLY C 17 5.21 27.48 -8.99
CA GLY C 17 4.03 27.05 -9.72
C GLY C 17 4.03 27.48 -11.18
N ASN C 18 4.43 28.72 -11.46
CA ASN C 18 4.62 29.15 -12.85
C ASN C 18 5.50 28.17 -13.61
N ALA C 19 6.66 27.84 -13.05
CA ALA C 19 7.56 26.94 -13.74
C ALA C 19 6.92 25.57 -13.90
N CYS C 20 6.16 25.12 -12.90
CA CYS C 20 5.58 23.77 -12.94
C CYS C 20 4.47 23.68 -13.99
N TRP C 21 3.53 24.64 -13.96
CA TRP C 21 2.42 24.58 -14.90
C TRP C 21 2.87 24.84 -16.31
N GLU C 22 3.89 25.67 -16.51
CA GLU C 22 4.46 25.77 -17.86
C GLU C 22 5.02 24.40 -18.28
N LEU C 23 5.60 23.67 -17.33
CA LEU C 23 6.15 22.35 -17.66
C LEU C 23 5.04 21.34 -17.96
N TYR C 24 3.96 21.33 -17.18
CA TYR C 24 2.88 20.36 -17.41
C TYR C 24 2.23 20.59 -18.77
N CYS C 25 1.95 21.86 -19.12
CA CYS C 25 1.34 22.15 -20.41
C CYS C 25 2.21 21.65 -21.55
N LEU C 26 3.53 21.80 -21.40
CA LEU C 26 4.47 21.22 -22.37
C LEU C 26 4.44 19.69 -22.33
N GLU C 27 4.42 19.09 -21.13
CA GLU C 27 4.47 17.63 -21.04
C GLU C 27 3.23 16.98 -21.65
N HIS C 28 2.10 17.70 -21.65
CA HIS C 28 0.85 17.15 -22.14
C HIS C 28 0.32 17.80 -23.42
N GLY C 29 1.01 18.81 -23.95
CA GLY C 29 0.55 19.40 -25.20
C GLY C 29 -0.61 20.36 -25.06
N ILE C 30 -0.72 21.04 -23.93
CA ILE C 30 -1.75 22.03 -23.68
C ILE C 30 -1.16 23.38 -24.03
N GLN C 31 -1.78 24.10 -24.94
CA GLN C 31 -1.28 25.42 -25.27
C GLN C 31 -1.68 26.40 -24.18
N PRO C 32 -1.14 27.62 -24.19
CA PRO C 32 -1.38 28.52 -23.04
C PRO C 32 -2.82 28.96 -22.90
N ASP C 33 -3.65 28.82 -23.94
CA ASP C 33 -5.08 29.08 -23.77
C ASP C 33 -5.84 27.85 -23.25
N GLY C 34 -5.15 26.80 -22.84
CA GLY C 34 -5.83 25.62 -22.37
C GLY C 34 -6.40 24.74 -23.46
N GLN C 35 -6.29 25.13 -24.72
CA GLN C 35 -6.73 24.22 -25.75
C GLN C 35 -5.66 23.16 -26.00
N MET C 36 -6.10 22.05 -26.59
CA MET C 36 -5.27 20.90 -26.79
C MET C 36 -5.65 20.28 -28.13
N PRO C 37 -4.68 19.85 -28.94
CA PRO C 37 -4.95 19.14 -30.20
C PRO C 37 -5.19 17.64 -30.00
N ASP C 46 -4.78 8.51 -23.50
CA ASP C 46 -4.23 8.71 -22.16
C ASP C 46 -4.78 9.97 -21.50
N ASP C 47 -5.82 9.82 -20.69
CA ASP C 47 -6.46 10.97 -20.07
C ASP C 47 -6.00 11.20 -18.63
N SER C 48 -4.80 10.72 -18.28
CA SER C 48 -4.34 10.84 -16.90
C SER C 48 -4.08 12.29 -16.49
N PHE C 49 -3.85 13.19 -17.45
CA PHE C 49 -3.62 14.58 -17.08
C PHE C 49 -4.85 15.22 -16.45
N ASN C 50 -6.03 14.59 -16.57
CA ASN C 50 -7.23 15.13 -15.95
C ASN C 50 -7.19 15.10 -14.43
N THR C 51 -6.22 14.39 -13.83
CA THR C 51 -6.01 14.52 -12.38
C THR C 51 -5.58 15.93 -12.01
N PHE C 52 -4.91 16.62 -12.95
CA PHE C 52 -4.41 17.96 -12.69
C PHE C 52 -5.12 19.05 -13.48
N PHE C 53 -5.86 18.70 -14.53
CA PHE C 53 -6.59 19.66 -15.36
C PHE C 53 -8.05 19.22 -15.48
N SER C 54 -8.97 20.09 -15.09
CA SER C 54 -10.37 19.91 -15.48
C SER C 54 -10.57 20.42 -16.90
N GLU C 55 -11.68 20.01 -17.53
CA GLU C 55 -12.02 20.42 -18.88
C GLU C 55 -13.37 21.12 -18.88
N THR C 56 -13.43 22.32 -19.49
CA THR C 56 -14.69 23.03 -19.68
C THR C 56 -15.38 22.52 -20.94
N GLY C 57 -16.59 23.04 -21.20
CA GLY C 57 -17.38 22.51 -22.30
C GLY C 57 -16.76 22.81 -23.65
N ALA C 58 -16.03 23.91 -23.75
CA ALA C 58 -15.40 24.31 -24.99
C ALA C 58 -14.06 23.61 -25.24
N GLY C 59 -13.73 22.58 -24.46
CA GLY C 59 -12.46 21.91 -24.62
C GLY C 59 -11.29 22.59 -23.96
N LYS C 60 -11.54 23.49 -23.02
CA LYS C 60 -10.49 24.24 -22.35
C LYS C 60 -10.00 23.47 -21.12
N HIS C 61 -8.72 23.12 -21.10
CA HIS C 61 -8.12 22.42 -19.97
C HIS C 61 -7.56 23.41 -18.97
N VAL C 62 -8.00 23.30 -17.71
CA VAL C 62 -7.78 24.31 -16.70
C VAL C 62 -7.14 23.72 -15.45
N PRO C 63 -5.97 24.18 -15.02
CA PRO C 63 -5.31 23.62 -13.84
C PRO C 63 -6.21 23.59 -12.61
N ARG C 64 -6.08 22.53 -11.81
CA ARG C 64 -6.72 22.43 -10.51
C ARG C 64 -5.79 23.05 -9.47
N ALA C 65 -5.68 24.37 -9.55
CA ALA C 65 -4.68 25.13 -8.80
C ALA C 65 -5.24 26.45 -8.32
N VAL C 66 -4.86 26.85 -7.12
CA VAL C 66 -5.06 28.22 -6.64
C VAL C 66 -3.68 28.85 -6.47
N PHE C 67 -3.54 30.10 -6.89
CA PHE C 67 -2.37 30.92 -6.60
C PHE C 67 -2.78 31.99 -5.61
N VAL C 68 -2.03 32.12 -4.51
CA VAL C 68 -2.37 33.06 -3.45
C VAL C 68 -1.14 33.86 -3.04
N ASP C 69 -1.32 35.16 -2.83
CA ASP C 69 -0.27 35.97 -2.25
C ASP C 69 -0.93 37.15 -1.57
N LEU C 70 -0.33 37.62 -0.46
CA LEU C 70 -0.89 38.73 0.29
C LEU C 70 -0.63 40.07 -0.40
N GLU C 71 0.31 40.11 -1.32
CA GLU C 71 0.64 41.23 -2.17
C GLU C 71 0.33 40.89 -3.63
N PRO C 72 -0.08 41.87 -4.44
CA PRO C 72 -0.54 41.57 -5.81
C PRO C 72 0.57 41.47 -6.83
N THR C 73 1.82 41.77 -6.49
CA THR C 73 2.84 42.01 -7.50
C THR C 73 3.13 40.75 -8.30
N VAL C 74 3.49 39.66 -7.63
CA VAL C 74 3.96 38.45 -8.31
C VAL C 74 2.83 37.84 -9.16
N ILE C 75 1.61 37.81 -8.62
CA ILE C 75 0.49 37.23 -9.34
C ILE C 75 -0.01 38.15 -10.46
N ASP C 76 0.34 39.43 -10.40
CA ASP C 76 0.02 40.30 -11.53
C ASP C 76 0.84 39.93 -12.76
N GLU C 77 2.06 39.44 -12.58
CA GLU C 77 2.82 38.99 -13.74
C GLU C 77 2.15 37.78 -14.39
N VAL C 78 1.57 36.90 -13.56
CA VAL C 78 0.78 35.80 -14.09
C VAL C 78 -0.44 36.33 -14.82
N ARG C 79 -1.20 37.21 -14.15
CA ARG C 79 -2.42 37.77 -14.72
C ARG C 79 -2.19 38.49 -16.03
N THR C 80 -0.94 38.89 -16.33
CA THR C 80 -0.63 39.58 -17.57
C THR C 80 0.37 38.83 -18.46
N GLY C 81 0.90 37.70 -18.01
CA GLY C 81 1.94 37.01 -18.77
C GLY C 81 1.39 36.08 -19.83
N THR C 82 2.22 35.09 -20.18
CA THR C 82 1.88 34.16 -21.26
C THR C 82 0.64 33.33 -20.92
N TYR C 83 0.62 32.75 -19.74
CA TYR C 83 -0.41 31.83 -19.30
C TYR C 83 -1.60 32.53 -18.66
N ARG C 84 -1.79 33.82 -18.94
CA ARG C 84 -2.86 34.57 -18.29
C ARG C 84 -4.24 34.04 -18.64
N GLN C 85 -4.39 33.33 -19.77
CA GLN C 85 -5.65 32.71 -20.09
C GLN C 85 -5.69 31.24 -19.72
N LEU C 86 -4.69 30.74 -19.01
CA LEU C 86 -4.73 29.34 -18.61
C LEU C 86 -5.59 29.15 -17.36
N PHE C 87 -5.48 30.05 -16.40
CA PHE C 87 -6.27 29.99 -15.18
C PHE C 87 -7.48 30.92 -15.29
N HIS C 88 -8.60 30.50 -14.70
CA HIS C 88 -9.70 31.42 -14.47
C HIS C 88 -9.25 32.51 -13.49
N PRO C 89 -9.79 33.71 -13.60
CA PRO C 89 -9.32 34.79 -12.71
C PRO C 89 -9.55 34.52 -11.24
N GLU C 90 -10.62 33.81 -10.89
CA GLU C 90 -10.92 33.54 -9.49
C GLU C 90 -9.86 32.64 -8.85
N GLN C 91 -9.11 31.87 -9.64
CA GLN C 91 -8.02 31.07 -9.06
C GLN C 91 -6.81 31.90 -8.64
N LEU C 92 -6.68 33.15 -9.10
CA LEU C 92 -5.53 34.00 -8.76
C LEU C 92 -5.99 35.01 -7.71
N ILE C 93 -5.53 34.86 -6.48
CA ILE C 93 -6.04 35.60 -5.34
C ILE C 93 -4.93 36.44 -4.73
N THR C 94 -5.17 37.75 -4.61
CA THR C 94 -4.21 38.67 -4.03
C THR C 94 -4.88 39.62 -3.05
N GLY C 95 -4.17 39.92 -1.97
CA GLY C 95 -4.49 41.05 -1.13
C GLY C 95 -3.70 42.28 -1.51
N LYS C 96 -3.75 43.28 -0.64
CA LYS C 96 -3.12 44.55 -0.94
C LYS C 96 -1.72 44.72 -0.36
N GLU C 97 -1.38 43.98 0.69
CA GLU C 97 -0.23 44.26 1.54
C GLU C 97 0.43 42.94 1.94
N ASP C 98 1.75 42.85 1.83
CA ASP C 98 2.35 41.57 2.15
C ASP C 98 2.57 41.47 3.64
N ALA C 99 3.18 40.36 4.06
CA ALA C 99 3.40 40.02 5.45
C ALA C 99 4.77 40.50 5.93
N ALA C 100 5.49 41.25 5.10
CA ALA C 100 6.73 41.91 5.50
C ALA C 100 7.71 40.98 6.23
N ASN C 101 7.91 39.78 5.67
CA ASN C 101 8.82 38.78 6.25
C ASN C 101 8.45 38.38 7.68
N ASN C 102 7.21 38.58 8.08
CA ASN C 102 6.78 38.37 9.45
C ASN C 102 5.68 37.29 9.46
N TYR C 103 6.06 36.09 9.88
CA TYR C 103 5.13 34.99 10.07
C TYR C 103 3.79 35.43 10.67
N ALA C 104 3.84 36.14 11.81
CA ALA C 104 2.61 36.52 12.50
C ALA C 104 1.74 37.46 11.67
N ARG C 105 2.30 38.21 10.71
CA ARG C 105 1.41 38.93 9.81
C ARG C 105 0.75 37.96 8.83
N GLY C 106 1.49 36.97 8.34
CA GLY C 106 0.91 36.00 7.44
C GLY C 106 -0.14 35.13 8.11
N HIS C 107 0.15 34.71 9.34
CA HIS C 107 -0.75 33.80 10.05
C HIS C 107 -1.94 34.51 10.69
N TYR C 108 -1.80 35.78 11.11
CA TYR C 108 -2.90 36.42 11.84
C TYR C 108 -3.33 37.72 11.20
N THR C 109 -2.51 38.75 11.33
CA THR C 109 -2.96 40.12 11.08
C THR C 109 -3.43 40.31 9.65
N ILE C 110 -2.61 39.92 8.68
CA ILE C 110 -2.96 40.11 7.28
C ILE C 110 -3.69 38.89 6.75
N GLY C 111 -3.19 37.69 7.08
CA GLY C 111 -3.73 36.48 6.49
C GLY C 111 -5.19 36.23 6.80
N LYS C 112 -5.61 36.57 8.02
CA LYS C 112 -6.98 36.30 8.45
C LYS C 112 -8.01 37.08 7.64
N GLU C 113 -7.59 38.05 6.83
CA GLU C 113 -8.51 38.84 6.03
C GLU C 113 -8.76 38.23 4.65
N ILE C 114 -7.94 37.28 4.23
CA ILE C 114 -8.10 36.65 2.94
C ILE C 114 -8.33 35.15 3.02
N ILE C 115 -8.19 34.55 4.21
CA ILE C 115 -8.24 33.09 4.34
C ILE C 115 -9.60 32.53 3.91
N ASP C 116 -10.70 33.19 4.29
CA ASP C 116 -12.03 32.68 3.92
C ASP C 116 -12.23 32.69 2.42
N LEU C 117 -11.76 33.74 1.75
CA LEU C 117 -11.81 33.77 0.29
C LEU C 117 -11.08 32.57 -0.30
N VAL C 118 -9.91 32.23 0.24
CA VAL C 118 -9.08 31.17 -0.31
C VAL C 118 -9.75 29.80 -0.12
N LEU C 119 -10.33 29.53 1.05
CA LEU C 119 -11.04 28.27 1.23
C LEU C 119 -12.28 28.17 0.37
N ASP C 120 -12.93 29.29 0.08
CA ASP C 120 -14.13 29.19 -0.76
C ASP C 120 -13.74 28.83 -2.19
N ARG C 121 -12.62 29.34 -2.69
CA ARG C 121 -12.19 28.95 -4.03
C ARG C 121 -11.75 27.51 -4.05
N ILE C 122 -11.00 27.09 -3.02
CA ILE C 122 -10.57 25.71 -2.91
C ILE C 122 -11.78 24.78 -2.88
N ARG C 123 -12.78 25.12 -2.05
CA ARG C 123 -13.99 24.30 -1.97
C ARG C 123 -14.62 24.11 -3.33
N LYS C 124 -14.52 25.13 -4.20
CA LYS C 124 -15.13 25.03 -5.52
C LYS C 124 -14.33 24.12 -6.45
N LEU C 125 -12.99 24.13 -6.33
CA LEU C 125 -12.16 23.16 -7.04
C LEU C 125 -12.44 21.75 -6.55
N ALA C 126 -12.55 21.57 -5.23
CA ALA C 126 -12.86 20.26 -4.67
C ALA C 126 -14.23 19.78 -5.12
N ASP C 127 -15.18 20.69 -5.33
CA ASP C 127 -16.51 20.29 -5.76
C ASP C 127 -16.52 19.75 -7.19
N GLN C 128 -15.49 20.04 -7.99
CA GLN C 128 -15.35 19.45 -9.31
C GLN C 128 -14.56 18.15 -9.29
N CYS C 129 -14.41 17.52 -8.13
CA CYS C 129 -13.63 16.30 -8.00
C CYS C 129 -14.54 15.13 -7.61
N THR C 130 -14.27 13.97 -8.18
CA THR C 130 -14.97 12.75 -7.83
C THR C 130 -14.05 11.73 -7.18
N GLY C 131 -12.80 12.11 -6.89
CA GLY C 131 -11.89 11.20 -6.22
C GLY C 131 -10.67 11.92 -5.72
N LEU C 132 -10.88 13.01 -4.99
CA LEU C 132 -9.77 13.87 -4.58
C LEU C 132 -8.74 13.09 -3.79
N GLN C 133 -7.54 12.96 -4.36
CA GLN C 133 -6.41 12.31 -3.68
C GLN C 133 -5.81 13.19 -2.59
N GLY C 134 -5.66 14.49 -2.82
CA GLY C 134 -5.06 15.32 -1.80
C GLY C 134 -4.68 16.67 -2.36
N PHE C 135 -3.96 17.43 -1.52
CA PHE C 135 -3.50 18.77 -1.82
C PHE C 135 -1.97 18.78 -1.86
N LEU C 136 -1.43 19.53 -2.83
CA LEU C 136 -0.01 19.81 -2.90
C LEU C 136 0.19 21.29 -2.64
N VAL C 137 1.04 21.64 -1.68
CA VAL C 137 1.22 23.01 -1.24
C VAL C 137 2.67 23.45 -1.47
N PHE C 138 2.85 24.53 -2.23
CA PHE C 138 4.14 25.11 -2.59
C PHE C 138 4.27 26.49 -1.96
N HIS C 139 5.40 26.72 -1.28
CA HIS C 139 5.59 27.87 -0.39
C HIS C 139 7.04 27.85 0.08
N SER C 140 7.49 28.98 0.62
CA SER C 140 8.84 29.10 1.15
C SER C 140 8.79 29.07 2.67
N PHE C 141 9.85 28.53 3.28
CA PHE C 141 9.95 28.63 4.72
C PHE C 141 10.06 30.07 5.19
N GLY C 142 10.72 30.93 4.41
CA GLY C 142 11.19 32.21 4.90
C GLY C 142 10.23 33.40 4.78
N GLY C 143 9.40 33.40 3.76
CA GLY C 143 8.49 34.52 3.60
C GLY C 143 7.53 34.63 4.76
N GLY C 144 7.07 35.85 5.01
CA GLY C 144 5.96 36.00 5.94
C GLY C 144 4.71 35.30 5.44
N THR C 145 4.46 35.35 4.13
CA THR C 145 3.31 34.66 3.57
C THR C 145 3.59 33.18 3.43
N GLY C 146 4.74 32.83 2.83
CA GLY C 146 5.11 31.43 2.67
C GLY C 146 5.03 30.66 3.97
N SER C 147 5.42 31.27 5.07
CA SER C 147 5.41 30.62 6.37
C SER C 147 4.06 30.80 7.08
N GLY C 148 3.66 32.06 7.32
CA GLY C 148 2.50 32.28 8.16
C GLY C 148 1.17 31.96 7.49
N PHE C 149 1.05 32.24 6.19
CA PHE C 149 -0.25 31.97 5.56
C PHE C 149 -0.40 30.50 5.23
N THR C 150 0.70 29.81 4.91
CA THR C 150 0.59 28.37 4.70
C THR C 150 0.22 27.67 5.98
N SER C 151 0.73 28.15 7.12
CA SER C 151 0.33 27.56 8.40
C SER C 151 -1.15 27.76 8.63
N LEU C 152 -1.63 29.00 8.41
CA LEU C 152 -3.06 29.25 8.57
C LEU C 152 -3.86 28.32 7.68
N LEU C 153 -3.43 28.20 6.42
CA LEU C 153 -4.17 27.42 5.43
C LEU C 153 -4.16 25.94 5.77
N MET C 154 -3.00 25.39 6.16
CA MET C 154 -2.96 23.97 6.53
C MET C 154 -3.86 23.69 7.72
N GLU C 155 -3.84 24.55 8.74
CA GLU C 155 -4.80 24.40 9.83
C GLU C 155 -6.22 24.38 9.30
N ARG C 156 -6.56 25.33 8.44
CA ARG C 156 -7.92 25.44 7.95
C ARG C 156 -8.29 24.28 7.03
N LEU C 157 -7.32 23.73 6.30
CA LEU C 157 -7.65 22.60 5.43
C LEU C 157 -7.90 21.34 6.24
N SER C 158 -7.17 21.17 7.34
CA SER C 158 -7.45 20.05 8.22
C SER C 158 -8.86 20.13 8.82
N VAL C 159 -9.37 21.34 9.04
CA VAL C 159 -10.73 21.48 9.55
C VAL C 159 -11.73 21.18 8.45
N ASP C 160 -11.50 21.71 7.26
CA ASP C 160 -12.44 21.51 6.16
C ASP C 160 -12.41 20.07 5.64
N TYR C 161 -11.25 19.43 5.64
CA TYR C 161 -11.07 18.20 4.88
C TYR C 161 -10.53 17.06 5.73
N GLY C 162 -10.51 17.19 7.05
CA GLY C 162 -10.08 16.06 7.87
C GLY C 162 -8.70 15.57 7.49
N LYS C 163 -8.54 14.25 7.47
CA LYS C 163 -7.24 13.63 7.33
C LYS C 163 -6.79 13.51 5.87
N LYS C 164 -7.46 14.18 4.94
CA LYS C 164 -7.09 14.09 3.53
C LYS C 164 -5.65 14.55 3.31
N SER C 165 -4.91 13.79 2.48
CA SER C 165 -3.50 14.02 2.26
C SER C 165 -3.20 15.48 1.93
N LYS C 166 -2.25 16.04 2.66
CA LYS C 166 -1.67 17.34 2.36
C LYS C 166 -0.17 17.12 2.26
N LEU C 167 0.38 17.32 1.06
CA LEU C 167 1.82 17.24 0.82
C LEU C 167 2.39 18.63 0.54
N GLU C 168 3.53 18.94 1.14
CA GLU C 168 4.19 20.22 0.95
C GLU C 168 5.44 20.09 0.07
N PHE C 169 5.73 21.19 -0.62
CA PHE C 169 7.02 21.42 -1.28
C PHE C 169 7.55 22.73 -0.72
N SER C 170 8.57 22.66 0.12
CA SER C 170 9.02 23.81 0.92
C SER C 170 10.40 24.26 0.49
N ILE C 171 10.53 25.56 0.22
CA ILE C 171 11.83 26.15 -0.08
C ILE C 171 12.51 26.54 1.23
N TYR C 172 13.65 25.97 1.46
CA TYR C 172 14.56 26.08 2.58
C TYR C 172 15.54 27.22 2.33
N PRO C 173 15.71 28.14 3.29
CA PRO C 173 16.50 29.35 3.01
C PRO C 173 18.01 29.10 2.91
N ALA C 174 18.67 29.98 2.14
CA ALA C 174 20.12 29.94 1.93
C ALA C 174 20.67 31.35 1.77
N PRO C 175 21.73 31.71 2.50
CA PRO C 175 22.32 33.05 2.32
C PRO C 175 22.72 33.33 0.89
N GLN C 176 23.07 32.30 0.11
CA GLN C 176 23.48 32.51 -1.28
C GLN C 176 22.33 32.98 -2.15
N VAL C 177 21.10 32.94 -1.67
CA VAL C 177 19.94 33.18 -2.51
C VAL C 177 18.92 33.99 -1.72
N SER C 178 19.08 35.31 -1.70
CA SER C 178 18.07 36.25 -1.22
C SER C 178 17.32 35.75 0.00
N THR C 179 18.07 35.40 1.05
CA THR C 179 17.43 35.16 2.33
C THR C 179 17.47 36.45 3.16
N ALA C 180 16.63 36.49 4.19
CA ALA C 180 16.52 37.64 5.06
C ALA C 180 16.86 37.22 6.49
N VAL C 181 17.08 38.21 7.36
CA VAL C 181 17.61 37.92 8.69
C VAL C 181 16.63 37.08 9.51
N VAL C 182 15.33 37.26 9.31
CA VAL C 182 14.40 36.62 10.23
C VAL C 182 13.89 35.30 9.70
N GLU C 183 14.45 34.81 8.61
CA GLU C 183 13.94 33.59 8.00
C GLU C 183 14.09 32.36 8.91
N PRO C 184 15.18 32.24 9.69
CA PRO C 184 15.21 31.12 10.67
C PRO C 184 14.00 31.11 11.57
N TYR C 185 13.60 32.27 12.07
CA TYR C 185 12.39 32.35 12.90
C TYR C 185 11.19 31.80 12.15
N ASN C 186 10.97 32.31 10.93
CA ASN C 186 9.77 31.92 10.20
C ASN C 186 9.80 30.44 9.83
N SER C 187 10.99 29.89 9.62
CA SER C 187 11.09 28.50 9.25
C SER C 187 10.67 27.59 10.39
N ILE C 188 11.16 27.87 11.61
CA ILE C 188 10.79 27.04 12.75
C ILE C 188 9.32 27.22 13.07
N LEU C 189 8.81 28.45 12.99
CA LEU C 189 7.41 28.68 13.37
C LEU C 189 6.46 27.93 12.44
N THR C 190 6.73 27.96 11.13
CA THR C 190 5.83 27.26 10.22
C THR C 190 5.98 25.74 10.37
N THR C 191 7.22 25.25 10.57
CA THR C 191 7.43 23.83 10.82
C THR C 191 6.68 23.35 12.07
N HIS C 192 6.70 24.12 13.15
CA HIS C 192 5.96 23.74 14.35
C HIS C 192 4.48 23.60 14.07
N THR C 193 3.82 24.66 13.61
CA THR C 193 2.36 24.61 13.48
C THR C 193 1.90 23.69 12.37
N THR C 194 2.76 23.37 11.41
CA THR C 194 2.41 22.57 10.24
C THR C 194 2.75 21.08 10.41
N LEU C 195 3.49 20.72 11.45
CA LEU C 195 3.89 19.32 11.61
C LEU C 195 2.67 18.40 11.67
N GLU C 196 1.73 18.69 12.58
CA GLU C 196 0.54 17.87 12.77
C GLU C 196 -0.35 17.80 11.53
N HIS C 197 -0.17 18.71 10.57
CA HIS C 197 -1.11 18.84 9.47
C HIS C 197 -0.58 18.34 8.15
N SER C 198 0.71 18.20 8.00
CA SER C 198 1.25 17.71 6.75
C SER C 198 1.48 16.22 6.88
N ASP C 199 1.29 15.51 5.80
CA ASP C 199 1.51 14.09 5.76
C ASP C 199 2.86 13.73 5.16
N CYS C 200 3.45 14.64 4.42
CA CYS C 200 4.71 14.42 3.72
C CYS C 200 5.19 15.77 3.22
N ALA C 201 6.43 16.15 3.49
CA ALA C 201 6.96 17.45 3.10
C ALA C 201 8.30 17.27 2.41
N PHE C 202 8.43 17.77 1.18
CA PHE C 202 9.68 17.69 0.43
C PHE C 202 10.39 19.04 0.49
N MET C 203 11.55 19.08 1.13
CA MET C 203 12.29 20.31 1.28
C MET C 203 13.28 20.50 0.15
N VAL C 204 13.40 21.73 -0.32
CA VAL C 204 14.33 22.09 -1.36
C VAL C 204 15.25 23.15 -0.78
N ASP C 205 16.49 22.77 -0.49
CA ASP C 205 17.52 23.70 -0.06
C ASP C 205 17.89 24.61 -1.22
N ASN C 206 17.58 25.90 -1.09
CA ASN C 206 17.99 26.84 -2.14
C ASN C 206 19.49 26.81 -2.37
N GLU C 207 20.30 26.52 -1.34
CA GLU C 207 21.72 26.40 -1.61
C GLU C 207 22.03 25.17 -2.46
N ALA C 208 21.27 24.09 -2.31
CA ALA C 208 21.58 22.90 -3.09
C ALA C 208 21.26 23.14 -4.57
N ILE C 209 20.05 23.63 -4.85
CA ILE C 209 19.69 24.02 -6.21
C ILE C 209 20.71 25.00 -6.78
N TYR C 210 21.09 26.00 -5.98
CA TYR C 210 22.08 26.99 -6.40
C TYR C 210 23.37 26.32 -6.85
N ASP C 211 23.85 25.35 -6.06
CA ASP C 211 25.12 24.70 -6.38
C ASP C 211 25.01 23.81 -7.61
N ILE C 212 23.90 23.08 -7.76
CA ILE C 212 23.69 22.31 -8.98
C ILE C 212 23.71 23.21 -10.22
N CYS C 213 23.16 24.43 -10.11
CA CYS C 213 23.15 25.32 -11.27
C CYS C 213 24.56 25.79 -11.62
N ARG C 214 25.39 26.02 -10.62
CA ARG C 214 26.74 26.51 -10.90
C ARG C 214 27.70 25.40 -11.25
N ARG C 215 27.50 24.18 -10.71
CA ARG C 215 28.42 23.08 -10.98
C ARG C 215 28.04 22.33 -12.25
N ASN C 216 26.82 21.79 -12.32
CA ASN C 216 26.43 21.02 -13.48
C ASN C 216 26.08 21.92 -14.67
N LEU C 217 25.46 23.07 -14.43
CA LEU C 217 24.90 23.87 -15.52
C LEU C 217 25.75 25.08 -15.88
N ASP C 218 26.85 25.32 -15.17
CA ASP C 218 27.82 26.37 -15.52
C ASP C 218 27.13 27.74 -15.63
N ILE C 219 26.46 28.11 -14.57
CA ILE C 219 25.83 29.42 -14.43
C ILE C 219 26.48 30.13 -13.27
N GLU C 220 27.24 31.19 -13.57
CA GLU C 220 27.92 31.96 -12.53
C GLU C 220 26.96 32.36 -11.43
N ARG C 221 25.96 33.16 -11.76
CA ARG C 221 24.98 33.62 -10.77
C ARG C 221 23.57 33.22 -11.22
N PRO C 222 23.03 32.14 -10.68
CA PRO C 222 21.69 31.69 -11.07
C PRO C 222 20.62 32.68 -10.67
N THR C 223 19.59 32.78 -11.50
CA THR C 223 18.39 33.55 -11.19
C THR C 223 17.29 32.60 -10.75
N TYR C 224 16.18 33.19 -10.26
CA TYR C 224 15.04 32.39 -9.83
C TYR C 224 14.50 31.52 -10.96
N THR C 225 14.45 32.06 -12.18
CA THR C 225 13.96 31.26 -13.30
C THR C 225 14.85 30.02 -13.50
N ASN C 226 16.18 30.20 -13.39
CA ASN C 226 17.10 29.06 -13.36
C ASN C 226 16.74 28.11 -12.23
N LEU C 227 16.73 28.60 -10.99
CA LEU C 227 16.44 27.76 -9.85
C LEU C 227 15.08 27.10 -10.00
N ASN C 228 14.07 27.88 -10.39
CA ASN C 228 12.71 27.34 -10.39
C ASN C 228 12.53 26.31 -11.49
N ARG C 229 13.19 26.50 -12.64
CA ARG C 229 13.08 25.50 -13.70
C ARG C 229 13.68 24.17 -13.27
N LEU C 230 14.82 24.22 -12.57
CA LEU C 230 15.38 23.00 -12.02
C LEU C 230 14.37 22.35 -11.07
N ILE C 231 13.85 23.12 -10.11
CA ILE C 231 12.87 22.58 -9.18
C ILE C 231 11.70 21.94 -9.92
N SER C 232 11.24 22.55 -11.01
CA SER C 232 10.09 22.03 -11.75
C SER C 232 10.32 20.60 -12.24
N GLN C 233 11.52 20.31 -12.77
CA GLN C 233 11.80 18.97 -13.26
C GLN C 233 11.67 17.95 -12.14
N ILE C 234 12.12 18.30 -10.93
CA ILE C 234 11.99 17.42 -9.80
C ILE C 234 10.53 17.24 -9.40
N VAL C 235 9.80 18.35 -9.28
CA VAL C 235 8.37 18.24 -8.98
C VAL C 235 7.69 17.42 -10.07
N SER C 236 8.08 17.65 -11.33
CA SER C 236 7.46 16.93 -12.42
C SER C 236 7.64 15.43 -12.26
N SER C 237 8.83 15.00 -11.86
CA SER C 237 9.07 13.57 -11.61
C SER C 237 8.09 13.01 -10.58
N ILE C 238 8.00 13.66 -9.41
CA ILE C 238 7.09 13.21 -8.38
C ILE C 238 5.65 13.14 -8.90
N THR C 239 5.20 14.19 -9.60
CA THR C 239 3.82 14.17 -10.08
C THR C 239 3.63 13.38 -11.36
N ALA C 240 4.72 13.10 -12.10
CA ALA C 240 4.59 12.33 -13.34
C ALA C 240 3.84 11.04 -13.11
N SER C 241 4.06 10.41 -11.94
CA SER C 241 3.34 9.19 -11.59
C SER C 241 1.83 9.40 -11.63
N LEU C 242 1.36 10.61 -11.28
CA LEU C 242 -0.06 10.89 -11.18
C LEU C 242 -0.69 11.41 -12.47
N ARG C 243 0.08 12.02 -13.38
CA ARG C 243 -0.48 12.58 -14.59
C ARG C 243 -0.25 11.69 -15.82
N PHE C 244 0.45 10.58 -15.67
CA PHE C 244 0.69 9.67 -16.79
C PHE C 244 0.29 8.23 -16.46
N ASP C 245 0.17 7.44 -17.52
CA ASP C 245 -0.34 6.07 -17.46
C ASP C 245 0.73 5.08 -16.97
N GLY C 246 1.91 5.10 -17.58
CA GLY C 246 3.07 4.40 -17.04
C GLY C 246 3.05 2.87 -16.89
N ALA C 247 4.22 2.30 -16.60
CA ALA C 247 4.37 0.85 -16.43
C ALA C 247 4.29 0.41 -14.97
N LEU C 248 4.96 1.12 -14.08
CA LEU C 248 4.81 0.91 -12.64
C LEU C 248 4.43 2.27 -12.04
N ASN C 249 3.20 2.37 -11.56
CA ASN C 249 2.61 3.63 -11.14
C ASN C 249 2.52 3.71 -9.63
N VAL C 250 2.58 4.95 -9.13
CA VAL C 250 2.58 5.23 -7.70
C VAL C 250 1.66 6.42 -7.46
N ASP C 251 0.46 6.16 -6.92
CA ASP C 251 -0.48 7.20 -6.51
C ASP C 251 0.01 7.90 -5.24
N LEU C 252 -0.76 8.89 -4.77
CA LEU C 252 -0.32 9.69 -3.62
C LEU C 252 -0.33 8.89 -2.32
N THR C 253 -1.27 7.96 -2.17
CA THR C 253 -1.31 7.13 -0.98
C THR C 253 -0.07 6.25 -0.88
N GLU C 254 0.28 5.57 -1.98
CA GLU C 254 1.48 4.75 -2.01
C GLU C 254 2.72 5.54 -1.63
N PHE C 255 2.81 6.81 -2.06
CA PHE C 255 3.91 7.67 -1.61
C PHE C 255 3.98 7.71 -0.10
N GLN C 256 2.90 8.15 0.53
CA GLN C 256 2.93 8.40 1.96
C GLN C 256 3.21 7.12 2.76
N THR C 257 2.64 5.98 2.34
CA THR C 257 2.82 4.81 3.19
C THR C 257 4.18 4.15 2.99
N ASN C 258 4.80 4.30 1.81
CA ASN C 258 6.11 3.70 1.57
C ASN C 258 7.28 4.57 1.99
N LEU C 259 7.06 5.87 2.26
CA LEU C 259 8.15 6.75 2.67
C LEU C 259 8.03 7.27 4.09
N VAL C 260 6.86 7.20 4.73
CA VAL C 260 6.68 7.87 6.01
C VAL C 260 6.45 6.85 7.13
N PRO C 261 7.52 6.42 7.83
CA PRO C 261 7.37 5.35 8.82
C PRO C 261 6.79 5.79 10.16
N TYR C 262 6.81 7.08 10.47
CA TYR C 262 6.17 7.63 11.65
C TYR C 262 5.63 9.00 11.26
N PRO C 263 4.51 9.42 11.85
CA PRO C 263 3.89 10.69 11.43
C PRO C 263 4.83 11.89 11.40
N ARG C 264 5.69 12.05 12.42
CA ARG C 264 6.57 13.21 12.42
C ARG C 264 7.78 13.03 11.53
N ILE C 265 8.11 11.80 11.14
CA ILE C 265 9.33 11.54 10.36
C ILE C 265 8.90 11.54 8.89
N HIS C 266 8.71 12.75 8.33
CA HIS C 266 8.06 12.77 7.02
C HIS C 266 8.72 13.74 6.03
N PHE C 267 10.03 13.91 6.13
CA PHE C 267 10.77 14.86 5.31
C PHE C 267 11.76 14.09 4.43
N PRO C 268 11.30 13.54 3.32
CA PRO C 268 12.21 12.82 2.41
C PRO C 268 13.20 13.74 1.76
N LEU C 269 14.40 13.21 1.53
CA LEU C 269 15.45 13.85 0.75
C LEU C 269 15.29 13.50 -0.73
N ALA C 270 15.19 14.53 -1.57
CA ALA C 270 15.02 14.37 -3.01
C ALA C 270 16.38 14.42 -3.72
N THR C 271 16.55 13.52 -4.68
CA THR C 271 17.74 13.45 -5.50
C THR C 271 17.31 13.31 -6.95
N TYR C 272 18.05 13.92 -7.87
CA TYR C 272 17.67 13.92 -9.27
C TYR C 272 18.89 13.70 -10.15
N ALA C 273 18.72 12.94 -11.23
CA ALA C 273 19.78 12.63 -12.18
C ALA C 273 19.18 12.25 -13.52
N PRO C 274 19.78 12.66 -14.66
CA PRO C 274 20.97 13.52 -14.74
C PRO C 274 20.62 15.00 -14.91
N VAL C 275 21.57 15.87 -14.55
CA VAL C 275 21.43 17.31 -14.73
C VAL C 275 22.57 17.73 -15.63
N ILE C 276 22.30 17.82 -16.94
CA ILE C 276 23.32 18.04 -17.95
C ILE C 276 23.14 19.42 -18.56
N SER C 277 24.23 20.17 -18.65
CA SER C 277 24.22 21.47 -19.30
C SER C 277 23.73 21.36 -20.74
N ALA C 278 22.92 22.35 -21.16
CA ALA C 278 22.39 22.33 -22.52
C ALA C 278 23.47 22.43 -23.58
N GLU C 279 24.58 23.10 -23.28
CA GLU C 279 25.63 23.27 -24.29
C GLU C 279 26.70 22.18 -24.22
N LYS C 280 26.59 21.21 -23.32
CA LYS C 280 27.62 20.19 -23.23
C LYS C 280 27.56 19.19 -24.38
N GLN C 285 24.84 8.93 -23.72
CA GLN C 285 23.63 8.88 -22.90
C GLN C 285 23.78 7.96 -21.68
N LEU C 286 23.30 8.41 -20.52
CA LEU C 286 23.58 7.71 -19.27
C LEU C 286 22.68 6.49 -19.07
N SER C 287 23.26 5.44 -18.49
CA SER C 287 22.56 4.19 -18.26
C SER C 287 21.63 4.29 -17.06
N VAL C 288 20.65 3.37 -17.03
CA VAL C 288 19.80 3.21 -15.86
C VAL C 288 20.66 2.98 -14.63
N ALA C 289 21.74 2.21 -14.78
CA ALA C 289 22.66 2.03 -13.67
C ALA C 289 23.38 3.34 -13.32
N GLU C 290 23.79 4.09 -14.35
CA GLU C 290 24.55 5.31 -14.08
C GLU C 290 23.71 6.34 -13.33
N ILE C 291 22.49 6.58 -13.81
CA ILE C 291 21.63 7.55 -13.12
C ILE C 291 21.22 7.02 -11.74
N THR C 292 20.98 5.71 -11.62
CA THR C 292 20.62 5.14 -10.32
C THR C 292 21.73 5.32 -9.31
N ASN C 293 22.97 5.02 -9.70
CA ASN C 293 24.08 5.25 -8.79
C ASN C 293 24.19 6.71 -8.39
N ALA C 294 23.95 7.63 -9.34
CA ALA C 294 24.11 9.05 -9.08
C ALA C 294 23.08 9.61 -8.10
N CYS C 295 21.98 8.89 -7.85
CA CYS C 295 21.02 9.27 -6.80
C CYS C 295 21.58 9.11 -5.39
N PHE C 296 22.69 8.39 -5.23
CA PHE C 296 23.33 8.24 -3.94
C PHE C 296 24.62 9.05 -3.81
N GLU C 297 24.95 9.90 -4.82
CA GLU C 297 26.08 10.82 -4.71
C GLU C 297 25.60 12.18 -4.23
N PRO C 298 26.24 12.76 -3.22
CA PRO C 298 25.69 13.98 -2.58
C PRO C 298 25.64 15.22 -3.46
N ALA C 299 26.29 15.21 -4.61
CA ALA C 299 26.23 16.37 -5.50
C ALA C 299 24.84 16.60 -6.08
N ASN C 300 23.94 15.63 -6.00
CA ASN C 300 22.67 15.74 -6.70
C ASN C 300 21.48 15.84 -5.76
N GLN C 301 21.70 16.01 -4.47
CA GLN C 301 20.62 16.10 -3.50
C GLN C 301 19.96 17.48 -3.53
N MET C 302 18.70 17.51 -3.17
CA MET C 302 17.94 18.76 -3.10
C MET C 302 18.09 19.46 -1.77
N VAL C 303 18.65 18.78 -0.77
CA VAL C 303 19.02 19.38 0.51
C VAL C 303 20.47 19.04 0.80
N LYS C 304 21.22 20.01 1.34
CA LYS C 304 22.61 19.72 1.73
C LYS C 304 22.61 18.95 3.05
N CYS C 305 23.13 17.72 3.00
CA CYS C 305 23.35 16.83 4.15
C CYS C 305 24.18 15.68 3.64
N ASP C 306 24.60 14.79 4.55
CA ASP C 306 25.46 13.66 4.21
C ASP C 306 24.80 12.34 4.60
N PRO C 307 24.07 11.70 3.70
CA PRO C 307 23.40 10.43 4.04
C PRO C 307 24.37 9.29 4.26
N ARG C 308 25.60 9.38 3.75
CA ARG C 308 26.60 8.36 4.02
C ARG C 308 26.89 8.23 5.51
N HIS C 309 26.56 9.24 6.31
CA HIS C 309 26.68 9.19 7.76
C HIS C 309 25.33 9.02 8.45
N GLY C 310 24.25 8.84 7.68
CA GLY C 310 22.95 8.55 8.21
C GLY C 310 22.51 7.14 7.88
N LYS C 311 21.24 6.87 8.18
CA LYS C 311 20.64 5.59 7.86
C LYS C 311 19.36 5.80 7.08
N TYR C 312 19.18 4.98 6.05
CA TYR C 312 18.00 5.01 5.21
C TYR C 312 16.85 4.23 5.86
N MET C 313 15.66 4.82 5.87
CA MET C 313 14.45 4.12 6.32
C MET C 313 13.51 3.73 5.20
N ALA C 314 13.66 4.33 4.01
CA ALA C 314 12.80 4.04 2.88
C ALA C 314 13.38 4.77 1.68
N CYS C 315 13.39 4.08 0.54
CA CYS C 315 13.78 4.68 -0.74
C CYS C 315 12.69 4.47 -1.78
N CYS C 316 12.36 5.54 -2.50
CA CYS C 316 11.41 5.52 -3.58
C CYS C 316 12.11 6.04 -4.83
N LEU C 317 12.27 5.19 -5.84
CA LEU C 317 12.89 5.58 -7.10
C LEU C 317 11.80 5.75 -8.16
N LEU C 318 11.76 6.92 -8.77
CA LEU C 318 10.80 7.24 -9.83
C LEU C 318 11.58 7.48 -11.12
N TYR C 319 11.50 6.53 -12.04
CA TYR C 319 12.16 6.66 -13.34
C TYR C 319 11.17 7.15 -14.37
N ARG C 320 11.66 7.99 -15.28
CA ARG C 320 10.87 8.37 -16.44
C ARG C 320 11.73 8.19 -17.69
N GLY C 321 11.05 7.90 -18.80
CA GLY C 321 11.74 7.79 -20.06
C GLY C 321 11.91 6.34 -20.46
N ASP C 322 13.00 6.05 -21.17
CA ASP C 322 13.24 4.73 -21.76
C ASP C 322 13.90 3.84 -20.70
N VAL C 323 13.06 3.34 -19.79
CA VAL C 323 13.51 2.57 -18.63
C VAL C 323 12.82 1.22 -18.66
N VAL C 324 13.62 0.17 -18.57
CA VAL C 324 13.14 -1.22 -18.55
C VAL C 324 13.24 -1.77 -17.14
N PRO C 325 12.20 -2.43 -16.62
CA PRO C 325 12.24 -2.87 -15.20
C PRO C 325 13.41 -3.80 -14.89
N LYS C 326 13.76 -4.71 -15.82
CA LYS C 326 14.93 -5.57 -15.62
C LYS C 326 16.20 -4.76 -15.33
N ASP C 327 16.33 -3.56 -15.92
CA ASP C 327 17.49 -2.70 -15.69
C ASP C 327 17.40 -1.97 -14.35
N VAL C 328 16.19 -1.58 -13.94
CA VAL C 328 15.99 -1.06 -12.59
C VAL C 328 16.31 -2.14 -11.57
N ASN C 329 15.89 -3.39 -11.83
CA ASN C 329 16.19 -4.48 -10.92
C ASN C 329 17.69 -4.71 -10.79
N ALA C 330 18.39 -4.82 -11.92
CA ALA C 330 19.83 -5.02 -11.89
C ALA C 330 20.55 -3.86 -11.20
N ALA C 331 20.00 -2.65 -11.29
CA ALA C 331 20.64 -1.48 -10.71
C ALA C 331 20.38 -1.40 -9.20
N ILE C 332 19.14 -1.66 -8.77
CA ILE C 332 18.84 -1.72 -7.35
C ILE C 332 19.53 -2.92 -6.69
N ALA C 333 19.74 -4.01 -7.44
CA ALA C 333 20.52 -5.13 -6.91
C ALA C 333 21.93 -4.68 -6.54
N THR C 334 22.50 -3.78 -7.33
CA THR C 334 23.82 -3.24 -7.02
C THR C 334 23.80 -2.41 -5.75
N ILE C 335 22.76 -1.59 -5.58
CA ILE C 335 22.68 -0.69 -4.43
C ILE C 335 22.58 -1.48 -3.14
N LYS C 336 21.87 -2.60 -3.16
CA LYS C 336 21.72 -3.42 -1.96
C LYS C 336 23.03 -4.01 -1.46
N THR C 337 24.06 -4.11 -2.32
CA THR C 337 25.37 -4.64 -1.93
C THR C 337 26.27 -3.60 -1.30
N LYS C 338 26.28 -2.37 -1.82
CA LYS C 338 27.13 -1.31 -1.28
C LYS C 338 26.70 -1.00 0.14
N ARG C 339 27.54 -1.34 1.13
CA ARG C 339 27.21 -1.01 2.50
C ARG C 339 27.69 0.37 2.91
N SER C 340 28.25 1.13 1.98
CA SER C 340 28.23 2.58 2.13
C SER C 340 26.80 3.08 2.35
N ILE C 341 25.82 2.28 1.94
CA ILE C 341 24.41 2.64 1.94
C ILE C 341 23.73 1.78 3.01
N GLN C 342 23.57 2.31 4.22
CA GLN C 342 23.10 1.55 5.36
C GLN C 342 21.62 1.83 5.64
N PHE C 343 20.82 0.77 5.70
CA PHE C 343 19.42 0.82 6.12
C PHE C 343 19.31 0.50 7.60
N VAL C 344 18.27 1.06 8.25
CA VAL C 344 18.02 0.73 9.67
C VAL C 344 17.67 -0.76 9.83
N ASP C 345 17.79 -1.22 11.08
CA ASP C 345 17.54 -2.63 11.40
C ASP C 345 16.12 -3.05 11.08
N TRP C 346 15.16 -2.15 11.28
CA TRP C 346 13.76 -2.52 11.22
C TRP C 346 13.15 -2.33 9.85
N CYS C 347 13.95 -2.26 8.79
CA CYS C 347 13.43 -2.07 7.45
C CYS C 347 13.86 -3.27 6.60
N PRO C 348 13.03 -4.32 6.54
CA PRO C 348 13.42 -5.52 5.79
C PRO C 348 13.55 -5.28 4.30
N THR C 349 12.79 -4.36 3.73
CA THR C 349 12.99 -3.93 2.34
C THR C 349 12.44 -2.52 2.20
N GLY C 350 13.27 -1.62 1.69
CA GLY C 350 12.91 -0.22 1.66
C GLY C 350 12.87 0.35 0.26
N PHE C 351 12.45 -0.44 -0.73
CA PHE C 351 12.46 -0.02 -2.13
C PHE C 351 11.06 -0.10 -2.73
N LYS C 352 10.58 1.02 -3.24
CA LYS C 352 9.42 1.11 -4.11
C LYS C 352 9.82 1.84 -5.37
N VAL C 353 9.38 1.33 -6.51
CA VAL C 353 9.88 1.75 -7.82
C VAL C 353 8.72 2.23 -8.68
N GLY C 354 8.86 3.41 -9.27
CA GLY C 354 7.95 3.88 -10.29
C GLY C 354 8.66 3.92 -11.63
N ILE C 355 7.92 3.63 -12.69
CA ILE C 355 8.41 3.79 -14.06
C ILE C 355 7.30 4.40 -14.89
N ASN C 356 7.58 5.54 -15.51
CA ASN C 356 6.71 6.17 -16.49
C ASN C 356 7.46 6.30 -17.81
N TYR C 357 6.69 6.27 -18.90
CA TYR C 357 7.26 6.12 -20.24
C TYR C 357 7.78 7.43 -20.83
N GLN C 358 7.24 8.58 -20.42
CA GLN C 358 7.53 9.82 -21.12
C GLN C 358 8.79 10.47 -20.56
N PRO C 359 9.79 10.75 -21.39
CA PRO C 359 11.04 11.36 -20.90
C PRO C 359 10.81 12.75 -20.35
N PRO C 360 11.75 13.29 -19.58
CA PRO C 360 11.59 14.65 -19.08
C PRO C 360 11.54 15.64 -20.24
N THR C 361 10.53 16.49 -20.22
CA THR C 361 10.40 17.55 -21.21
C THR C 361 11.28 18.73 -20.80
N VAL C 362 11.97 19.30 -21.78
CA VAL C 362 12.81 20.47 -21.55
C VAL C 362 12.11 21.70 -22.11
N VAL C 363 12.09 22.77 -21.32
CA VAL C 363 11.53 24.05 -21.75
C VAL C 363 12.49 24.70 -22.74
N PRO C 364 12.02 25.08 -23.93
CA PRO C 364 12.86 25.88 -24.84
C PRO C 364 13.34 27.17 -24.19
N GLY C 365 14.59 27.53 -24.47
CA GLY C 365 15.23 28.63 -23.79
C GLY C 365 15.76 28.30 -22.41
N GLY C 366 15.51 27.08 -21.91
CA GLY C 366 16.07 26.63 -20.66
C GLY C 366 17.51 26.17 -20.81
N ASP C 367 18.05 25.64 -19.71
CA ASP C 367 19.46 25.28 -19.65
C ASP C 367 19.71 23.78 -19.50
N LEU C 368 18.67 22.99 -19.23
CA LEU C 368 18.81 21.54 -19.11
C LEU C 368 18.74 20.88 -20.48
N ALA C 369 19.49 19.80 -20.62
CA ALA C 369 19.53 19.04 -21.86
C ALA C 369 18.47 17.95 -21.88
N LYS C 370 17.86 17.76 -23.05
CA LYS C 370 16.95 16.64 -23.23
C LYS C 370 17.71 15.34 -23.04
N VAL C 371 17.17 14.46 -22.21
CA VAL C 371 17.77 13.16 -21.94
C VAL C 371 16.73 12.09 -22.21
N GLN C 372 17.20 10.89 -22.57
CA GLN C 372 16.31 9.76 -22.83
C GLN C 372 15.67 9.22 -21.56
N ARG C 373 16.36 9.32 -20.43
CA ARG C 373 15.86 8.73 -19.19
C ARG C 373 16.43 9.49 -18.01
N ALA C 374 15.64 9.62 -16.96
CA ALA C 374 16.08 10.24 -15.73
C ALA C 374 15.44 9.51 -14.56
N VAL C 375 15.85 9.87 -13.36
CA VAL C 375 15.32 9.25 -12.16
C VAL C 375 15.31 10.30 -11.07
N CYS C 376 14.28 10.24 -10.23
CA CYS C 376 14.16 11.08 -9.04
C CYS C 376 13.95 10.17 -7.84
N MET C 377 14.92 10.12 -6.94
CA MET C 377 14.80 9.31 -5.73
C MET C 377 14.29 10.16 -4.57
N LEU C 378 13.30 9.64 -3.87
CA LEU C 378 12.92 10.17 -2.57
C LEU C 378 13.36 9.14 -1.54
N SER C 379 14.23 9.57 -0.63
CA SER C 379 14.74 8.69 0.39
C SER C 379 14.46 9.33 1.73
N ASN C 380 14.08 8.52 2.71
CA ASN C 380 13.93 8.99 4.07
C ASN C 380 15.17 8.56 4.84
N THR C 381 16.07 9.51 5.09
CA THR C 381 17.31 9.27 5.80
C THR C 381 17.34 10.10 7.08
N THR C 382 17.96 9.55 8.13
CA THR C 382 18.20 10.32 9.35
C THR C 382 19.03 11.57 9.07
N ALA C 383 19.83 11.57 8.01
CA ALA C 383 20.76 12.67 7.74
C ALA C 383 20.07 13.98 7.42
N ILE C 384 18.77 13.99 7.12
CA ILE C 384 18.08 15.26 6.90
C ILE C 384 17.95 16.06 8.19
N ALA C 385 18.16 15.42 9.35
CA ALA C 385 18.19 16.16 10.61
C ALA C 385 19.30 17.21 10.63
N GLU C 386 20.37 17.02 9.85
CA GLU C 386 21.43 18.02 9.78
C GLU C 386 20.90 19.36 9.27
N ALA C 387 19.93 19.34 8.36
CA ALA C 387 19.33 20.58 7.87
C ALA C 387 18.48 21.26 8.94
N TRP C 388 17.73 20.48 9.74
CA TRP C 388 17.03 21.07 10.88
C TRP C 388 18.01 21.64 11.89
N ALA C 389 19.13 20.94 12.10
CA ALA C 389 20.11 21.43 13.06
C ALA C 389 20.65 22.81 12.66
N ARG C 390 20.91 23.05 11.38
CA ARG C 390 21.45 24.36 10.95
C ARG C 390 20.45 25.50 11.17
N LEU C 391 19.16 25.26 10.92
CA LEU C 391 18.15 26.27 11.21
C LEU C 391 18.03 26.54 12.69
N ASP C 392 17.96 25.48 13.51
CA ASP C 392 17.81 25.65 14.94
C ASP C 392 18.95 26.47 15.53
N HIS C 393 20.17 26.27 15.03
CA HIS C 393 21.30 27.01 15.56
C HIS C 393 21.16 28.49 15.30
N LYS C 394 20.75 28.86 14.08
CA LYS C 394 20.54 30.28 13.79
C LYS C 394 19.38 30.86 14.60
N PHE C 395 18.31 30.08 14.76
CA PHE C 395 17.25 30.42 15.70
C PHE C 395 17.82 30.72 17.09
N ASP C 396 18.63 29.80 17.63
CA ASP C 396 19.12 29.93 19.00
C ASP C 396 20.00 31.17 19.17
N LEU C 397 20.93 31.38 18.23
CA LEU C 397 21.79 32.56 18.27
C LEU C 397 20.97 33.82 18.46
N MET C 398 19.93 33.98 17.64
CA MET C 398 19.13 35.20 17.71
C MET C 398 18.19 35.19 18.91
N TYR C 399 17.55 34.04 19.17
CA TYR C 399 16.53 33.99 20.19
C TYR C 399 17.12 34.20 21.58
N ALA C 400 18.37 33.75 21.79
CA ALA C 400 19.01 33.97 23.08
C ALA C 400 19.02 35.45 23.46
N LYS C 401 19.17 36.32 22.48
CA LYS C 401 19.11 37.76 22.73
C LYS C 401 17.73 38.32 22.48
N ARG C 402 16.77 37.48 22.09
CA ARG C 402 15.43 37.92 21.72
C ARG C 402 15.47 38.91 20.58
N ALA C 403 16.50 38.84 19.75
CA ALA C 403 16.57 39.75 18.62
C ALA C 403 15.36 39.52 17.73
N PHE C 404 14.75 40.62 17.29
CA PHE C 404 13.68 40.65 16.29
C PHE C 404 12.33 40.16 16.80
N VAL C 405 12.28 39.61 18.01
CA VAL C 405 11.05 39.02 18.51
C VAL C 405 9.94 40.06 18.65
N HIS C 406 10.31 41.31 18.87
CA HIS C 406 9.29 42.32 19.17
C HIS C 406 8.38 42.55 17.97
N TRP C 407 8.85 42.22 16.76
CA TRP C 407 8.02 42.37 15.58
C TRP C 407 6.89 41.35 15.58
N TYR C 408 7.15 40.18 16.16
CA TYR C 408 6.17 39.12 16.24
C TYR C 408 5.17 39.37 17.37
N VAL C 409 5.67 39.75 18.54
CA VAL C 409 4.80 40.09 19.68
C VAL C 409 3.85 41.22 19.30
N GLY C 410 4.34 42.22 18.54
CA GLY C 410 3.46 43.33 18.18
C GLY C 410 2.24 42.88 17.40
N GLU C 411 2.42 41.86 16.55
CA GLU C 411 1.29 41.34 15.79
C GLU C 411 0.41 40.40 16.62
N GLY C 412 0.67 40.28 17.93
CA GLY C 412 -0.18 39.52 18.81
C GLY C 412 0.35 38.18 19.26
N MET C 413 1.52 37.77 18.80
CA MET C 413 2.08 36.50 19.26
C MET C 413 2.60 36.64 20.68
N GLU C 414 2.99 35.50 21.23
CA GLU C 414 3.61 35.44 22.54
C GLU C 414 4.98 34.79 22.41
N GLU C 415 5.93 35.25 23.23
CA GLU C 415 7.21 34.55 23.27
C GLU C 415 6.99 33.07 23.53
N GLY C 416 5.99 32.74 24.36
CA GLY C 416 5.57 31.37 24.60
C GLY C 416 5.59 30.51 23.35
N GLU C 417 5.09 31.04 22.23
CA GLU C 417 5.06 30.27 20.98
C GLU C 417 6.47 30.01 20.44
N PHE C 418 7.43 30.90 20.73
CA PHE C 418 8.78 30.73 20.18
C PHE C 418 9.49 29.54 20.80
N SER C 419 9.45 29.43 22.13
CA SER C 419 10.11 28.29 22.76
C SER C 419 9.39 26.99 22.47
N GLU C 420 8.05 26.98 22.50
CA GLU C 420 7.30 25.80 22.09
C GLU C 420 7.73 25.32 20.71
N ALA C 421 7.74 26.21 19.72
CA ALA C 421 8.20 25.83 18.39
C ALA C 421 9.62 25.30 18.42
N ARG C 422 10.48 25.91 19.23
CA ARG C 422 11.86 25.45 19.29
C ARG C 422 12.00 24.14 20.04
N GLU C 423 11.15 23.92 21.05
CA GLU C 423 11.17 22.66 21.79
C GLU C 423 10.66 21.51 20.94
N ASP C 424 9.62 21.77 20.14
CA ASP C 424 9.14 20.77 19.20
C ASP C 424 10.22 20.42 18.20
N MET C 425 11.04 21.40 17.80
CA MET C 425 12.18 21.10 16.94
C MET C 425 13.26 20.31 17.69
N ALA C 426 13.43 20.56 18.98
CA ALA C 426 14.34 19.72 19.74
C ALA C 426 13.86 18.28 19.73
N ALA C 427 12.56 18.08 19.98
CA ALA C 427 12.02 16.72 20.00
C ALA C 427 12.12 16.08 18.63
N LEU C 428 11.97 16.86 17.56
CA LEU C 428 12.11 16.26 16.23
C LEU C 428 13.54 15.79 15.99
N GLU C 429 14.55 16.59 16.39
CA GLU C 429 15.94 16.13 16.32
C GLU C 429 16.14 14.84 17.12
N LYS C 430 15.54 14.77 18.31
CA LYS C 430 15.66 13.58 19.15
C LYS C 430 14.93 12.38 18.53
N ASP C 431 13.81 12.64 17.85
CA ASP C 431 13.14 11.58 17.12
C ASP C 431 14.04 10.99 16.03
N TYR C 432 14.72 11.85 15.26
CA TYR C 432 15.61 11.35 14.21
C TYR C 432 16.79 10.60 14.80
N GLU C 433 17.24 10.97 15.99
CA GLU C 433 18.29 10.19 16.65
C GLU C 433 17.79 8.80 16.99
N GLU C 434 16.61 8.71 17.59
CA GLU C 434 16.10 7.44 18.10
C GLU C 434 15.73 6.45 17.00
N VAL C 435 15.23 6.93 15.86
CA VAL C 435 14.86 5.98 14.79
C VAL C 435 16.07 5.37 14.12
N GLY C 436 17.25 6.01 14.22
CA GLY C 436 18.48 5.38 13.77
C GLY C 436 19.13 4.47 14.78
N VAL C 437 18.55 4.32 15.97
CA VAL C 437 19.07 3.40 16.96
C VAL C 437 18.84 1.97 16.47
N ASP C 438 19.80 1.09 16.75
CA ASP C 438 19.66 -0.33 16.44
C ASP C 438 19.07 -1.07 17.63
N ARG D 2 1.47 51.20 -2.92
CA ARG D 2 2.49 51.22 -1.87
C ARG D 2 2.99 52.63 -1.64
N GLU D 3 2.08 53.52 -1.28
CA GLU D 3 2.38 54.93 -1.31
C GLU D 3 3.05 55.38 -0.02
N ILE D 4 3.91 56.38 -0.15
CA ILE D 4 4.53 57.04 0.99
C ILE D 4 4.04 58.47 1.03
N VAL D 5 3.85 58.99 2.25
CA VAL D 5 3.47 60.38 2.47
C VAL D 5 4.66 61.08 3.11
N HIS D 6 5.15 62.13 2.47
CA HIS D 6 6.39 62.80 2.87
C HIS D 6 6.05 64.11 3.54
N ILE D 7 6.60 64.32 4.73
CA ILE D 7 6.39 65.56 5.46
C ILE D 7 7.75 66.19 5.70
N GLN D 8 7.85 67.51 5.48
CA GLN D 8 9.05 68.25 5.84
C GLN D 8 8.70 69.44 6.74
N ALA D 9 9.46 69.62 7.83
CA ALA D 9 9.12 70.56 8.90
C ALA D 9 10.32 71.42 9.31
N GLY D 10 10.12 72.74 9.35
CA GLY D 10 11.19 73.65 9.76
C GLY D 10 12.15 74.03 8.65
N GLN D 11 13.10 74.91 8.97
CA GLN D 11 14.01 75.40 7.95
C GLN D 11 14.80 74.25 7.35
N CYS D 12 15.53 73.53 8.19
CA CYS D 12 16.34 72.42 7.73
C CYS D 12 15.50 71.37 7.01
N GLY D 13 14.36 71.00 7.61
CA GLY D 13 13.46 70.02 7.00
C GLY D 13 13.04 70.39 5.59
N ASN D 14 12.72 71.66 5.36
CA ASN D 14 12.29 72.06 4.02
C ASN D 14 13.45 72.24 3.05
N GLN D 15 14.62 72.63 3.55
CA GLN D 15 15.79 72.72 2.68
C GLN D 15 16.21 71.33 2.18
N ILE D 16 16.43 70.37 3.10
CA ILE D 16 16.83 69.03 2.62
C ILE D 16 15.66 68.32 1.96
N GLY D 17 14.43 68.56 2.42
CA GLY D 17 13.27 68.00 1.74
C GLY D 17 13.16 68.48 0.29
N ALA D 18 13.33 69.78 0.08
CA ALA D 18 13.31 70.29 -1.29
C ALA D 18 14.44 69.70 -2.13
N LYS D 19 15.64 69.60 -1.56
CA LYS D 19 16.75 69.01 -2.32
C LYS D 19 16.43 67.57 -2.72
N PHE D 20 15.84 66.81 -1.79
CA PHE D 20 15.40 65.45 -2.09
C PHE D 20 14.49 65.42 -3.32
N TRP D 21 13.45 66.24 -3.31
CA TRP D 21 12.52 66.26 -4.44
C TRP D 21 13.20 66.66 -5.74
N GLU D 22 14.13 67.62 -5.69
CA GLU D 22 14.89 67.95 -6.90
C GLU D 22 15.63 66.74 -7.43
N VAL D 23 16.28 65.99 -6.55
CA VAL D 23 17.14 64.89 -6.99
C VAL D 23 16.32 63.75 -7.59
N ILE D 24 15.29 63.28 -6.86
CA ILE D 24 14.54 62.13 -7.38
C ILE D 24 13.65 62.54 -8.55
N SER D 25 13.19 63.79 -8.61
CA SER D 25 12.46 64.21 -9.80
C SER D 25 13.32 64.09 -11.05
N ASP D 26 14.59 64.50 -10.98
CA ASP D 26 15.50 64.29 -12.11
C ASP D 26 15.68 62.80 -12.39
N GLU D 27 15.95 61.99 -11.36
CA GLU D 27 16.11 60.55 -11.55
C GLU D 27 14.90 59.92 -12.24
N HIS D 28 13.69 60.42 -11.97
CA HIS D 28 12.46 59.83 -12.48
C HIS D 28 11.94 60.50 -13.75
N GLY D 29 12.62 61.52 -14.26
CA GLY D 29 12.20 62.10 -15.53
C GLY D 29 11.11 63.14 -15.39
N ILE D 30 11.00 63.77 -14.23
CA ILE D 30 9.97 64.76 -13.95
C ILE D 30 10.61 66.13 -13.98
N ASP D 31 10.03 67.07 -14.73
CA ASP D 31 10.56 68.43 -14.77
C ASP D 31 9.80 69.31 -13.77
N PRO D 32 10.24 70.55 -13.54
CA PRO D 32 9.60 71.34 -12.46
C PRO D 32 8.12 71.62 -12.68
N THR D 33 7.60 71.42 -13.89
CA THR D 33 6.16 71.57 -14.11
C THR D 33 5.36 70.35 -13.67
N GLY D 34 6.01 69.19 -13.55
CA GLY D 34 5.30 67.94 -13.29
C GLY D 34 5.18 67.03 -14.49
N SER D 35 5.66 67.45 -15.65
CA SER D 35 5.58 66.56 -16.81
C SER D 35 6.73 65.56 -16.79
N TYR D 36 6.46 64.37 -17.33
CA TYR D 36 7.47 63.33 -17.44
C TYR D 36 8.19 63.47 -18.78
N HIS D 37 9.50 63.65 -18.74
CA HIS D 37 10.31 63.83 -19.95
C HIS D 37 11.42 62.79 -20.06
N GLY D 38 11.15 61.56 -19.59
CA GLY D 38 12.19 60.59 -19.36
C GLY D 38 12.46 59.63 -20.51
N ASP D 39 13.53 58.85 -20.35
CA ASP D 39 14.03 57.93 -21.38
C ASP D 39 13.45 56.54 -21.25
N SER D 40 13.22 56.07 -20.02
CA SER D 40 12.92 54.67 -19.78
C SER D 40 11.72 54.55 -18.85
N ASP D 41 10.99 53.44 -19.00
CA ASP D 41 9.82 53.22 -18.17
C ASP D 41 10.16 52.73 -16.78
N LEU D 42 11.38 52.23 -16.57
CA LEU D 42 11.81 51.93 -15.20
C LEU D 42 11.70 53.16 -14.31
N GLN D 43 11.79 54.35 -14.91
CA GLN D 43 11.56 55.58 -14.17
C GLN D 43 10.13 55.67 -13.66
N LEU D 44 9.20 55.02 -14.36
CA LEU D 44 7.79 55.18 -14.08
C LEU D 44 7.17 54.03 -13.29
N GLU D 45 7.83 52.87 -13.18
CA GLU D 45 7.12 51.72 -12.62
C GLU D 45 6.70 51.99 -11.17
N ARG D 46 7.64 52.43 -10.33
CA ARG D 46 7.32 52.71 -8.93
C ARG D 46 7.19 54.20 -8.67
N ILE D 47 6.72 54.95 -9.67
CA ILE D 47 6.59 56.40 -9.51
C ILE D 47 5.50 56.74 -8.52
N ASN D 48 4.52 55.88 -8.34
CA ASN D 48 3.41 56.21 -7.43
C ASN D 48 3.81 56.11 -5.96
N VAL D 49 4.98 55.56 -5.64
CA VAL D 49 5.41 55.53 -4.25
C VAL D 49 5.53 56.94 -3.70
N TYR D 50 6.05 57.86 -4.52
CA TYR D 50 6.33 59.23 -4.10
C TYR D 50 5.51 60.30 -4.82
N TYR D 51 4.93 60.03 -5.98
CA TYR D 51 4.20 61.03 -6.74
C TYR D 51 2.75 60.62 -6.93
N ASN D 52 1.84 61.59 -6.84
CA ASN D 52 0.46 61.38 -7.25
C ASN D 52 0.31 61.64 -8.75
N GLU D 53 -0.60 60.91 -9.38
CA GLU D 53 -0.89 61.08 -10.80
C GLU D 53 -1.96 62.15 -10.95
N ALA D 54 -1.57 63.33 -11.43
CA ALA D 54 -2.49 64.41 -11.72
C ALA D 54 -3.12 64.26 -13.10
N THR D 55 -4.34 64.78 -13.24
CA THR D 55 -4.94 64.90 -14.56
C THR D 55 -4.20 65.97 -15.35
N GLY D 56 -4.00 65.71 -16.63
CA GLY D 56 -3.04 66.45 -17.43
C GLY D 56 -1.72 65.73 -17.59
N ASN D 57 -1.66 64.45 -17.22
CA ASN D 57 -0.46 63.61 -17.30
C ASN D 57 0.69 64.19 -16.51
N LYS D 58 0.38 64.88 -15.41
CA LYS D 58 1.41 65.45 -14.56
C LYS D 58 1.54 64.66 -13.27
N TYR D 59 2.64 64.90 -12.57
CA TYR D 59 2.97 64.20 -11.34
C TYR D 59 3.26 65.21 -10.25
N VAL D 60 2.59 65.06 -9.11
CA VAL D 60 2.68 65.99 -8.00
C VAL D 60 3.25 65.24 -6.80
N PRO D 61 4.36 65.69 -6.23
CA PRO D 61 4.90 65.02 -5.04
C PRO D 61 3.85 64.89 -3.95
N ARG D 62 3.77 63.71 -3.36
CA ARG D 62 2.91 63.47 -2.20
C ARG D 62 3.64 64.04 -0.98
N ALA D 63 3.71 65.36 -0.95
CA ALA D 63 4.56 66.08 -0.03
C ALA D 63 3.73 67.06 0.77
N ILE D 64 4.07 67.21 2.04
CA ILE D 64 3.41 68.15 2.93
C ILE D 64 4.49 69.02 3.55
N LEU D 65 4.46 70.32 3.24
CA LEU D 65 5.49 71.25 3.65
C LEU D 65 4.97 72.08 4.82
N VAL D 66 5.72 72.11 5.92
CA VAL D 66 5.25 72.64 7.19
C VAL D 66 6.34 73.48 7.85
N ASP D 67 5.98 74.71 8.24
CA ASP D 67 6.90 75.52 9.04
C ASP D 67 6.09 76.53 9.85
N LEU D 68 6.60 76.85 11.04
CA LEU D 68 5.96 77.91 11.83
C LEU D 68 6.34 79.29 11.33
N GLU D 69 7.53 79.44 10.75
CA GLU D 69 7.92 80.71 10.16
C GLU D 69 7.50 80.75 8.69
N PRO D 70 6.83 81.81 8.23
CA PRO D 70 6.38 81.83 6.83
C PRO D 70 7.53 81.96 5.85
N GLY D 71 8.71 82.34 6.33
CA GLY D 71 9.83 82.68 5.47
C GLY D 71 10.30 81.60 4.54
N THR D 72 10.76 80.48 5.10
CA THR D 72 11.38 79.43 4.27
C THR D 72 10.38 78.81 3.29
N MET D 73 9.09 78.91 3.56
CA MET D 73 8.17 78.34 2.59
C MET D 73 7.82 79.28 1.46
N ASP D 74 8.32 80.51 1.49
CA ASP D 74 8.36 81.28 0.26
C ASP D 74 9.59 80.92 -0.56
N SER D 75 10.74 80.77 0.10
CA SER D 75 11.95 80.37 -0.61
C SER D 75 11.83 78.96 -1.17
N VAL D 76 10.97 78.10 -0.62
CA VAL D 76 10.75 76.83 -1.31
C VAL D 76 9.95 77.06 -2.58
N ARG D 77 8.89 77.87 -2.52
CA ARG D 77 8.19 78.27 -3.74
C ARG D 77 9.13 78.94 -4.72
N SER D 78 10.12 79.67 -4.19
CA SER D 78 11.12 80.31 -5.04
C SER D 78 12.06 79.30 -5.68
N GLY D 79 12.39 78.23 -4.95
CA GLY D 79 13.32 77.23 -5.41
C GLY D 79 12.90 76.62 -6.73
N PRO D 80 13.89 76.15 -7.51
CA PRO D 80 13.55 75.35 -8.68
C PRO D 80 12.86 74.09 -8.21
N PHE D 81 11.76 73.75 -8.88
CA PHE D 81 10.78 72.73 -8.48
C PHE D 81 9.81 73.27 -7.44
N GLY D 82 9.86 74.55 -7.11
CA GLY D 82 8.90 75.10 -6.16
C GLY D 82 7.46 75.02 -6.65
N GLN D 83 7.26 75.19 -7.96
CA GLN D 83 5.92 75.14 -8.53
C GLN D 83 5.37 73.73 -8.62
N ILE D 84 6.17 72.70 -8.32
CA ILE D 84 5.74 71.32 -8.49
C ILE D 84 4.84 70.85 -7.37
N PHE D 85 4.86 71.52 -6.22
CA PHE D 85 4.15 71.06 -5.03
C PHE D 85 2.72 71.56 -5.05
N ARG D 86 1.81 70.76 -4.53
CA ARG D 86 0.42 71.21 -4.45
C ARG D 86 0.35 72.41 -3.51
N PRO D 87 -0.18 73.55 -3.95
CA PRO D 87 -0.17 74.74 -3.09
C PRO D 87 -0.94 74.51 -1.80
N ASP D 88 -1.97 73.67 -1.86
CA ASP D 88 -2.78 73.39 -0.69
C ASP D 88 -2.03 72.59 0.38
N ASN D 89 -0.88 71.99 0.06
CA ASN D 89 -0.08 71.25 1.03
C ASN D 89 0.95 72.10 1.74
N PHE D 90 0.91 73.43 1.55
CA PHE D 90 1.80 74.35 2.25
C PHE D 90 1.06 74.84 3.49
N VAL D 91 1.49 74.39 4.66
CA VAL D 91 0.85 74.77 5.93
C VAL D 91 1.90 75.49 6.76
N PHE D 92 1.77 76.81 6.86
CA PHE D 92 2.73 77.64 7.56
C PHE D 92 2.02 78.59 8.52
N GLY D 93 2.69 78.90 9.63
CA GLY D 93 2.26 79.91 10.58
C GLY D 93 2.95 81.25 10.34
N GLN D 94 2.86 82.12 11.35
CA GLN D 94 3.43 83.47 11.22
C GLN D 94 4.52 83.79 12.22
N SER D 95 4.46 83.24 13.43
CA SER D 95 5.56 83.33 14.36
C SER D 95 6.44 82.10 14.19
N GLY D 96 7.75 82.30 14.22
CA GLY D 96 8.65 81.16 14.17
C GLY D 96 8.58 80.32 15.44
N ALA D 97 9.64 79.59 15.75
CA ALA D 97 9.70 78.84 17.00
C ALA D 97 10.84 79.27 17.90
N GLY D 98 11.62 80.29 17.50
CA GLY D 98 12.75 80.79 18.27
C GLY D 98 13.76 79.73 18.65
N ASN D 99 14.01 78.75 17.77
CA ASN D 99 14.84 77.60 18.09
C ASN D 99 14.46 76.98 19.42
N ASN D 100 13.19 77.08 19.80
CA ASN D 100 12.72 76.57 21.09
C ASN D 100 11.79 75.37 20.87
N TRP D 101 12.28 74.16 21.17
CA TRP D 101 11.50 72.93 21.04
C TRP D 101 10.11 73.04 21.65
N ALA D 102 9.99 73.65 22.83
CA ALA D 102 8.69 73.73 23.51
C ALA D 102 7.70 74.58 22.71
N LYS D 103 8.16 75.64 22.08
CA LYS D 103 7.28 76.36 21.16
C LYS D 103 6.81 75.45 20.05
N GLY D 104 7.69 74.60 19.53
CA GLY D 104 7.30 73.69 18.47
C GLY D 104 6.35 72.63 18.96
N HIS D 105 6.60 72.08 20.14
CA HIS D 105 5.86 70.91 20.58
C HIS D 105 4.55 71.25 21.28
N TYR D 106 4.56 72.28 22.13
CA TYR D 106 3.50 72.52 23.10
C TYR D 106 2.63 73.72 22.82
N THR D 107 3.17 74.81 22.28
CA THR D 107 2.41 76.06 22.22
C THR D 107 2.16 76.40 20.77
N GLU D 108 3.03 77.17 20.11
CA GLU D 108 2.76 77.61 18.74
C GLU D 108 2.56 76.44 17.81
N GLY D 109 3.39 75.40 17.94
CA GLY D 109 3.27 74.25 17.08
C GLY D 109 1.96 73.49 17.25
N ALA D 110 1.41 73.48 18.47
CA ALA D 110 0.17 72.73 18.69
C ALA D 110 -1.03 73.43 18.04
N GLU D 111 -0.98 74.75 17.90
CA GLU D 111 -2.07 75.47 17.26
C GLU D 111 -2.13 75.19 15.77
N LEU D 112 -0.99 74.96 15.14
CA LEU D 112 -0.94 74.71 13.71
C LEU D 112 -1.07 73.23 13.34
N VAL D 113 -0.94 72.31 14.31
CA VAL D 113 -0.83 70.89 13.98
C VAL D 113 -2.16 70.28 13.49
N ASP D 114 -3.30 70.86 13.86
CA ASP D 114 -4.57 70.33 13.33
C ASP D 114 -4.66 70.53 11.82
N SER D 115 -4.15 71.64 11.32
CA SER D 115 -4.25 71.90 9.89
C SER D 115 -3.34 70.99 9.10
N VAL D 116 -2.20 70.58 9.65
CA VAL D 116 -1.34 69.72 8.86
C VAL D 116 -1.90 68.30 8.86
N LEU D 117 -2.53 67.87 9.94
CA LEU D 117 -3.23 66.58 9.96
C LEU D 117 -4.38 66.53 8.98
N ASP D 118 -5.04 67.67 8.72
CA ASP D 118 -6.04 67.71 7.66
C ASP D 118 -5.42 67.32 6.32
N VAL D 119 -4.30 67.93 5.97
CA VAL D 119 -3.63 67.61 4.70
C VAL D 119 -3.18 66.15 4.69
N VAL D 120 -2.60 65.68 5.78
CA VAL D 120 -2.12 64.30 5.84
C VAL D 120 -3.27 63.33 5.64
N ARG D 121 -4.40 63.59 6.30
CA ARG D 121 -5.56 62.71 6.11
C ARG D 121 -6.02 62.73 4.66
N LYS D 122 -5.91 63.87 3.99
CA LYS D 122 -6.38 63.92 2.61
C LYS D 122 -5.42 63.21 1.66
N GLU D 123 -4.11 63.34 1.87
CA GLU D 123 -3.17 62.68 0.97
C GLU D 123 -3.16 61.17 1.17
N SER D 124 -3.37 60.72 2.40
CA SER D 124 -3.23 59.30 2.69
C SER D 124 -4.48 58.50 2.32
N GLU D 125 -5.67 59.10 2.43
CA GLU D 125 -6.88 58.44 1.98
C GLU D 125 -7.07 58.52 0.47
N SER D 126 -6.19 59.22 -0.24
CA SER D 126 -6.13 59.09 -1.69
C SER D 126 -5.31 57.88 -2.12
N CYS D 127 -4.62 57.23 -1.17
CA CYS D 127 -3.77 56.09 -1.46
C CYS D 127 -4.57 54.80 -1.43
N ASP D 128 -4.13 53.83 -2.23
CA ASP D 128 -4.79 52.54 -2.18
C ASP D 128 -4.22 51.64 -1.10
N CYS D 129 -2.93 51.75 -0.80
CA CYS D 129 -2.39 51.07 0.37
C CYS D 129 -1.17 51.85 0.85
N LEU D 130 -1.39 52.69 1.86
CA LEU D 130 -0.33 53.50 2.45
C LEU D 130 0.74 52.62 3.07
N GLN D 131 1.93 52.62 2.49
CA GLN D 131 3.12 52.11 3.16
C GLN D 131 3.34 52.81 4.51
N GLY D 132 3.67 54.10 4.46
CA GLY D 132 3.90 54.85 5.67
C GLY D 132 4.32 56.29 5.45
N PHE D 133 5.06 56.84 6.40
CA PHE D 133 5.37 58.27 6.39
C PHE D 133 6.87 58.45 6.48
N GLN D 134 7.39 59.46 5.81
CA GLN D 134 8.74 59.88 6.11
C GLN D 134 8.75 61.37 6.37
N LEU D 135 9.53 61.75 7.38
CA LEU D 135 9.64 63.11 7.87
C LEU D 135 11.09 63.54 7.76
N THR D 136 11.33 64.71 7.15
CA THR D 136 12.63 65.37 7.16
C THR D 136 12.57 66.58 8.09
N HIS D 137 13.55 66.68 8.98
CA HIS D 137 13.57 67.73 9.99
C HIS D 137 14.93 67.74 10.67
N SER D 138 15.23 68.86 11.32
CA SER D 138 16.38 68.95 12.21
C SER D 138 15.94 68.73 13.63
N LEU D 139 16.89 68.35 14.44
CA LEU D 139 16.68 68.14 15.86
C LEU D 139 17.16 69.30 16.72
N GLY D 140 17.85 70.28 16.12
CA GLY D 140 18.41 71.35 16.92
C GLY D 140 17.54 72.59 16.99
N GLY D 141 16.59 72.73 16.06
CA GLY D 141 15.73 73.89 15.98
C GLY D 141 14.56 73.76 16.92
N GLY D 142 13.44 74.41 16.55
CA GLY D 142 12.22 74.29 17.33
C GLY D 142 11.04 73.73 16.57
N THR D 143 10.94 74.02 15.27
CA THR D 143 9.81 73.54 14.49
C THR D 143 10.01 72.10 14.05
N GLY D 144 11.14 71.80 13.40
CA GLY D 144 11.40 70.43 13.00
C GLY D 144 11.48 69.49 14.19
N SER D 145 12.19 69.91 15.24
CA SER D 145 12.36 69.02 16.39
C SER D 145 11.07 68.93 17.21
N GLY D 146 10.57 70.06 17.69
CA GLY D 146 9.42 70.07 18.58
C GLY D 146 8.11 69.80 17.88
N MET D 147 7.78 70.61 16.87
CA MET D 147 6.54 70.36 16.15
C MET D 147 6.63 69.09 15.31
N GLY D 148 7.82 68.76 14.81
CA GLY D 148 7.99 67.52 14.07
C GLY D 148 7.69 66.28 14.90
N THR D 149 8.23 66.21 16.13
CA THR D 149 7.93 65.05 16.98
C THR D 149 6.49 65.07 17.48
N LEU D 150 5.86 66.24 17.56
CA LEU D 150 4.45 66.28 17.91
C LEU D 150 3.61 65.70 16.78
N LEU D 151 3.91 66.12 15.54
CA LEU D 151 3.27 65.56 14.36
C LEU D 151 3.40 64.03 14.32
N ILE D 152 4.59 63.51 14.59
CA ILE D 152 4.78 62.06 14.61
C ILE D 152 3.83 61.41 15.60
N SER D 153 3.80 61.93 16.84
CA SER D 153 2.92 61.40 17.86
C SER D 153 1.45 61.41 17.41
N LYS D 154 1.01 62.50 16.76
CA LYS D 154 -0.38 62.60 16.33
C LYS D 154 -0.67 61.65 15.16
N ILE D 155 0.29 61.49 14.25
CA ILE D 155 0.13 60.51 13.17
C ILE D 155 0.14 59.09 13.72
N ARG D 156 0.89 58.85 14.78
CA ARG D 156 0.83 57.57 15.48
C ARG D 156 -0.60 57.25 15.90
N GLU D 157 -1.28 58.21 16.54
CA GLU D 157 -2.64 57.98 17.01
C GLU D 157 -3.55 57.53 15.89
N GLU D 158 -3.52 58.23 14.75
CA GLU D 158 -4.46 57.98 13.67
C GLU D 158 -4.05 56.80 12.77
N TYR D 159 -2.76 56.54 12.60
CA TYR D 159 -2.28 55.48 11.72
C TYR D 159 -1.34 54.57 12.48
N PRO D 160 -1.84 53.88 13.51
CA PRO D 160 -0.92 53.14 14.39
C PRO D 160 -0.31 51.92 13.75
N ASP D 161 -0.92 51.35 12.71
CA ASP D 161 -0.35 50.22 11.97
C ASP D 161 0.49 50.65 10.78
N ARG D 162 0.93 51.91 10.72
CA ARG D 162 1.70 52.41 9.59
C ARG D 162 3.13 52.67 10.02
N ILE D 163 4.04 52.54 9.08
CA ILE D 163 5.45 52.72 9.39
C ILE D 163 5.76 54.21 9.44
N MET D 164 6.63 54.57 10.38
CA MET D 164 7.09 55.95 10.55
C MET D 164 8.61 55.99 10.45
N ASN D 165 9.10 56.86 9.58
CA ASN D 165 10.48 56.94 9.15
C ASN D 165 10.91 58.39 9.23
N THR D 166 12.07 58.67 9.85
CA THR D 166 12.57 60.04 9.86
C THR D 166 13.98 60.14 9.31
N PHE D 167 14.24 61.25 8.66
CA PHE D 167 15.58 61.71 8.29
C PHE D 167 15.86 62.88 9.23
N SER D 168 16.68 62.65 10.26
CA SER D 168 16.83 63.57 11.37
C SER D 168 18.24 64.14 11.38
N VAL D 169 18.36 65.45 11.27
CA VAL D 169 19.66 66.14 11.25
C VAL D 169 20.00 66.55 12.67
N MET D 170 21.15 66.04 13.20
CA MET D 170 21.75 66.23 14.52
C MET D 170 22.64 67.47 14.52
N PRO D 171 22.46 68.29 15.54
CA PRO D 171 23.22 69.53 15.64
C PRO D 171 24.68 69.27 15.93
N SER D 172 25.47 70.32 15.72
CA SER D 172 26.88 70.33 16.00
C SER D 172 27.35 71.76 16.25
N PRO D 173 28.20 71.98 17.24
CA PRO D 173 28.80 73.31 17.42
C PRO D 173 29.63 73.79 16.21
N LYS D 174 30.14 72.88 15.39
CA LYS D 174 30.89 73.30 14.20
C LYS D 174 30.01 74.05 13.21
N VAL D 175 28.72 73.72 13.16
CA VAL D 175 27.83 74.29 12.17
C VAL D 175 26.97 75.41 12.74
N SER D 176 26.28 75.17 13.85
CA SER D 176 25.42 76.19 14.43
C SER D 176 25.88 76.60 15.82
N ASP D 177 25.65 77.87 16.14
CA ASP D 177 26.09 78.48 17.39
C ASP D 177 25.00 78.51 18.45
N THR D 178 23.77 78.10 18.12
CA THR D 178 22.65 78.26 19.04
C THR D 178 22.84 77.30 20.20
N VAL D 179 23.05 77.85 21.39
CA VAL D 179 23.58 77.03 22.48
C VAL D 179 22.58 76.02 23.00
N VAL D 180 21.30 76.15 22.68
CA VAL D 180 20.29 75.25 23.23
C VAL D 180 20.01 74.09 22.30
N GLU D 181 20.77 73.96 21.21
CA GLU D 181 20.57 72.80 20.34
C GLU D 181 20.73 71.46 21.06
N PRO D 182 21.65 71.27 22.01
CA PRO D 182 21.63 70.00 22.77
C PRO D 182 20.33 69.75 23.53
N TYR D 183 19.69 70.80 24.06
CA TYR D 183 18.40 70.61 24.73
C TYR D 183 17.34 70.14 23.74
N ASN D 184 17.20 70.85 22.62
CA ASN D 184 16.20 70.49 21.63
C ASN D 184 16.45 69.08 21.09
N ALA D 185 17.71 68.73 20.83
CA ALA D 185 17.99 67.41 20.30
C ALA D 185 17.68 66.33 21.32
N THR D 186 17.97 66.58 22.59
CA THR D 186 17.72 65.57 23.61
C THR D 186 16.22 65.38 23.83
N LEU D 187 15.45 66.47 23.84
CA LEU D 187 14.00 66.31 23.95
C LEU D 187 13.45 65.58 22.74
N SER D 188 13.95 65.90 21.54
CA SER D 188 13.48 65.26 20.33
C SER D 188 13.80 63.78 20.30
N VAL D 189 15.02 63.40 20.72
CA VAL D 189 15.41 62.00 20.65
C VAL D 189 14.54 61.16 21.57
N HIS D 190 14.24 61.70 22.75
CA HIS D 190 13.23 61.13 23.62
C HIS D 190 12.01 60.69 22.82
N GLN D 191 11.39 61.62 22.09
CA GLN D 191 10.19 61.28 21.32
C GLN D 191 10.50 60.23 20.26
N LEU D 192 11.60 60.40 19.53
CA LEU D 192 11.92 59.51 18.42
C LEU D 192 12.11 58.07 18.88
N VAL D 193 12.80 57.87 20.01
CA VAL D 193 13.00 56.54 20.60
C VAL D 193 11.67 55.83 20.75
N GLU D 194 10.65 56.56 21.18
CA GLU D 194 9.36 55.94 21.50
C GLU D 194 8.51 55.69 20.26
N ASN D 195 8.50 56.62 19.28
CA ASN D 195 7.40 56.73 18.34
C ASN D 195 7.77 56.62 16.85
N THR D 196 9.02 56.33 16.49
CA THR D 196 9.31 56.04 15.09
C THR D 196 9.89 54.64 14.92
N ASP D 197 9.79 54.13 13.70
CA ASP D 197 10.24 52.77 13.39
C ASP D 197 11.68 52.73 12.89
N GLU D 198 12.09 53.70 12.07
CA GLU D 198 13.47 53.78 11.58
C GLU D 198 13.83 55.24 11.45
N THR D 199 14.98 55.62 11.99
CA THR D 199 15.47 56.99 11.91
C THR D 199 16.86 56.96 11.32
N TYR D 200 17.05 57.71 10.25
CA TYR D 200 18.38 57.89 9.70
C TYR D 200 19.02 59.08 10.41
N CYS D 201 20.17 58.85 11.03
CA CYS D 201 20.88 59.90 11.75
C CYS D 201 21.84 60.59 10.79
N ILE D 202 21.55 61.83 10.48
CA ILE D 202 22.36 62.68 9.64
C ILE D 202 23.01 63.69 10.57
N ASP D 203 24.31 63.56 10.78
CA ASP D 203 25.01 64.36 11.77
C ASP D 203 25.69 65.55 11.07
N ASN D 204 25.27 66.76 11.43
CA ASN D 204 25.92 67.96 10.89
C ASN D 204 27.40 68.00 11.24
N GLU D 205 27.80 67.35 12.33
CA GLU D 205 29.22 67.25 12.65
C GLU D 205 29.97 66.46 11.58
N ALA D 206 29.44 65.29 11.23
CA ALA D 206 30.09 64.50 10.19
C ALA D 206 30.01 65.20 8.84
N LEU D 207 28.90 65.89 8.56
CA LEU D 207 28.78 66.58 7.28
C LEU D 207 29.79 67.71 7.19
N TYR D 208 29.94 68.47 8.27
CA TYR D 208 30.97 69.51 8.32
C TYR D 208 32.36 68.91 8.09
N ASP D 209 32.72 67.88 8.87
CA ASP D 209 34.06 67.29 8.76
C ASP D 209 34.33 66.78 7.36
N ILE D 210 33.33 66.12 6.74
CA ILE D 210 33.51 65.65 5.37
C ILE D 210 33.84 66.80 4.43
N CYS D 211 33.07 67.90 4.52
CA CYS D 211 33.31 69.04 3.65
C CYS D 211 34.65 69.71 3.95
N PHE D 212 35.00 69.83 5.25
CA PHE D 212 36.22 70.54 5.61
C PHE D 212 37.46 69.68 5.43
N ARG D 213 37.43 68.43 5.91
CA ARG D 213 38.61 67.57 5.84
C ARG D 213 38.79 66.94 4.48
N THR D 214 37.71 66.45 3.87
CA THR D 214 37.85 65.70 2.63
C THR D 214 37.63 66.54 1.40
N LEU D 215 36.59 67.37 1.37
CA LEU D 215 36.32 68.23 0.23
C LEU D 215 37.10 69.54 0.28
N LYS D 216 37.85 69.79 1.35
CA LYS D 216 38.72 70.98 1.47
C LYS D 216 37.94 72.27 1.28
N LEU D 217 36.74 72.35 1.85
CA LEU D 217 35.94 73.57 1.82
C LEU D 217 36.16 74.31 3.12
N THR D 218 36.92 75.40 3.07
CA THR D 218 37.31 76.13 4.28
C THR D 218 36.10 76.53 5.13
N THR D 219 35.03 76.99 4.49
CA THR D 219 33.85 77.49 5.19
C THR D 219 32.60 76.88 4.56
N PRO D 220 32.30 75.63 4.87
CA PRO D 220 31.16 74.96 4.22
C PRO D 220 29.86 75.68 4.50
N THR D 221 28.93 75.60 3.56
CA THR D 221 27.61 76.16 3.73
C THR D 221 26.61 75.04 3.78
N TYR D 222 25.39 75.37 4.21
CA TYR D 222 24.28 74.43 4.17
C TYR D 222 24.14 73.78 2.79
N GLY D 223 24.41 74.53 1.73
CA GLY D 223 24.37 73.94 0.39
C GLY D 223 25.38 72.81 0.21
N ASP D 224 26.63 73.04 0.64
CA ASP D 224 27.63 71.98 0.67
C ASP D 224 27.16 70.79 1.48
N LEU D 225 26.65 71.03 2.69
CA LEU D 225 26.26 69.92 3.55
C LEU D 225 25.05 69.19 2.99
N ASN D 226 24.11 69.95 2.41
CA ASN D 226 22.90 69.33 1.89
C ASN D 226 23.18 68.51 0.65
N HIS D 227 24.28 68.78 -0.03
CA HIS D 227 24.64 67.90 -1.13
C HIS D 227 24.83 66.48 -0.63
N LEU D 228 25.51 66.32 0.52
CA LEU D 228 25.75 64.97 1.04
C LEU D 228 24.49 64.36 1.61
N VAL D 229 23.58 65.17 2.15
CA VAL D 229 22.30 64.64 2.59
C VAL D 229 21.50 64.14 1.40
N SER D 230 21.44 64.94 0.33
CA SER D 230 20.59 64.59 -0.80
C SER D 230 21.09 63.32 -1.48
N ALA D 231 22.41 63.19 -1.66
CA ALA D 231 22.98 61.95 -2.18
C ALA D 231 22.56 60.75 -1.36
N THR D 232 22.56 60.89 -0.03
CA THR D 232 22.26 59.75 0.85
C THR D 232 20.79 59.38 0.78
N MET D 233 19.90 60.39 0.80
CA MET D 233 18.47 60.12 0.77
C MET D 233 18.06 59.46 -0.53
N SER D 234 18.59 59.96 -1.66
CA SER D 234 18.45 59.23 -2.91
C SER D 234 18.88 57.78 -2.76
N GLY D 235 20.01 57.55 -2.11
CA GLY D 235 20.56 56.20 -2.07
C GLY D 235 19.67 55.25 -1.28
N VAL D 236 19.27 55.66 -0.08
CA VAL D 236 18.53 54.76 0.80
C VAL D 236 17.10 54.51 0.33
N THR D 237 16.57 55.32 -0.57
CA THR D 237 15.22 55.14 -1.08
C THR D 237 15.21 54.48 -2.45
N THR D 238 16.40 54.16 -3.00
CA THR D 238 16.48 53.58 -4.33
C THR D 238 15.53 52.40 -4.52
N CYS D 239 15.55 51.41 -3.62
CA CYS D 239 14.76 50.18 -3.78
C CYS D 239 13.28 50.35 -3.47
N LEU D 240 12.87 51.45 -2.84
CA LEU D 240 11.45 51.79 -2.87
C LEU D 240 11.03 52.35 -4.21
N ARG D 241 11.96 53.03 -4.91
CA ARG D 241 11.61 53.82 -6.08
C ARG D 241 11.87 53.08 -7.37
N PHE D 242 12.81 52.14 -7.38
CA PHE D 242 13.14 51.50 -8.62
C PHE D 242 12.91 50.00 -8.54
N PRO D 243 12.22 49.42 -9.52
CA PRO D 243 12.12 47.96 -9.59
C PRO D 243 13.50 47.34 -9.73
N GLY D 244 13.83 46.45 -8.80
CA GLY D 244 15.03 45.65 -8.90
C GLY D 244 14.74 44.23 -8.48
N GLN D 245 15.77 43.54 -7.95
CA GLN D 245 15.56 42.24 -7.33
C GLN D 245 14.60 42.33 -6.16
N LEU D 246 14.58 43.47 -5.47
CA LEU D 246 13.91 43.60 -4.19
C LEU D 246 12.41 43.75 -4.34
N ASN D 247 11.69 42.83 -3.69
CA ASN D 247 10.24 42.90 -3.57
C ASN D 247 9.87 43.43 -2.19
N ALA D 248 10.13 44.72 -1.95
CA ALA D 248 10.14 45.16 -0.56
C ALA D 248 9.77 46.63 -0.37
N ASP D 249 9.18 46.88 0.80
CA ASP D 249 8.63 48.11 1.30
C ASP D 249 9.35 48.51 2.60
N LEU D 250 8.87 49.59 3.23
CA LEU D 250 9.49 50.09 4.45
C LEU D 250 9.38 49.09 5.60
N ARG D 251 8.25 48.39 5.70
CA ARG D 251 8.07 47.48 6.82
C ARG D 251 9.02 46.29 6.72
N LYS D 252 9.24 45.77 5.51
CA LYS D 252 10.22 44.70 5.35
C LYS D 252 11.61 45.17 5.74
N LEU D 253 11.95 46.40 5.39
CA LEU D 253 13.23 46.97 5.82
C LEU D 253 13.32 47.03 7.35
N ALA D 254 12.28 47.56 8.00
CA ALA D 254 12.37 47.73 9.46
C ALA D 254 12.48 46.38 10.16
N VAL D 255 11.74 45.38 9.67
CA VAL D 255 11.74 44.05 10.28
C VAL D 255 13.13 43.46 10.30
N ASN D 256 13.88 43.62 9.21
CA ASN D 256 15.18 43.00 9.13
C ASN D 256 16.32 43.87 9.66
N MET D 257 16.09 45.18 9.86
CA MET D 257 17.18 46.04 10.31
C MET D 257 17.10 46.45 11.77
N VAL D 258 15.96 46.26 12.43
CA VAL D 258 15.76 46.75 13.79
C VAL D 258 15.47 45.55 14.68
N PRO D 259 16.48 45.01 15.35
CA PRO D 259 16.25 43.85 16.23
C PRO D 259 15.70 44.19 17.61
N PHE D 260 15.83 45.41 18.06
CA PHE D 260 15.25 45.76 19.34
C PHE D 260 14.52 47.09 19.15
N PRO D 261 13.35 47.25 19.72
CA PRO D 261 12.51 48.38 19.29
C PRO D 261 13.16 49.74 19.45
N ARG D 262 13.87 49.99 20.55
CA ARG D 262 14.50 51.29 20.73
C ARG D 262 15.72 51.51 19.84
N LEU D 263 16.37 50.44 19.40
CA LEU D 263 17.62 50.58 18.63
C LEU D 263 17.31 50.65 17.14
N HIS D 264 16.85 51.82 16.69
CA HIS D 264 16.46 51.97 15.30
C HIS D 264 17.08 53.19 14.66
N PHE D 265 18.22 53.62 15.18
CA PHE D 265 18.92 54.79 14.65
C PHE D 265 20.02 54.34 13.71
N PHE D 266 19.85 54.63 12.44
CA PHE D 266 20.75 54.12 11.42
C PHE D 266 21.86 55.11 11.14
N MET D 267 23.02 54.57 10.89
CA MET D 267 24.20 55.34 10.51
C MET D 267 24.34 55.24 8.99
N PRO D 268 23.94 56.25 8.23
CA PRO D 268 24.09 56.18 6.77
C PRO D 268 25.49 56.55 6.32
N GLY D 269 25.90 55.96 5.20
CA GLY D 269 27.20 56.25 4.62
C GLY D 269 27.09 56.29 3.11
N PHE D 270 28.05 56.98 2.48
CA PHE D 270 27.97 57.14 1.03
C PHE D 270 29.38 57.17 0.44
N ALA D 271 29.53 56.57 -0.73
CA ALA D 271 30.75 56.64 -1.50
C ALA D 271 30.35 56.73 -2.97
N PRO D 272 31.07 57.50 -3.77
CA PRO D 272 32.16 58.38 -3.34
C PRO D 272 31.63 59.69 -2.77
N LEU D 273 32.43 60.39 -2.00
CA LEU D 273 32.08 61.70 -1.50
C LEU D 273 32.49 62.71 -2.55
N THR D 274 31.59 63.63 -2.89
CA THR D 274 31.89 64.66 -3.87
C THR D 274 31.33 65.99 -3.38
N SER D 275 31.90 67.09 -3.88
CA SER D 275 31.28 68.38 -3.64
C SER D 275 30.28 68.67 -4.75
N ARG D 276 29.41 69.64 -4.49
CA ARG D 276 28.28 69.82 -5.37
C ARG D 276 28.70 70.48 -6.66
N GLY D 277 27.94 70.22 -7.71
CA GLY D 277 28.21 70.70 -9.05
C GLY D 277 29.66 70.56 -9.47
N SER D 278 30.24 69.37 -9.27
CA SER D 278 31.66 69.17 -9.54
C SER D 278 31.84 67.91 -10.36
N GLN D 279 32.39 68.07 -11.56
CA GLN D 279 32.68 66.95 -12.43
C GLN D 279 33.57 65.92 -11.75
N GLN D 280 33.14 64.67 -11.77
CA GLN D 280 33.98 63.58 -11.33
C GLN D 280 34.78 63.10 -12.53
N TYR D 281 36.11 63.07 -12.38
CA TYR D 281 36.98 62.63 -13.47
C TYR D 281 37.30 61.15 -13.42
N ARG D 282 36.78 60.41 -12.43
CA ARG D 282 37.02 58.96 -12.35
C ARG D 282 35.96 58.34 -11.47
N ALA D 283 35.24 57.34 -12.00
CA ALA D 283 34.36 56.53 -11.18
C ALA D 283 35.17 55.54 -10.35
N LEU D 284 34.66 55.21 -9.17
CA LEU D 284 35.39 54.25 -8.36
C LEU D 284 35.15 52.84 -8.89
N THR D 285 36.05 51.94 -8.53
CA THR D 285 35.86 50.52 -8.82
C THR D 285 35.11 49.87 -7.66
N VAL D 286 34.58 48.67 -7.93
CA VAL D 286 33.83 47.96 -6.91
C VAL D 286 34.64 47.73 -5.65
N PRO D 287 35.91 47.31 -5.72
CA PRO D 287 36.71 47.23 -4.49
C PRO D 287 36.78 48.56 -3.75
N GLU D 288 36.95 49.66 -4.47
CA GLU D 288 37.02 50.96 -3.82
C GLU D 288 35.70 51.27 -3.11
N LEU D 289 34.58 51.03 -3.78
CA LEU D 289 33.28 51.31 -3.18
C LEU D 289 33.08 50.53 -1.89
N THR D 290 33.30 49.22 -1.93
CA THR D 290 33.06 48.42 -0.73
C THR D 290 33.97 48.85 0.41
N GLN D 291 35.25 49.10 0.10
CA GLN D 291 36.18 49.55 1.13
C GLN D 291 35.75 50.89 1.71
N GLN D 292 35.62 51.91 0.84
CA GLN D 292 35.31 53.23 1.37
C GLN D 292 33.94 53.32 1.95
N MET D 293 33.20 52.23 2.10
CA MET D 293 31.86 52.28 2.67
C MET D 293 31.79 51.83 4.12
N PHE D 294 32.80 51.12 4.61
CA PHE D 294 32.95 50.85 6.02
C PHE D 294 34.07 51.69 6.62
N ASP D 295 34.45 52.76 5.92
CA ASP D 295 35.44 53.72 6.37
C ASP D 295 34.74 54.84 7.13
N SER D 296 35.27 55.20 8.29
CA SER D 296 34.61 56.20 9.13
C SER D 296 34.52 57.56 8.46
N LYS D 297 35.38 57.83 7.46
CA LYS D 297 35.33 59.08 6.72
C LYS D 297 34.12 59.19 5.81
N ASN D 298 33.48 58.08 5.46
CA ASN D 298 32.31 58.13 4.59
C ASN D 298 31.01 58.02 5.34
N MET D 299 31.04 58.01 6.67
CA MET D 299 29.82 58.00 7.46
C MET D 299 29.20 59.38 7.55
N MET D 300 27.87 59.42 7.53
CA MET D 300 27.08 60.62 7.78
C MET D 300 26.74 60.81 9.26
N ALA D 301 27.23 59.94 10.15
CA ALA D 301 27.12 60.14 11.60
C ALA D 301 28.53 60.13 12.18
N ALA D 302 28.81 61.04 13.11
CA ALA D 302 30.21 61.22 13.52
C ALA D 302 30.54 60.18 14.58
N CYS D 303 30.74 58.96 14.10
CA CYS D 303 31.08 57.81 14.91
C CYS D 303 32.02 56.94 14.11
N ASP D 304 33.08 56.45 14.74
CA ASP D 304 33.93 55.47 14.08
C ASP D 304 33.26 54.10 14.15
N PRO D 305 32.86 53.51 13.02
CA PRO D 305 32.24 52.17 13.09
C PRO D 305 33.14 51.17 13.79
N ARG D 306 34.45 51.24 13.57
CA ARG D 306 35.33 50.27 14.23
C ARG D 306 35.38 50.43 15.76
N HIS D 307 34.67 51.38 16.35
CA HIS D 307 34.54 51.48 17.79
C HIS D 307 33.35 50.68 18.29
N GLY D 308 32.65 50.00 17.40
CA GLY D 308 31.43 49.35 17.78
C GLY D 308 31.25 48.12 16.93
N ARG D 309 30.05 47.57 16.96
CA ARG D 309 29.72 46.38 16.22
C ARG D 309 28.43 46.64 15.45
N TYR D 310 28.39 46.14 14.23
CA TYR D 310 27.19 46.25 13.41
C TYR D 310 26.20 45.17 13.85
N LEU D 311 24.99 45.60 14.18
CA LEU D 311 23.88 44.66 14.32
C LEU D 311 23.40 44.20 12.95
N THR D 312 23.18 45.14 12.04
CA THR D 312 22.66 44.86 10.71
C THR D 312 23.24 45.89 9.75
N VAL D 313 23.42 45.49 8.49
CA VAL D 313 23.95 46.38 7.46
C VAL D 313 23.21 46.12 6.17
N ALA D 314 22.78 47.18 5.51
CA ALA D 314 22.23 47.13 4.17
C ALA D 314 23.11 47.98 3.27
N ALA D 315 23.57 47.39 2.18
CA ALA D 315 24.41 48.09 1.22
C ALA D 315 23.69 48.15 -0.12
N ILE D 316 23.61 49.35 -0.71
CA ILE D 316 22.97 49.56 -2.00
C ILE D 316 24.00 50.09 -2.98
N PHE D 317 24.25 49.34 -4.05
CA PHE D 317 25.16 49.75 -5.10
C PHE D 317 24.35 50.19 -6.30
N ARG D 318 24.77 51.29 -6.91
CA ARG D 318 24.07 51.82 -8.08
C ARG D 318 25.06 51.97 -9.23
N GLY D 319 24.62 51.56 -10.42
CA GLY D 319 25.44 51.62 -11.61
C GLY D 319 25.54 50.28 -12.30
N ARG D 320 26.19 50.30 -13.46
CA ARG D 320 26.46 49.09 -14.21
C ARG D 320 27.73 48.47 -13.64
N MET D 321 27.59 47.35 -12.91
CA MET D 321 28.73 46.68 -12.34
C MET D 321 28.42 45.20 -12.18
N SER D 322 29.47 44.39 -12.14
CA SER D 322 29.29 42.94 -12.05
C SER D 322 28.79 42.58 -10.66
N MET D 323 27.59 42.00 -10.60
CA MET D 323 27.12 41.46 -9.33
C MET D 323 28.00 40.30 -8.85
N LYS D 324 28.73 39.65 -9.77
CA LYS D 324 29.81 38.77 -9.36
C LYS D 324 30.79 39.50 -8.45
N GLU D 325 31.43 40.55 -9.00
CA GLU D 325 32.43 41.28 -8.24
C GLU D 325 31.86 41.98 -7.01
N VAL D 326 30.63 42.47 -7.07
CA VAL D 326 30.05 43.14 -5.90
C VAL D 326 29.88 42.16 -4.76
N ASP D 327 29.24 41.02 -5.02
CA ASP D 327 29.06 40.03 -3.97
C ASP D 327 30.40 39.42 -3.54
N GLU D 328 31.39 39.41 -4.42
CA GLU D 328 32.73 38.96 -4.04
C GLU D 328 33.32 39.87 -2.95
N GLN D 329 33.44 41.17 -3.24
CA GLN D 329 34.04 42.11 -2.29
C GLN D 329 33.27 42.14 -0.97
N MET D 330 31.94 42.16 -1.03
CA MET D 330 31.16 42.28 0.19
C MET D 330 31.43 41.13 1.15
N LEU D 331 31.70 39.94 0.62
CA LEU D 331 32.09 38.84 1.50
C LEU D 331 33.47 39.08 2.09
N ASN D 332 34.43 39.43 1.25
CA ASN D 332 35.78 39.81 1.68
C ASN D 332 35.72 40.74 2.90
N VAL D 333 35.09 41.91 2.71
CA VAL D 333 34.90 42.90 3.75
C VAL D 333 34.45 42.24 5.05
N GLN D 334 33.43 41.38 4.97
CA GLN D 334 32.91 40.75 6.17
C GLN D 334 33.93 39.80 6.79
N ASN D 335 34.61 39.00 5.96
CA ASN D 335 35.58 38.05 6.50
C ASN D 335 36.77 38.76 7.12
N LYS D 336 37.39 39.69 6.38
CA LYS D 336 38.54 40.41 6.92
C LYS D 336 38.20 41.14 8.20
N ASN D 337 36.94 41.55 8.37
CA ASN D 337 36.52 42.42 9.45
C ASN D 337 35.44 41.78 10.29
N SER D 338 35.59 40.48 10.57
CA SER D 338 34.54 39.72 11.25
C SER D 338 34.21 40.30 12.63
N SER D 339 35.23 40.74 13.36
CA SER D 339 35.07 41.20 14.74
C SER D 339 34.28 42.51 14.85
N TYR D 340 33.76 43.03 13.74
CA TYR D 340 32.90 44.21 13.79
C TYR D 340 31.42 43.90 13.53
N PHE D 341 31.08 42.64 13.25
CA PHE D 341 29.70 42.21 13.11
C PHE D 341 29.33 41.30 14.28
N VAL D 342 28.19 41.55 14.92
CA VAL D 342 27.76 40.63 15.97
C VAL D 342 27.54 39.26 15.36
N GLU D 343 28.05 38.24 16.05
CA GLU D 343 27.91 36.87 15.58
C GLU D 343 26.53 36.28 15.86
N TRP D 344 25.72 36.88 16.72
CA TRP D 344 24.41 36.31 17.06
C TRP D 344 23.27 36.85 16.19
N ILE D 345 23.57 37.50 15.09
CA ILE D 345 22.58 37.79 14.05
C ILE D 345 23.17 37.25 12.75
N PRO D 346 22.88 36.01 12.39
CA PRO D 346 23.50 35.41 11.19
C PRO D 346 23.10 36.14 9.93
N ASN D 347 24.05 36.25 9.00
CA ASN D 347 23.81 36.81 7.67
C ASN D 347 23.22 38.23 7.76
N ASN D 348 23.90 39.11 8.52
CA ASN D 348 23.30 40.38 8.88
C ASN D 348 23.78 41.55 8.01
N VAL D 349 24.37 41.25 6.85
CA VAL D 349 24.76 42.24 5.84
C VAL D 349 24.06 41.88 4.55
N LYS D 350 23.21 42.78 4.05
CA LYS D 350 22.52 42.52 2.80
C LYS D 350 22.87 43.57 1.76
N THR D 351 22.85 43.12 0.52
CA THR D 351 23.40 43.84 -0.61
C THR D 351 22.37 43.84 -1.72
N ALA D 352 22.06 45.04 -2.22
CA ALA D 352 21.21 45.21 -3.39
C ALA D 352 21.95 45.99 -4.46
N VAL D 353 21.64 45.71 -5.72
CA VAL D 353 22.26 46.38 -6.84
C VAL D 353 21.16 46.91 -7.73
N CYS D 354 21.15 48.22 -7.94
CA CYS D 354 20.26 48.88 -8.89
C CYS D 354 21.08 49.47 -10.05
N ASP D 355 20.69 49.12 -11.27
CA ASP D 355 21.44 49.53 -12.46
C ASP D 355 21.45 51.03 -12.67
N ILE D 356 20.49 51.77 -12.12
CA ILE D 356 20.39 53.21 -12.37
C ILE D 356 21.31 53.99 -11.44
N PRO D 357 22.40 54.56 -11.95
CA PRO D 357 23.32 55.35 -11.13
C PRO D 357 22.79 56.75 -10.91
N PRO D 358 23.23 57.43 -9.86
CA PRO D 358 22.76 58.81 -9.62
C PRO D 358 23.39 59.77 -10.59
N ARG D 359 22.82 60.98 -10.65
CA ARG D 359 23.32 61.96 -11.60
C ARG D 359 24.71 62.40 -11.20
N GLY D 360 25.65 62.30 -12.15
CA GLY D 360 27.02 62.73 -11.97
C GLY D 360 28.02 61.62 -11.69
N LEU D 361 27.54 60.42 -11.38
CA LEU D 361 28.41 59.31 -11.01
C LEU D 361 28.17 58.14 -11.96
N LYS D 362 29.25 57.50 -12.38
CA LYS D 362 29.09 56.22 -13.06
C LYS D 362 28.75 55.12 -12.05
N MET D 363 29.19 55.26 -10.79
CA MET D 363 28.96 54.24 -9.79
C MET D 363 28.98 54.83 -8.39
N SER D 364 28.06 54.37 -7.55
CA SER D 364 27.98 54.87 -6.18
C SER D 364 27.54 53.75 -5.25
N ALA D 365 27.61 54.03 -3.96
CA ALA D 365 27.20 53.06 -2.96
C ALA D 365 26.67 53.80 -1.75
N THR D 366 25.56 53.32 -1.22
CA THR D 366 24.96 53.85 -0.02
C THR D 366 24.92 52.74 1.01
N PHE D 367 25.19 53.11 2.25
CA PHE D 367 25.31 52.17 3.34
C PHE D 367 24.34 52.58 4.42
N ILE D 368 23.61 51.62 4.97
CA ILE D 368 22.70 51.82 6.09
C ILE D 368 23.16 50.85 7.17
N GLY D 369 23.76 51.38 8.22
CA GLY D 369 24.25 50.48 9.24
C GLY D 369 23.53 50.73 10.54
N ASN D 370 23.06 49.67 11.20
CA ASN D 370 22.59 49.76 12.58
C ASN D 370 23.75 49.30 13.45
N SER D 371 24.51 50.26 13.96
CA SER D 371 25.77 50.00 14.63
C SER D 371 25.72 50.48 16.06
N THR D 372 26.36 49.75 16.97
CA THR D 372 26.44 50.22 18.35
C THR D 372 27.36 51.45 18.48
N ALA D 373 28.22 51.71 17.50
CA ALA D 373 29.03 52.93 17.55
C ALA D 373 28.19 54.20 17.52
N ILE D 374 26.92 54.12 17.09
CA ILE D 374 26.09 55.32 17.06
C ILE D 374 25.92 55.89 18.46
N GLN D 375 26.21 55.10 19.50
CA GLN D 375 26.21 55.70 20.84
C GLN D 375 27.25 56.82 20.99
N GLU D 376 28.30 56.85 20.17
CA GLU D 376 29.23 57.97 20.28
C GLU D 376 28.54 59.28 19.95
N LEU D 377 27.52 59.23 19.09
CA LEU D 377 26.73 60.41 18.78
C LEU D 377 25.88 60.84 19.97
N PHE D 378 25.15 59.89 20.56
CA PHE D 378 24.22 60.23 21.64
C PHE D 378 24.94 60.71 22.88
N LYS D 379 26.11 60.11 23.18
CA LYS D 379 26.96 60.60 24.26
C LYS D 379 27.37 62.05 24.04
N ARG D 380 27.72 62.40 22.80
CA ARG D 380 28.20 63.75 22.52
C ARG D 380 27.10 64.78 22.77
N ILE D 381 25.87 64.45 22.33
CA ILE D 381 24.69 65.24 22.69
C ILE D 381 24.49 65.26 24.20
N SER D 382 24.68 64.12 24.84
CA SER D 382 24.36 64.04 26.25
C SER D 382 25.37 64.80 27.10
N GLU D 383 26.64 64.75 26.70
CA GLU D 383 27.67 65.58 27.33
C GLU D 383 27.38 67.06 27.19
N GLN D 384 27.04 67.51 25.96
CA GLN D 384 26.70 68.91 25.78
C GLN D 384 25.48 69.29 26.58
N PHE D 385 24.46 68.43 26.58
CA PHE D 385 23.26 68.68 27.37
C PHE D 385 23.61 68.87 28.85
N THR D 386 24.41 67.94 29.40
CA THR D 386 24.68 67.96 30.84
C THR D 386 25.48 69.20 31.23
N ALA D 387 26.38 69.64 30.36
CA ALA D 387 27.21 70.80 30.67
C ALA D 387 26.37 72.05 30.81
N MET D 388 25.25 72.13 30.08
CA MET D 388 24.33 73.24 30.24
C MET D 388 23.39 73.01 31.42
N PHE D 389 22.84 71.79 31.52
CA PHE D 389 21.81 71.53 32.51
C PHE D 389 22.34 71.58 33.93
N ARG D 390 23.60 71.19 34.14
CA ARG D 390 24.22 71.30 35.46
C ARG D 390 24.01 72.67 36.04
N ARG D 391 23.99 73.69 35.18
CA ARG D 391 23.89 75.08 35.59
C ARG D 391 22.53 75.69 35.31
N LYS D 392 21.57 74.91 34.81
CA LYS D 392 20.23 75.42 34.51
C LYS D 392 20.32 76.57 33.50
N ALA D 393 21.22 76.40 32.53
CA ALA D 393 21.44 77.43 31.52
C ALA D 393 20.27 77.49 30.55
N PHE D 394 19.69 78.68 30.40
CA PHE D 394 18.62 78.95 29.44
C PHE D 394 17.33 78.24 29.78
N LEU D 395 17.20 77.71 31.01
CA LEU D 395 16.00 76.94 31.30
C LEU D 395 14.73 77.79 31.18
N HIS D 396 14.84 79.10 31.42
CA HIS D 396 13.64 79.93 31.39
C HIS D 396 13.09 80.14 29.99
N TRP D 397 13.87 79.89 28.94
CA TRP D 397 13.29 79.84 27.61
C TRP D 397 12.23 78.74 27.53
N TYR D 398 12.44 77.63 28.26
CA TYR D 398 11.60 76.44 28.18
C TYR D 398 10.47 76.48 29.21
N THR D 399 10.77 76.77 30.48
CA THR D 399 9.71 76.92 31.47
C THR D 399 8.81 78.11 31.17
N GLY D 400 9.33 79.17 30.56
CA GLY D 400 8.45 80.25 30.13
C GLY D 400 7.37 79.79 29.17
N GLU D 401 7.57 78.64 28.54
CA GLU D 401 6.55 78.04 27.70
C GLU D 401 5.70 77.01 28.43
N GLY D 402 6.00 76.74 29.70
CA GLY D 402 5.21 75.83 30.51
C GLY D 402 5.84 74.49 30.83
N MET D 403 6.94 74.11 30.19
CA MET D 403 7.64 72.89 30.57
C MET D 403 8.14 72.99 32.01
N ASP D 404 8.55 71.84 32.56
CA ASP D 404 9.13 71.71 33.89
C ASP D 404 10.52 71.09 33.79
N GLU D 405 11.38 71.41 34.76
CA GLU D 405 12.69 70.77 34.86
C GLU D 405 12.61 69.27 34.69
N MET D 406 11.60 68.64 35.32
CA MET D 406 11.54 67.18 35.38
C MET D 406 11.51 66.57 33.99
N GLU D 407 10.82 67.22 33.06
CA GLU D 407 10.81 66.75 31.68
C GLU D 407 12.21 66.71 31.09
N PHE D 408 13.08 67.64 31.47
CA PHE D 408 14.47 67.61 31.03
C PHE D 408 15.21 66.43 31.65
N THR D 409 15.08 66.26 32.97
CA THR D 409 15.66 65.11 33.66
C THR D 409 15.27 63.78 33.01
N GLU D 410 14.00 63.65 32.61
CA GLU D 410 13.55 62.37 32.07
C GLU D 410 14.17 62.10 30.71
N ALA D 411 14.30 63.13 29.89
CA ALA D 411 14.85 62.94 28.55
C ALA D 411 16.34 62.63 28.63
N GLU D 412 17.06 63.27 29.57
CA GLU D 412 18.45 62.92 29.79
C GLU D 412 18.57 61.47 30.25
N SER D 413 17.76 61.06 31.24
CA SER D 413 17.67 59.66 31.67
C SER D 413 17.47 58.73 30.47
N ASN D 414 16.46 59.02 29.64
CA ASN D 414 16.11 58.14 28.56
C ASN D 414 17.26 58.01 27.57
N MET D 415 17.96 59.10 27.30
CA MET D 415 19.04 58.99 26.33
C MET D 415 20.24 58.26 26.93
N ASN D 416 20.57 58.51 28.20
CA ASN D 416 21.56 57.67 28.86
C ASN D 416 21.13 56.19 28.86
N ASP D 417 19.83 55.90 29.01
CA ASP D 417 19.38 54.51 28.89
C ASP D 417 19.67 53.96 27.51
N LEU D 418 19.47 54.78 26.48
CA LEU D 418 19.74 54.35 25.11
C LEU D 418 21.21 54.00 24.93
N VAL D 419 22.10 54.87 25.44
CA VAL D 419 23.53 54.60 25.39
C VAL D 419 23.85 53.31 26.11
N SER D 420 23.22 53.07 27.27
CA SER D 420 23.44 51.83 27.99
C SER D 420 23.03 50.60 27.18
N GLU D 421 21.95 50.69 26.39
CA GLU D 421 21.58 49.43 25.75
C GLU D 421 22.46 49.17 24.54
N TYR D 422 22.89 50.22 23.85
CA TYR D 422 23.83 50.05 22.75
C TYR D 422 25.09 49.37 23.24
N GLN D 423 25.54 49.71 24.44
CA GLN D 423 26.74 49.12 25.01
C GLN D 423 26.48 47.69 25.44
N GLN D 424 25.31 47.42 26.03
CA GLN D 424 24.95 46.04 26.36
C GLN D 424 25.06 45.13 25.15
N TYR D 425 24.58 45.55 23.98
CA TYR D 425 24.65 44.62 22.85
C TYR D 425 26.01 44.63 22.17
N GLN D 426 26.75 45.73 22.28
CA GLN D 426 28.12 45.76 21.81
C GLN D 426 28.98 44.73 22.54
N ASP D 427 28.73 44.54 23.83
CA ASP D 427 29.49 43.63 24.69
C ASP D 427 28.95 42.20 24.72
N ALA D 428 27.86 41.89 23.99
CA ALA D 428 27.25 40.57 24.06
C ALA D 428 27.98 39.57 23.16
N THR D 429 28.16 38.36 23.68
CA THR D 429 28.72 37.25 22.92
C THR D 429 27.63 36.25 22.60
N ALA D 430 27.92 35.39 21.63
CA ALA D 430 27.02 34.28 21.34
C ALA D 430 27.13 33.16 22.37
N ASP D 431 28.07 33.26 23.31
CA ASP D 431 28.20 32.28 24.39
C ASP D 431 27.21 32.56 25.51
N GLU E 5 -15.32 -90.95 2.67
CA GLU E 5 -16.75 -91.27 2.72
C GLU E 5 -17.65 -90.25 1.97
N VAL E 6 -18.31 -90.72 0.90
CA VAL E 6 -19.22 -89.94 0.06
C VAL E 6 -20.63 -90.00 0.64
N ILE E 7 -21.41 -88.95 0.41
CA ILE E 7 -22.82 -88.92 0.77
C ILE E 7 -23.56 -88.07 -0.26
N GLU E 8 -24.48 -88.67 -1.01
CA GLU E 8 -25.20 -87.95 -2.06
C GLU E 8 -26.16 -86.94 -1.44
N LEU E 9 -26.21 -85.73 -2.04
CA LEU E 9 -26.98 -84.62 -1.49
C LEU E 9 -28.21 -84.28 -2.33
N ASN E 10 -28.02 -83.94 -3.61
CA ASN E 10 -29.14 -83.60 -4.47
C ASN E 10 -28.70 -83.70 -5.92
N LYS E 11 -29.67 -83.92 -6.80
CA LYS E 11 -29.45 -83.88 -8.24
C LYS E 11 -30.53 -83.00 -8.84
N ALA E 12 -30.23 -82.42 -10.01
CA ALA E 12 -31.14 -81.48 -10.64
C ALA E 12 -30.84 -81.44 -12.14
N THR E 13 -31.49 -80.52 -12.85
CA THR E 13 -31.30 -80.42 -14.30
C THR E 13 -29.86 -80.07 -14.64
N SER E 14 -29.33 -79.02 -14.00
CA SER E 14 -28.05 -78.44 -14.36
C SER E 14 -26.98 -78.72 -13.31
N GLY E 15 -27.11 -79.80 -12.55
CA GLY E 15 -26.03 -80.18 -11.66
C GLY E 15 -26.49 -81.17 -10.60
N GLN E 16 -25.49 -81.69 -9.89
CA GLN E 16 -25.71 -82.53 -8.72
C GLN E 16 -24.74 -82.10 -7.63
N SER E 17 -25.11 -82.38 -6.39
CA SER E 17 -24.27 -82.03 -5.26
C SER E 17 -24.16 -83.22 -4.32
N TRP E 18 -23.00 -83.39 -3.71
CA TRP E 18 -22.79 -84.42 -2.69
C TRP E 18 -21.88 -83.86 -1.61
N GLU E 19 -21.54 -84.71 -0.65
CA GLU E 19 -20.66 -84.34 0.45
C GLU E 19 -19.61 -85.43 0.64
N VAL E 20 -18.39 -85.01 0.93
CA VAL E 20 -17.28 -85.91 1.20
C VAL E 20 -16.81 -85.62 2.62
N ILE E 21 -16.68 -86.67 3.42
CA ILE E 21 -16.32 -86.56 4.82
C ILE E 21 -15.11 -87.46 5.06
N LEU E 22 -14.03 -86.88 5.57
CA LEU E 22 -12.77 -87.61 5.77
C LEU E 22 -12.62 -88.07 7.21
N LYS E 23 -12.60 -87.14 8.14
CA LYS E 23 -12.62 -87.36 9.57
C LYS E 23 -13.85 -86.70 10.17
N PRO E 24 -14.52 -87.34 11.13
CA PRO E 24 -15.66 -86.68 11.80
C PRO E 24 -15.17 -85.74 12.88
N PRO E 25 -16.03 -84.86 13.40
CA PRO E 25 -15.56 -83.88 14.39
C PRO E 25 -15.04 -84.55 15.65
N SER E 26 -13.87 -84.09 16.12
CA SER E 26 -13.34 -84.59 17.38
C SER E 26 -14.25 -84.26 18.55
N PHE E 27 -15.07 -83.22 18.42
CA PHE E 27 -15.92 -82.70 19.47
C PHE E 27 -17.36 -82.68 18.97
N ASP E 28 -18.28 -83.20 19.78
CA ASP E 28 -19.69 -83.29 19.40
C ASP E 28 -20.42 -81.99 19.66
N PRO E 43 -31.25 -52.11 14.84
CA PRO E 43 -32.23 -51.77 15.87
C PRO E 43 -33.64 -51.61 15.31
N SER E 44 -34.39 -50.66 15.86
CA SER E 44 -35.70 -50.29 15.34
C SER E 44 -35.57 -49.12 14.37
N LEU E 45 -36.64 -48.89 13.60
CA LEU E 45 -36.65 -47.75 12.69
C LEU E 45 -36.48 -46.44 13.46
N GLU E 46 -37.11 -46.33 14.63
CA GLU E 46 -36.99 -45.11 15.42
C GLU E 46 -35.60 -44.97 16.03
N GLU E 47 -34.98 -46.08 16.41
CA GLU E 47 -33.60 -46.01 16.88
C GLU E 47 -32.68 -45.53 15.78
N ILE E 48 -32.88 -46.03 14.56
CA ILE E 48 -32.09 -45.61 13.41
C ILE E 48 -32.28 -44.12 13.16
N GLN E 49 -33.52 -43.68 13.01
CA GLN E 49 -33.73 -42.28 12.69
C GLN E 49 -33.42 -41.37 13.88
N LYS E 50 -33.36 -41.92 15.09
CA LYS E 50 -32.91 -41.13 16.24
C LYS E 50 -31.44 -40.76 16.11
N LYS E 51 -30.61 -41.73 15.72
CA LYS E 51 -29.19 -41.45 15.58
C LYS E 51 -28.91 -40.53 14.40
N LEU E 52 -29.72 -40.61 13.33
CA LEU E 52 -29.50 -39.75 12.17
C LEU E 52 -29.96 -38.32 12.41
N GLU E 53 -31.05 -38.14 13.17
CA GLU E 53 -31.48 -36.79 13.47
C GLU E 53 -30.53 -36.13 14.45
N ALA E 54 -29.91 -36.92 15.34
CA ALA E 54 -28.93 -36.38 16.26
C ALA E 54 -27.68 -35.92 15.51
N ALA E 55 -27.21 -36.73 14.56
CA ALA E 55 -26.07 -36.32 13.74
C ALA E 55 -26.40 -35.09 12.92
N GLU E 56 -27.61 -35.03 12.37
CA GLU E 56 -28.03 -33.85 11.62
C GLU E 56 -28.06 -32.61 12.51
N GLU E 57 -28.46 -32.76 13.77
CA GLU E 57 -28.49 -31.60 14.63
C GLU E 57 -27.11 -31.21 15.16
N ARG E 58 -26.14 -32.12 15.10
CA ARG E 58 -24.76 -31.72 15.38
C ARG E 58 -24.15 -31.00 14.18
N ARG E 59 -24.45 -31.46 12.96
CA ARG E 59 -24.01 -30.73 11.77
C ARG E 59 -24.58 -29.30 11.75
N LYS E 60 -25.88 -29.15 12.01
CA LYS E 60 -26.48 -27.82 11.98
C LYS E 60 -26.00 -26.94 13.13
N TYR E 61 -25.59 -27.52 14.25
CA TYR E 61 -25.09 -26.71 15.36
C TYR E 61 -23.69 -26.19 15.07
N GLN E 62 -22.83 -27.05 14.51
CA GLN E 62 -21.52 -26.57 14.11
C GLN E 62 -21.66 -25.51 13.02
N GLU E 63 -22.61 -25.67 12.11
CA GLU E 63 -22.79 -24.64 11.10
C GLU E 63 -23.31 -23.35 11.72
N ALA E 64 -24.26 -23.45 12.65
CA ALA E 64 -24.70 -22.27 13.38
C ALA E 64 -23.52 -21.54 14.00
N GLU E 65 -22.59 -22.27 14.62
CA GLU E 65 -21.43 -21.66 15.28
C GLU E 65 -20.54 -20.92 14.29
N LEU E 66 -20.33 -21.51 13.12
CA LEU E 66 -19.49 -20.89 12.09
C LEU E 66 -20.11 -19.59 11.58
N LEU E 67 -21.40 -19.61 11.26
CA LEU E 67 -22.06 -18.38 10.83
C LEU E 67 -22.14 -17.36 11.95
N LYS E 68 -22.13 -17.80 13.21
CA LYS E 68 -22.08 -16.87 14.33
C LYS E 68 -20.74 -16.16 14.40
N HIS E 69 -19.63 -16.90 14.28
CA HIS E 69 -18.31 -16.28 14.30
C HIS E 69 -18.11 -15.38 13.08
N LEU E 70 -18.60 -15.81 11.91
CA LEU E 70 -18.53 -14.94 10.74
C LEU E 70 -19.34 -13.65 10.97
N ALA E 71 -20.51 -13.76 11.61
CA ALA E 71 -21.28 -12.59 11.98
C ALA E 71 -20.49 -11.69 12.94
N GLU E 72 -19.80 -12.29 13.90
CA GLU E 72 -18.98 -11.51 14.80
C GLU E 72 -17.89 -10.78 14.05
N LYS E 73 -17.38 -11.36 12.97
CA LYS E 73 -16.37 -10.67 12.16
C LYS E 73 -16.98 -9.54 11.35
N ARG E 74 -18.22 -9.70 10.87
CA ARG E 74 -18.90 -8.59 10.20
C ARG E 74 -19.05 -7.40 11.15
N GLU E 75 -19.43 -7.67 12.41
CA GLU E 75 -19.59 -6.59 13.37
C GLU E 75 -18.26 -5.90 13.65
N HIS E 76 -17.18 -6.68 13.79
CA HIS E 76 -15.87 -6.07 13.99
C HIS E 76 -15.49 -5.19 12.81
N GLU E 77 -15.77 -5.66 11.59
CA GLU E 77 -15.39 -4.89 10.41
C GLU E 77 -16.10 -3.54 10.39
N ARG E 78 -17.39 -3.52 10.70
CA ARG E 78 -18.05 -2.21 10.67
C ARG E 78 -17.71 -1.38 11.90
N GLU E 79 -17.17 -1.99 12.97
CA GLU E 79 -16.64 -1.20 14.08
C GLU E 79 -15.31 -0.53 13.69
N VAL E 80 -14.47 -1.21 12.93
CA VAL E 80 -13.23 -0.61 12.46
C VAL E 80 -13.52 0.59 11.58
N ILE E 81 -14.49 0.44 10.66
CA ILE E 81 -14.84 1.51 9.74
C ILE E 81 -15.43 2.68 10.50
N GLN E 82 -16.21 2.41 11.55
CA GLN E 82 -16.74 3.48 12.37
C GLN E 82 -15.63 4.21 13.12
N LYS E 83 -14.64 3.46 13.61
CA LYS E 83 -13.57 4.05 14.39
C LYS E 83 -12.77 5.03 13.54
N ALA E 84 -12.50 4.66 12.29
CA ALA E 84 -11.78 5.55 11.38
C ALA E 84 -12.57 6.82 11.10
N ILE E 85 -13.90 6.71 11.07
CA ILE E 85 -14.75 7.90 10.92
C ILE E 85 -14.66 8.77 12.17
N GLU E 86 -14.76 8.16 13.35
CA GLU E 86 -14.68 8.94 14.58
C GLU E 86 -13.31 9.58 14.75
N GLU E 87 -12.24 8.85 14.39
CA GLU E 87 -10.90 9.43 14.49
C GLU E 87 -10.81 10.68 13.65
N ASN E 88 -11.33 10.64 12.42
CA ASN E 88 -11.29 11.80 11.53
C ASN E 88 -12.15 12.94 12.04
N ASN E 89 -13.29 12.66 12.66
CA ASN E 89 -14.11 13.75 13.20
C ASN E 89 -13.51 14.36 14.45
N ASN E 90 -12.82 13.57 15.27
CA ASN E 90 -12.14 14.12 16.43
C ASN E 90 -10.92 14.93 16.03
N PHE E 91 -10.32 14.62 14.88
CA PHE E 91 -9.19 15.40 14.41
C PHE E 91 -9.64 16.74 13.84
N ILE E 92 -10.83 16.78 13.24
CA ILE E 92 -11.44 18.04 12.81
C ILE E 92 -11.85 18.87 14.02
N LYS E 93 -12.48 18.23 15.02
CA LYS E 93 -12.96 18.97 16.18
C LYS E 93 -11.81 19.55 17.00
N MET E 94 -10.68 18.82 17.09
CA MET E 94 -9.52 19.33 17.82
C MET E 94 -8.87 20.49 17.06
N ALA E 95 -8.71 20.33 15.75
CA ALA E 95 -8.18 21.39 14.92
C ALA E 95 -9.02 22.65 15.00
N LYS E 96 -10.35 22.48 14.95
CA LYS E 96 -11.24 23.64 14.95
C LYS E 96 -11.10 24.45 16.23
N GLU E 97 -11.21 23.79 17.39
CA GLU E 97 -11.20 24.55 18.65
C GLU E 97 -9.81 25.07 18.99
N LYS E 98 -8.75 24.41 18.53
CA LYS E 98 -7.41 24.92 18.80
C LYS E 98 -7.09 26.13 17.93
N LEU E 99 -7.59 26.15 16.70
CA LEU E 99 -7.41 27.32 15.85
C LEU E 99 -8.22 28.50 16.37
N ALA E 100 -9.46 28.25 16.79
CA ALA E 100 -10.26 29.31 17.38
C ALA E 100 -9.57 29.92 18.60
N GLN E 101 -9.10 29.08 19.52
CA GLN E 101 -8.37 29.58 20.70
C GLN E 101 -7.15 30.39 20.29
N LYS E 102 -6.40 29.89 19.30
CA LYS E 102 -5.25 30.62 18.77
C LYS E 102 -5.68 31.96 18.17
N MET E 103 -6.67 31.96 17.28
CA MET E 103 -7.02 33.20 16.59
C MET E 103 -7.56 34.25 17.56
N GLU E 104 -8.32 33.83 18.56
CA GLU E 104 -8.85 34.81 19.48
C GLU E 104 -7.79 35.29 20.47
N SER E 105 -6.81 34.44 20.79
CA SER E 105 -5.73 34.85 21.67
C SER E 105 -4.84 35.91 21.01
N ASN E 106 -4.54 35.72 19.73
CA ASN E 106 -3.81 36.72 18.96
C ASN E 106 -4.58 38.03 18.88
N LYS E 107 -5.92 37.96 18.72
CA LYS E 107 -6.73 39.17 18.64
C LYS E 107 -6.72 39.94 19.94
N GLU E 108 -6.84 39.26 21.08
CA GLU E 108 -6.82 39.97 22.36
C GLU E 108 -5.45 40.60 22.64
N ASN E 109 -4.38 39.93 22.22
CA ASN E 109 -3.03 40.45 22.42
C ASN E 109 -2.78 41.67 21.54
N ARG E 110 -3.08 41.57 20.24
CA ARG E 110 -2.82 42.67 19.33
C ARG E 110 -3.69 43.87 19.65
N GLU E 111 -4.95 43.64 20.03
CA GLU E 111 -5.81 44.75 20.45
C GLU E 111 -5.30 45.38 21.75
N ALA E 112 -4.72 44.59 22.65
CA ALA E 112 -4.18 45.14 23.89
C ALA E 112 -2.94 46.01 23.62
N HIS E 113 -2.04 45.55 22.75
CA HIS E 113 -0.89 46.36 22.38
C HIS E 113 -1.34 47.71 21.83
N LEU E 114 -2.35 47.71 20.97
CA LEU E 114 -2.84 48.96 20.40
C LEU E 114 -3.51 49.83 21.47
N ALA E 115 -4.33 49.21 22.34
CA ALA E 115 -4.92 49.96 23.43
C ALA E 115 -3.86 50.62 24.30
N ALA E 116 -2.80 49.88 24.61
CA ALA E 116 -1.74 50.44 25.44
C ALA E 116 -1.02 51.58 24.70
N MET E 117 -0.69 51.35 23.43
CA MET E 117 -0.01 52.38 22.64
C MET E 117 -0.86 53.64 22.51
N LEU E 118 -2.17 53.48 22.34
CA LEU E 118 -3.01 54.67 22.22
C LEU E 118 -3.13 55.38 23.57
N GLU E 119 -3.22 54.61 24.66
CA GLU E 119 -3.31 55.24 25.97
C GLU E 119 -2.04 56.02 26.33
N ARG E 120 -0.86 55.54 25.93
CA ARG E 120 0.36 56.29 26.22
C ARG E 120 0.39 57.59 25.43
N LEU E 121 -0.07 57.56 24.18
CA LEU E 121 -0.12 58.78 23.38
C LEU E 121 -1.12 59.76 23.96
N GLN E 122 -2.26 59.26 24.43
CA GLN E 122 -3.26 60.15 25.00
C GLN E 122 -2.82 60.68 26.36
N GLU E 123 -2.02 59.93 27.12
CA GLU E 123 -1.49 60.49 28.35
C GLU E 123 -0.52 61.63 28.05
N LYS E 124 0.22 61.54 26.95
CA LYS E 124 1.07 62.64 26.53
C LYS E 124 0.24 63.87 26.16
N ASP E 125 -0.92 63.66 25.52
CA ASP E 125 -1.77 64.80 25.16
C ASP E 125 -2.32 65.49 26.41
N LYS E 126 -2.62 64.71 27.45
CA LYS E 126 -2.99 65.30 28.74
C LYS E 126 -1.86 66.18 29.26
N HIS E 127 -0.62 65.67 29.20
CA HIS E 127 0.52 66.45 29.65
C HIS E 127 0.67 67.76 28.87
N ALA E 128 0.46 67.70 27.54
CA ALA E 128 0.66 68.90 26.73
C ALA E 128 -0.36 69.97 27.06
N GLU E 129 -1.62 69.60 27.33
CA GLU E 129 -2.56 70.61 27.79
C GLU E 129 -2.16 71.15 29.16
N GLU E 130 -1.55 70.33 30.01
CA GLU E 130 -1.07 70.83 31.29
C GLU E 130 0.11 71.78 31.12
N VAL E 131 1.00 71.52 30.15
CA VAL E 131 2.06 72.47 29.85
C VAL E 131 1.47 73.79 29.40
N ARG E 132 0.41 73.74 28.59
CA ARG E 132 -0.20 74.98 28.08
C ARG E 132 -0.82 75.79 29.22
N LYS E 133 -1.62 75.13 30.06
CA LYS E 133 -2.27 75.84 31.17
C LYS E 133 -1.24 76.43 32.12
N ASN E 134 -0.17 75.68 32.39
CA ASN E 134 0.94 76.17 33.20
C ASN E 134 1.60 77.40 32.54
N LYS E 135 1.54 77.51 31.21
CA LYS E 135 2.07 78.69 30.55
C LYS E 135 1.21 79.91 30.82
N GLU E 136 -0.08 79.72 31.08
CA GLU E 136 -0.98 80.85 31.32
C GLU E 136 -0.86 81.38 32.74
N LEU E 137 -0.41 80.58 33.70
CA LEU E 137 -0.08 81.11 35.02
C LEU E 137 1.10 82.06 34.95
N LYS E 138 2.18 81.66 34.27
CA LYS E 138 3.32 82.55 34.04
C LYS E 138 2.98 83.65 33.02
#